data_1RV0
#
_entry.id   1RV0
#
_cell.length_a   202.040
_cell.length_b   82.940
_cell.length_c   176.880
_cell.angle_alpha   90.00
_cell.angle_beta   105.86
_cell.angle_gamma   90.00
#
_symmetry.space_group_name_H-M   'C 1 2 1'
#
loop_
_entity.id
_entity.type
_entity.pdbx_description
1 polymer hemagglutinin
2 polymer hemagglutinin
3 non-polymer 2-acetamido-2-deoxy-alpha-D-glucopyranose
4 non-polymer '2-DEOXY-2,3-DEHYDRO-N-ACETYL-NEURAMINIC ACID'
5 water water
#
loop_
_entity_poly.entity_id
_entity_poly.type
_entity_poly.pdbx_seq_one_letter_code
_entity_poly.pdbx_strand_id
1 'polypeptide(L)'
;ADADDTLCIGYHANNSTDTVDTVLEKNVTVTHSVNLLEDSHNGKLCRLGGIAPLQLGKCNIAGWLLGNPECDLLLTVSSW
SYIVETSNSDNGTCYPGDFIDYEELREQLSSVSSFEKFEIFPKTSSWPNHETTRGVTAACPYAGASSFYRNLLWLVKKGN
SYPKLSKSYVNNKGKEVLVLWGVHHPPTSTDQQSLYQNADAYVSVGSSKYDRRFTPEIAARPKVRGQAGRMNYYWTLLEP
GDTITFEATGNLVAPRYAFALNRGSGSGIITSDAPVHDCDTKCQTPHGAINSSLPFQNIHPVTIGECPKYVKSTKLRMAT
GLRNIPAR
;
H,J,L
2 'polypeptide(L)'
;GLFGAIAGFIEGGWTGLIDGWYGYHHQNEQGSGYAADQKSTQNAIDGITNKVNSVIEKMNTQFTAVGKEFNNLERRIKNL
NKKVDDGFLDVWTYNAELLVLLENERTLDFHDSNVKNLYEKARSQLRNNAKEIGNGCFEFYHKCDDACMESVRNGTYDYP
;
I,K,M
#
# COMPACT_ATOMS: atom_id res chain seq x y z
N ASP A 5 44.72 30.44 39.48
CA ASP A 5 43.62 30.75 38.53
C ASP A 5 42.99 29.47 37.99
N THR A 6 41.79 29.59 37.42
CA THR A 6 41.10 28.41 36.90
C THR A 6 40.29 28.64 35.61
N LEU A 7 40.29 27.61 34.76
CA LEU A 7 39.56 27.65 33.50
C LEU A 7 38.70 26.40 33.39
N CYS A 8 37.40 26.58 33.22
CA CYS A 8 36.49 25.45 33.12
C CYS A 8 35.83 25.31 31.74
N ILE A 9 35.45 24.09 31.40
CA ILE A 9 34.77 23.81 30.14
C ILE A 9 33.37 23.28 30.46
N GLY A 10 32.35 23.99 29.96
CA GLY A 10 30.99 23.59 30.22
C GLY A 10 30.04 23.76 29.06
N TYR A 11 28.74 23.55 29.33
CA TYR A 11 27.72 23.66 28.31
C TYR A 11 26.48 24.45 28.72
N HIS A 12 25.90 25.13 27.74
CA HIS A 12 24.71 25.97 27.91
C HIS A 12 23.53 25.37 28.69
N ALA A 13 22.66 26.25 29.16
CA ALA A 13 21.47 25.87 29.90
C ALA A 13 20.57 27.10 29.92
N ASN A 14 19.27 26.87 30.06
CA ASN A 14 18.31 27.96 30.08
C ASN A 14 17.04 27.55 30.80
N ASN A 15 15.99 28.37 30.67
CA ASN A 15 14.72 28.09 31.33
C ASN A 15 13.73 27.34 30.44
N SER A 16 14.25 26.56 29.49
CA SER A 16 13.40 25.80 28.57
C SER A 16 12.70 24.65 29.27
N THR A 17 11.46 24.41 28.88
CA THR A 17 10.66 23.34 29.45
C THR A 17 10.35 22.28 28.38
N ASP A 18 10.86 22.52 27.18
CA ASP A 18 10.67 21.61 26.05
C ASP A 18 11.10 20.18 26.43
N THR A 19 10.34 19.19 25.96
CA THR A 19 10.67 17.80 26.24
C THR A 19 10.54 16.97 24.98
N VAL A 20 11.41 15.98 24.85
CA VAL A 20 11.40 15.07 23.71
C VAL A 20 11.74 13.69 24.23
N ASP A 21 11.41 12.66 23.47
CA ASP A 21 11.71 11.32 23.90
C ASP A 21 12.79 10.70 23.03
N THR A 22 13.35 9.61 23.52
CA THR A 22 14.38 8.89 22.81
C THR A 22 14.11 7.43 23.09
N VAL A 23 14.86 6.56 22.43
CA VAL A 23 14.67 5.13 22.62
C VAL A 23 14.93 4.72 24.06
N LEU A 24 15.98 5.30 24.65
CA LEU A 24 16.42 4.99 26.01
C LEU A 24 15.69 5.72 27.13
N GLU A 25 15.44 7.02 26.93
CA GLU A 25 14.79 7.83 27.95
C GLU A 25 13.64 8.65 27.40
N LYS A 26 12.69 8.98 28.27
CA LYS A 26 11.53 9.76 27.88
C LYS A 26 11.41 11.04 28.71
N ASN A 27 10.70 12.02 28.17
CA ASN A 27 10.47 13.29 28.85
C ASN A 27 11.76 14.10 29.05
N VAL A 28 12.80 13.77 28.31
CA VAL A 28 14.06 14.49 28.45
C VAL A 28 13.90 15.97 28.10
N THR A 29 14.13 16.84 29.07
CA THR A 29 14.04 18.28 28.85
C THR A 29 15.29 18.72 28.10
N VAL A 30 15.09 19.51 27.04
CA VAL A 30 16.19 19.99 26.22
C VAL A 30 16.17 21.51 26.19
N THR A 31 17.21 22.13 25.65
CA THR A 31 17.30 23.58 25.60
C THR A 31 16.64 24.19 24.36
N HIS A 32 16.79 23.51 23.23
CA HIS A 32 16.19 24.00 21.99
C HIS A 32 15.54 22.85 21.23
N SER A 33 14.46 23.15 20.53
CA SER A 33 13.75 22.12 19.78
C SER A 33 12.79 22.75 18.80
N VAL A 34 12.43 21.99 17.77
CA VAL A 34 11.49 22.45 16.76
C VAL A 34 10.32 21.48 16.70
N ASN A 35 9.12 22.02 16.58
CA ASN A 35 7.93 21.19 16.48
C ASN A 35 7.73 20.94 14.99
N LEU A 36 7.46 19.68 14.62
CA LEU A 36 7.27 19.34 13.22
C LEU A 36 5.84 18.92 12.94
N LEU A 37 4.99 19.00 13.97
CA LEU A 37 3.60 18.59 13.85
C LEU A 37 2.57 19.72 13.93
N GLU A 38 2.06 20.10 12.76
CA GLU A 38 1.06 21.15 12.66
C GLU A 38 -0.26 20.59 13.20
N ASP A 39 -0.94 21.38 14.01
CA ASP A 39 -2.21 20.94 14.59
C ASP A 39 -3.22 22.05 14.62
N SER A 40 -2.91 23.16 13.94
CA SER A 40 -3.79 24.31 13.90
C SER A 40 -4.40 24.59 12.54
N HIS A 41 -5.67 24.96 12.54
CA HIS A 41 -6.38 25.30 11.32
C HIS A 41 -7.39 26.38 11.71
N ASN A 42 -7.75 27.23 10.74
CA ASN A 42 -8.70 28.31 11.00
C ASN A 42 -10.16 27.90 10.99
N GLY A 43 -10.42 26.60 10.90
CA GLY A 43 -11.80 26.11 10.89
C GLY A 43 -12.72 26.71 9.84
N LYS A 44 -12.16 27.11 8.71
CA LYS A 44 -12.97 27.70 7.65
C LYS A 44 -12.66 27.16 6.25
N LEU A 45 -13.68 27.10 5.41
CA LEU A 45 -13.51 26.62 4.04
C LEU A 45 -13.06 27.82 3.24
N CYS A 46 -11.80 27.83 2.85
CA CYS A 46 -11.26 28.94 2.09
C CYS A 46 -11.16 28.63 0.62
N ARG A 47 -10.71 29.60 -0.16
CA ARG A 47 -10.59 29.38 -1.58
C ARG A 47 -9.15 29.15 -1.97
N LEU A 48 -8.94 28.26 -2.93
CA LEU A 48 -7.63 27.93 -3.42
C LEU A 48 -7.46 28.63 -4.75
N GLY A 49 -6.22 28.93 -5.12
CA GLY A 49 -5.96 29.61 -6.37
C GLY A 49 -6.84 30.81 -6.59
N GLY A 50 -7.35 31.39 -5.50
CA GLY A 50 -8.19 32.55 -5.62
C GLY A 50 -9.59 32.25 -6.10
N ILE A 51 -9.93 30.98 -6.26
CA ILE A 51 -11.26 30.61 -6.71
C ILE A 51 -12.08 30.00 -5.59
N ALA A 52 -13.34 30.43 -5.48
CA ALA A 52 -14.23 29.95 -4.44
C ALA A 52 -14.63 28.48 -4.60
N PRO A 53 -14.96 27.82 -3.48
CA PRO A 53 -15.38 26.42 -3.54
C PRO A 53 -16.86 26.37 -3.89
N LEU A 54 -17.31 25.25 -4.43
CA LEU A 54 -18.71 25.13 -4.79
C LEU A 54 -19.45 24.52 -3.61
N GLN A 55 -20.31 25.30 -2.98
CA GLN A 55 -21.09 24.80 -1.86
C GLN A 55 -22.40 24.23 -2.38
N LEU A 56 -22.58 22.93 -2.19
CA LEU A 56 -23.79 22.26 -2.63
C LEU A 56 -24.89 22.42 -1.57
N GLY A 57 -24.47 22.75 -0.35
CA GLY A 57 -25.42 22.93 0.73
C GLY A 57 -26.30 21.70 0.96
N LYS A 58 -27.61 21.87 0.73
CA LYS A 58 -28.54 20.77 0.92
C LYS A 58 -28.67 19.85 -0.30
N CYS A 59 -27.90 20.13 -1.35
CA CYS A 59 -27.92 19.32 -2.56
C CYS A 59 -26.63 18.52 -2.66
N ASN A 60 -26.63 17.49 -3.50
CA ASN A 60 -25.43 16.70 -3.74
C ASN A 60 -25.14 16.71 -5.24
N ILE A 61 -24.06 16.05 -5.67
CA ILE A 61 -23.72 16.05 -7.09
C ILE A 61 -24.89 15.69 -8.00
N ALA A 62 -25.68 14.70 -7.62
CA ALA A 62 -26.82 14.29 -8.43
C ALA A 62 -27.83 15.42 -8.62
N GLY A 63 -28.27 16.01 -7.52
CA GLY A 63 -29.25 17.08 -7.60
C GLY A 63 -28.75 18.26 -8.39
N TRP A 64 -27.47 18.55 -8.23
CA TRP A 64 -26.83 19.66 -8.92
C TRP A 64 -26.78 19.45 -10.44
N LEU A 65 -26.14 18.37 -10.89
CA LEU A 65 -26.04 18.11 -12.32
C LEU A 65 -27.39 17.91 -13.01
N LEU A 66 -28.29 17.15 -12.38
CA LEU A 66 -29.60 16.93 -12.98
C LEU A 66 -30.46 18.19 -12.88
N GLY A 67 -30.20 19.01 -11.87
CA GLY A 67 -30.96 20.23 -11.70
C GLY A 67 -32.20 20.07 -10.82
N ASN A 68 -32.02 19.50 -9.64
CA ASN A 68 -33.11 19.28 -8.69
C ASN A 68 -33.74 20.65 -8.37
N PRO A 69 -35.07 20.75 -8.44
CA PRO A 69 -35.80 22.00 -8.18
C PRO A 69 -35.37 22.74 -6.91
N GLU A 70 -34.63 22.06 -6.04
CA GLU A 70 -34.16 22.69 -4.81
C GLU A 70 -32.72 23.15 -4.86
N CYS A 71 -32.11 23.08 -6.04
CA CYS A 71 -30.72 23.48 -6.19
C CYS A 71 -30.54 24.65 -7.14
N ASP A 72 -31.61 25.39 -7.39
CA ASP A 72 -31.54 26.53 -8.29
C ASP A 72 -30.43 27.51 -7.98
N LEU A 73 -29.97 27.58 -6.73
CA LEU A 73 -28.89 28.51 -6.40
C LEU A 73 -27.60 28.20 -7.17
N LEU A 74 -27.35 26.92 -7.38
CA LEU A 74 -26.15 26.46 -8.08
C LEU A 74 -26.16 26.72 -9.57
N LEU A 75 -27.36 26.88 -10.14
CA LEU A 75 -27.53 27.12 -11.57
C LEU A 75 -26.58 28.07 -12.27
N THR A 76 -26.15 29.14 -11.61
CA THR A 76 -25.26 30.11 -12.25
C THR A 76 -23.78 29.81 -12.09
N VAL A 77 -23.44 28.86 -11.22
CA VAL A 77 -22.05 28.52 -10.98
C VAL A 77 -21.42 27.72 -12.10
N SER A 78 -20.27 28.16 -12.60
CA SER A 78 -19.59 27.46 -13.67
C SER A 78 -18.10 27.18 -13.42
N SER A 79 -17.60 27.57 -12.25
CA SER A 79 -16.19 27.32 -11.92
C SER A 79 -16.02 27.21 -10.40
N TRP A 80 -15.09 26.37 -9.96
CA TRP A 80 -14.88 26.17 -8.54
C TRP A 80 -13.48 25.60 -8.28
N SER A 81 -13.04 25.66 -7.03
CA SER A 81 -11.72 25.16 -6.66
C SER A 81 -11.86 23.77 -6.02
N TYR A 82 -13.06 23.43 -5.61
CA TYR A 82 -13.36 22.13 -5.03
C TYR A 82 -14.83 22.10 -4.68
N ILE A 83 -15.38 20.90 -4.56
CA ILE A 83 -16.80 20.75 -4.28
C ILE A 83 -17.04 20.35 -2.83
N VAL A 84 -18.02 20.99 -2.21
CA VAL A 84 -18.32 20.72 -0.81
C VAL A 84 -19.74 20.23 -0.55
N GLU A 85 -19.86 19.09 0.10
CA GLU A 85 -21.15 18.54 0.45
C GLU A 85 -21.25 18.61 1.97
N THR A 86 -22.41 19.00 2.47
CA THR A 86 -22.61 19.09 3.91
C THR A 86 -23.27 17.78 4.35
N SER A 87 -23.46 17.60 5.64
CA SER A 87 -24.09 16.37 6.12
C SER A 87 -25.60 16.48 5.87
N ASN A 88 -25.99 17.48 5.09
CA ASN A 88 -27.39 17.71 4.76
C ASN A 88 -27.61 17.75 3.24
N SER A 89 -26.62 17.27 2.50
CA SER A 89 -26.73 17.23 1.04
C SER A 89 -27.61 16.03 0.70
N ASP A 90 -28.92 16.17 0.93
CA ASP A 90 -29.87 15.10 0.69
C ASP A 90 -30.68 15.25 -0.60
N ASN A 91 -30.69 16.45 -1.17
CA ASN A 91 -31.42 16.72 -2.39
C ASN A 91 -30.71 16.25 -3.64
N GLY A 92 -31.08 15.08 -4.12
CA GLY A 92 -30.48 14.53 -5.33
C GLY A 92 -31.60 14.21 -6.30
N THR A 93 -31.84 12.91 -6.50
CA THR A 93 -32.90 12.48 -7.41
C THR A 93 -34.23 12.51 -6.65
N CYS A 94 -35.11 13.42 -7.02
CA CYS A 94 -36.40 13.52 -6.35
C CYS A 94 -37.34 12.44 -6.88
N TYR A 95 -37.24 12.08 -8.15
CA TYR A 95 -38.09 11.01 -8.65
C TYR A 95 -37.29 9.73 -8.44
N PRO A 96 -37.81 8.81 -7.61
CA PRO A 96 -37.15 7.53 -7.30
C PRO A 96 -36.55 6.79 -8.49
N GLY A 97 -35.41 6.17 -8.26
CA GLY A 97 -34.75 5.43 -9.32
C GLY A 97 -33.27 5.24 -9.10
N ASP A 98 -32.64 4.52 -10.02
CA ASP A 98 -31.22 4.23 -9.94
C ASP A 98 -30.41 5.21 -10.80
N PHE A 99 -29.35 5.78 -10.23
CA PHE A 99 -28.49 6.70 -10.97
C PHE A 99 -27.28 5.85 -11.32
N ILE A 100 -27.29 5.30 -12.52
CA ILE A 100 -26.22 4.43 -12.98
C ILE A 100 -24.82 5.01 -12.95
N ASP A 101 -23.89 4.23 -12.41
CA ASP A 101 -22.49 4.61 -12.30
C ASP A 101 -22.34 6.01 -11.70
N TYR A 102 -23.11 6.25 -10.65
CA TYR A 102 -23.08 7.53 -9.96
C TYR A 102 -21.74 7.84 -9.31
N GLU A 103 -21.15 6.86 -8.62
CA GLU A 103 -19.87 7.09 -7.96
C GLU A 103 -18.77 7.39 -8.97
N GLU A 104 -18.88 6.81 -10.17
CA GLU A 104 -17.89 7.08 -11.21
C GLU A 104 -18.05 8.50 -11.70
N LEU A 105 -19.29 8.95 -11.84
CA LEU A 105 -19.53 10.31 -12.30
C LEU A 105 -18.91 11.28 -11.28
N ARG A 106 -19.05 10.96 -9.99
CA ARG A 106 -18.47 11.80 -8.94
C ARG A 106 -16.95 11.80 -9.07
N GLU A 107 -16.37 10.64 -9.36
CA GLU A 107 -14.92 10.55 -9.50
C GLU A 107 -14.47 11.41 -10.68
N GLN A 108 -15.27 11.41 -11.74
CA GLN A 108 -14.98 12.19 -12.94
C GLN A 108 -14.93 13.67 -12.59
N LEU A 109 -15.98 14.13 -11.91
CA LEU A 109 -16.08 15.54 -11.53
C LEU A 109 -14.92 16.03 -10.67
N SER A 110 -14.27 15.12 -9.96
CA SER A 110 -13.16 15.50 -9.10
C SER A 110 -11.99 16.11 -9.82
N SER A 111 -11.92 15.93 -11.13
CA SER A 111 -10.82 16.54 -11.89
C SER A 111 -11.34 17.66 -12.82
N VAL A 112 -12.58 18.09 -12.60
CA VAL A 112 -13.19 19.15 -13.39
C VAL A 112 -13.16 20.43 -12.57
N SER A 113 -12.56 21.49 -13.11
CA SER A 113 -12.51 22.74 -12.34
C SER A 113 -13.54 23.74 -12.82
N SER A 114 -14.17 23.45 -13.95
CA SER A 114 -15.21 24.33 -14.48
C SER A 114 -15.77 23.76 -15.77
N PHE A 115 -16.90 24.29 -16.19
CA PHE A 115 -17.55 23.86 -17.41
C PHE A 115 -18.36 24.98 -18.05
N GLU A 116 -18.91 24.69 -19.22
CA GLU A 116 -19.78 25.64 -19.90
C GLU A 116 -21.11 24.94 -20.09
N LYS A 117 -22.13 25.38 -19.39
CA LYS A 117 -23.44 24.79 -19.56
C LYS A 117 -24.09 25.35 -20.82
N PHE A 118 -24.72 24.49 -21.60
CA PHE A 118 -25.39 24.91 -22.83
C PHE A 118 -26.60 24.02 -23.06
N GLU A 119 -27.63 24.58 -23.68
CA GLU A 119 -28.85 23.81 -23.92
C GLU A 119 -28.67 22.91 -25.13
N ILE A 120 -28.16 21.70 -24.90
CA ILE A 120 -27.92 20.74 -25.96
C ILE A 120 -29.14 20.52 -26.86
N PHE A 121 -30.32 20.40 -26.25
CA PHE A 121 -31.55 20.21 -27.00
C PHE A 121 -32.62 21.20 -26.55
N PRO A 122 -32.65 22.40 -27.16
CA PRO A 122 -33.64 23.42 -26.80
C PRO A 122 -35.04 22.87 -26.61
N LYS A 123 -35.61 23.16 -25.44
CA LYS A 123 -36.96 22.71 -25.12
C LYS A 123 -37.99 23.13 -26.18
N THR A 124 -37.93 24.39 -26.59
CA THR A 124 -38.85 24.89 -27.60
C THR A 124 -38.17 24.92 -28.96
N SER A 125 -38.34 23.86 -29.74
CA SER A 125 -37.76 23.73 -31.09
C SER A 125 -37.19 22.34 -31.38
N SER A 126 -36.88 21.57 -30.34
CA SER A 126 -36.32 20.24 -30.55
C SER A 126 -37.33 19.11 -30.68
N TRP A 127 -38.50 19.28 -30.08
CA TRP A 127 -39.49 18.23 -30.11
C TRP A 127 -40.85 18.66 -30.69
N PRO A 128 -40.88 18.95 -32.00
CA PRO A 128 -42.10 19.37 -32.71
C PRO A 128 -43.28 18.41 -32.56
N ASN A 129 -42.99 17.12 -32.62
CA ASN A 129 -44.02 16.10 -32.53
C ASN A 129 -44.25 15.44 -31.17
N HIS A 130 -43.89 16.14 -30.09
CA HIS A 130 -44.06 15.58 -28.76
C HIS A 130 -44.41 16.66 -27.74
N GLU A 131 -45.11 16.27 -26.68
CA GLU A 131 -45.49 17.23 -25.65
C GLU A 131 -44.28 17.52 -24.77
N THR A 132 -43.98 18.80 -24.60
CA THR A 132 -42.84 19.25 -23.80
C THR A 132 -43.28 20.06 -22.59
N THR A 133 -44.58 20.16 -22.38
CA THR A 133 -45.12 20.98 -21.29
C THR A 133 -45.77 20.22 -20.15
N ARG A 134 -45.79 18.90 -20.21
CA ARG A 134 -46.43 18.14 -19.14
C ARG A 134 -45.50 17.25 -18.32
N GLY A 135 -44.19 17.42 -18.47
CA GLY A 135 -43.26 16.57 -17.75
C GLY A 135 -42.94 16.94 -16.32
N VAL A 136 -43.98 17.16 -15.51
CA VAL A 136 -43.75 17.51 -14.12
C VAL A 136 -44.30 16.41 -13.23
N THR A 137 -43.92 16.44 -11.96
CA THR A 137 -44.36 15.43 -11.00
C THR A 137 -44.33 16.00 -9.60
N ALA A 138 -45.21 15.49 -8.75
CA ALA A 138 -45.29 15.93 -7.36
C ALA A 138 -44.06 15.47 -6.60
N ALA A 139 -43.32 14.54 -7.18
CA ALA A 139 -42.11 14.01 -6.55
C ALA A 139 -40.96 15.01 -6.61
N CYS A 140 -41.04 15.94 -7.55
CA CYS A 140 -40.02 16.97 -7.71
C CYS A 140 -40.72 18.31 -7.68
N PRO A 141 -41.26 18.68 -6.51
CA PRO A 141 -41.97 19.94 -6.34
C PRO A 141 -41.08 21.17 -6.31
N TYR A 142 -41.73 22.32 -6.44
CA TYR A 142 -41.09 23.62 -6.42
C TYR A 142 -42.21 24.61 -6.16
N ALA A 143 -42.13 25.31 -5.04
CA ALA A 143 -43.18 26.27 -4.70
C ALA A 143 -44.50 25.51 -4.61
N GLY A 144 -44.47 24.37 -3.93
CA GLY A 144 -45.67 23.55 -3.77
C GLY A 144 -46.20 22.84 -5.00
N ALA A 145 -46.04 23.43 -6.18
CA ALA A 145 -46.53 22.83 -7.41
C ALA A 145 -45.59 21.76 -7.96
N SER A 146 -46.12 20.89 -8.82
CA SER A 146 -45.32 19.84 -9.41
C SER A 146 -44.29 20.46 -10.35
N SER A 147 -43.11 19.85 -10.41
CA SER A 147 -42.04 20.37 -11.26
C SER A 147 -41.16 19.23 -11.78
N PHE A 148 -39.91 19.56 -12.12
CA PHE A 148 -38.99 18.57 -12.64
C PHE A 148 -37.56 19.14 -12.71
N TYR A 149 -36.59 18.29 -13.00
CA TYR A 149 -35.20 18.71 -13.11
C TYR A 149 -35.05 19.80 -14.16
N ARG A 150 -34.20 20.79 -13.89
CA ARG A 150 -34.00 21.88 -14.83
C ARG A 150 -33.15 21.47 -16.02
N ASN A 151 -32.42 20.37 -15.90
CA ASN A 151 -31.55 19.96 -16.99
C ASN A 151 -32.04 18.78 -17.80
N LEU A 152 -33.24 18.31 -17.49
CA LEU A 152 -33.82 17.20 -18.22
C LEU A 152 -35.22 17.61 -18.67
N LEU A 153 -35.70 17.00 -19.74
CA LEU A 153 -37.02 17.31 -20.27
C LEU A 153 -37.82 16.03 -20.38
N TRP A 154 -38.84 15.89 -19.54
CA TRP A 154 -39.68 14.70 -19.57
C TRP A 154 -40.70 14.87 -20.71
N LEU A 155 -40.51 14.13 -21.79
CA LEU A 155 -41.40 14.20 -22.94
C LEU A 155 -42.52 13.17 -22.83
N VAL A 156 -43.71 13.54 -23.31
CA VAL A 156 -44.85 12.63 -23.32
C VAL A 156 -45.55 12.77 -24.67
N LYS A 157 -46.51 11.90 -24.96
CA LYS A 157 -47.23 11.91 -26.23
C LYS A 157 -47.95 13.22 -26.54
N LYS A 158 -48.13 13.48 -27.82
CA LYS A 158 -48.82 14.69 -28.28
C LYS A 158 -50.08 14.26 -29.03
N GLY A 159 -51.26 14.55 -28.46
CA GLY A 159 -52.50 14.18 -29.09
C GLY A 159 -52.62 12.68 -29.32
N ASN A 160 -52.48 11.91 -28.25
CA ASN A 160 -52.57 10.45 -28.32
C ASN A 160 -51.66 9.79 -29.33
N SER A 161 -50.48 10.37 -29.56
CA SER A 161 -49.52 9.82 -30.51
C SER A 161 -48.08 10.16 -30.13
N TYR A 162 -47.24 9.13 -30.03
CA TYR A 162 -45.83 9.29 -29.70
C TYR A 162 -45.02 8.68 -30.83
N PRO A 163 -44.69 9.48 -31.86
CA PRO A 163 -43.92 9.05 -33.02
C PRO A 163 -42.47 8.73 -32.66
N LYS A 164 -41.83 7.87 -33.43
CA LYS A 164 -40.44 7.52 -33.18
C LYS A 164 -39.63 8.80 -33.33
N LEU A 165 -38.99 9.24 -32.27
CA LEU A 165 -38.20 10.45 -32.35
C LEU A 165 -36.73 10.12 -32.56
N SER A 166 -36.01 11.04 -33.20
CA SER A 166 -34.60 10.85 -33.47
C SER A 166 -33.94 12.21 -33.44
N LYS A 167 -33.05 12.41 -32.45
CA LYS A 167 -32.35 13.68 -32.30
C LYS A 167 -30.89 13.40 -32.04
N SER A 168 -30.03 14.13 -32.75
CA SER A 168 -28.61 13.97 -32.61
C SER A 168 -27.93 15.29 -32.26
N TYR A 169 -26.74 15.20 -31.71
CA TYR A 169 -25.95 16.36 -31.33
C TYR A 169 -24.50 16.03 -31.59
N VAL A 170 -23.82 16.91 -32.32
CA VAL A 170 -22.43 16.73 -32.65
C VAL A 170 -21.64 17.59 -31.67
N ASN A 171 -20.69 16.99 -30.98
CA ASN A 171 -19.91 17.73 -30.01
C ASN A 171 -18.84 18.61 -30.66
N ASN A 172 -19.14 19.90 -30.80
CA ASN A 172 -18.18 20.83 -31.37
C ASN A 172 -17.56 21.78 -30.34
N LYS A 173 -17.67 21.42 -29.07
CA LYS A 173 -17.13 22.24 -27.99
C LYS A 173 -15.61 22.10 -27.83
N GLY A 174 -15.01 21.14 -28.54
CA GLY A 174 -13.58 20.95 -28.43
C GLY A 174 -13.13 20.33 -27.09
N LYS A 175 -14.08 19.76 -26.37
CA LYS A 175 -13.76 19.14 -25.10
C LYS A 175 -14.87 18.16 -24.72
N GLU A 176 -14.64 17.38 -23.68
CA GLU A 176 -15.64 16.42 -23.22
C GLU A 176 -16.97 17.09 -22.90
N VAL A 177 -18.06 16.51 -23.37
CA VAL A 177 -19.36 17.05 -23.07
C VAL A 177 -20.10 15.99 -22.26
N LEU A 178 -20.49 16.38 -21.04
CA LEU A 178 -21.22 15.49 -20.15
C LEU A 178 -22.71 15.56 -20.49
N VAL A 179 -23.26 14.46 -20.98
CA VAL A 179 -24.68 14.43 -21.31
C VAL A 179 -25.40 13.49 -20.34
N LEU A 180 -26.50 13.97 -19.77
CA LEU A 180 -27.30 13.17 -18.85
C LEU A 180 -28.70 13.02 -19.43
N TRP A 181 -29.38 11.96 -19.03
CA TRP A 181 -30.73 11.70 -19.51
C TRP A 181 -31.33 10.62 -18.64
N GLY A 182 -32.61 10.34 -18.82
CA GLY A 182 -33.24 9.32 -18.03
C GLY A 182 -34.22 8.50 -18.85
N VAL A 183 -34.61 7.37 -18.29
CA VAL A 183 -35.58 6.48 -18.92
C VAL A 183 -36.62 6.25 -17.84
N HIS A 184 -37.87 6.56 -18.15
CA HIS A 184 -38.94 6.39 -17.16
C HIS A 184 -39.61 5.00 -17.21
N HIS A 185 -40.01 4.52 -16.03
CA HIS A 185 -40.65 3.21 -15.93
C HIS A 185 -41.96 3.32 -15.17
N PRO A 186 -43.08 3.45 -15.89
CA PRO A 186 -44.41 3.56 -15.27
C PRO A 186 -44.74 2.34 -14.40
N PRO A 187 -45.65 2.50 -13.43
CA PRO A 187 -46.05 1.41 -12.55
C PRO A 187 -47.03 0.44 -13.21
N THR A 188 -47.80 0.92 -14.19
CA THR A 188 -48.76 0.07 -14.88
C THR A 188 -48.83 0.36 -16.38
N SER A 189 -49.25 -0.65 -17.13
CA SER A 189 -49.39 -0.53 -18.59
C SER A 189 -50.38 0.57 -18.98
N THR A 190 -51.32 0.88 -18.09
CA THR A 190 -52.29 1.93 -18.36
C THR A 190 -51.55 3.24 -18.35
N ASP A 191 -50.62 3.38 -17.42
CA ASP A 191 -49.83 4.60 -17.31
C ASP A 191 -48.92 4.69 -18.51
N GLN A 192 -48.34 3.55 -18.90
CA GLN A 192 -47.44 3.50 -20.05
C GLN A 192 -48.13 4.07 -21.29
N GLN A 193 -49.30 3.52 -21.63
CA GLN A 193 -50.03 3.96 -22.80
C GLN A 193 -50.56 5.39 -22.64
N SER A 194 -50.88 5.77 -21.42
CA SER A 194 -51.40 7.10 -21.14
C SER A 194 -50.33 8.19 -21.26
N LEU A 195 -49.06 7.81 -21.11
CA LEU A 195 -47.96 8.77 -21.22
C LEU A 195 -47.26 8.68 -22.57
N TYR A 196 -47.13 7.47 -23.09
CA TYR A 196 -46.42 7.30 -24.36
C TYR A 196 -47.15 6.53 -25.45
N GLN A 197 -48.46 6.33 -25.28
CA GLN A 197 -49.27 5.59 -26.25
C GLN A 197 -48.77 4.19 -26.58
N ASN A 198 -47.54 4.10 -27.07
CA ASN A 198 -46.94 2.82 -27.43
C ASN A 198 -46.76 1.91 -26.23
N ALA A 199 -47.25 0.69 -26.33
CA ALA A 199 -47.12 -0.28 -25.25
C ALA A 199 -45.73 -0.89 -25.23
N ASP A 200 -45.14 -1.04 -26.41
CA ASP A 200 -43.81 -1.63 -26.51
C ASP A 200 -42.75 -0.64 -26.98
N ALA A 201 -42.54 0.39 -26.18
CA ALA A 201 -41.57 1.43 -26.50
C ALA A 201 -40.14 1.02 -26.15
N TYR A 202 -39.20 1.83 -26.61
CA TYR A 202 -37.79 1.58 -26.34
C TYR A 202 -37.06 2.89 -26.55
N VAL A 203 -35.88 2.99 -25.93
CA VAL A 203 -35.04 4.15 -26.07
C VAL A 203 -33.69 3.65 -26.48
N SER A 204 -33.09 4.31 -27.46
CA SER A 204 -31.79 3.92 -27.94
C SER A 204 -30.86 5.12 -27.84
N VAL A 205 -29.60 4.89 -27.48
CA VAL A 205 -28.62 5.96 -27.35
C VAL A 205 -27.29 5.47 -27.90
N GLY A 206 -26.72 6.23 -28.83
CA GLY A 206 -25.47 5.81 -29.41
C GLY A 206 -24.52 6.95 -29.80
N SER A 207 -23.24 6.66 -29.64
CA SER A 207 -22.18 7.59 -29.99
C SER A 207 -21.18 6.69 -30.70
N SER A 208 -19.92 7.11 -30.75
CA SER A 208 -18.90 6.28 -31.36
C SER A 208 -18.41 5.22 -30.37
N LYS A 209 -18.64 5.47 -29.08
CA LYS A 209 -18.17 4.54 -28.05
C LYS A 209 -19.29 4.05 -27.16
N TYR A 210 -20.41 4.75 -27.15
CA TYR A 210 -21.52 4.38 -26.31
C TYR A 210 -22.59 3.75 -27.19
N ASP A 211 -23.25 2.71 -26.68
CA ASP A 211 -24.28 2.02 -27.43
C ASP A 211 -25.11 1.17 -26.47
N ARG A 212 -26.31 1.67 -26.15
CA ARG A 212 -27.18 0.96 -25.22
C ARG A 212 -28.66 1.10 -25.59
N ARG A 213 -29.45 0.08 -25.27
CA ARG A 213 -30.89 0.07 -25.56
C ARG A 213 -31.68 -0.13 -24.27
N PHE A 214 -32.73 0.66 -24.06
CA PHE A 214 -33.53 0.53 -22.84
C PHE A 214 -34.98 0.17 -23.10
N THR A 215 -35.48 -0.76 -22.30
CA THR A 215 -36.86 -1.23 -22.40
C THR A 215 -37.62 -0.83 -21.15
N PRO A 216 -38.88 -0.42 -21.31
CA PRO A 216 -39.62 -0.05 -20.11
C PRO A 216 -39.86 -1.29 -19.26
N GLU A 217 -39.79 -1.13 -17.95
CA GLU A 217 -40.01 -2.25 -17.04
C GLU A 217 -41.17 -1.85 -16.15
N ILE A 218 -42.38 -2.17 -16.60
CA ILE A 218 -43.59 -1.83 -15.86
C ILE A 218 -43.83 -2.77 -14.68
N ALA A 219 -44.04 -2.19 -13.51
CA ALA A 219 -44.28 -2.94 -12.30
C ALA A 219 -44.46 -1.94 -11.18
N ALA A 220 -45.30 -2.29 -10.21
CA ALA A 220 -45.54 -1.42 -9.08
C ALA A 220 -44.51 -1.71 -7.98
N ARG A 221 -43.61 -0.76 -7.76
CA ARG A 221 -42.60 -0.92 -6.73
C ARG A 221 -43.10 -0.23 -5.47
N PRO A 222 -42.52 -0.58 -4.31
CA PRO A 222 -42.97 0.08 -3.08
C PRO A 222 -42.82 1.57 -3.34
N LYS A 223 -43.85 2.34 -3.02
CA LYS A 223 -43.78 3.77 -3.26
C LYS A 223 -42.66 4.50 -2.53
N VAL A 224 -41.91 5.30 -3.28
CA VAL A 224 -40.85 6.10 -2.72
C VAL A 224 -41.23 7.50 -3.22
N ARG A 225 -41.36 8.44 -2.29
CA ARG A 225 -41.78 9.78 -2.65
C ARG A 225 -43.08 9.72 -3.44
N GLY A 226 -43.99 8.87 -2.96
CA GLY A 226 -45.28 8.71 -3.59
C GLY A 226 -45.28 8.11 -4.99
N GLN A 227 -44.17 7.51 -5.39
CA GLN A 227 -44.08 6.92 -6.72
C GLN A 227 -43.89 5.41 -6.67
N ALA A 228 -44.71 4.70 -7.43
CA ALA A 228 -44.62 3.24 -7.50
C ALA A 228 -43.78 2.96 -8.73
N GLY A 229 -43.61 4.00 -9.56
CA GLY A 229 -42.83 3.87 -10.77
C GLY A 229 -41.40 4.26 -10.48
N ARG A 230 -40.51 4.00 -11.43
CA ARG A 230 -39.10 4.33 -11.25
C ARG A 230 -38.57 5.08 -12.46
N MET A 231 -37.43 5.75 -12.27
CA MET A 231 -36.78 6.49 -13.34
C MET A 231 -35.27 6.33 -13.18
N ASN A 232 -34.61 5.81 -14.20
CA ASN A 232 -33.17 5.62 -14.14
C ASN A 232 -32.40 6.75 -14.82
N TYR A 233 -31.28 7.12 -14.20
CA TYR A 233 -30.47 8.19 -14.72
C TYR A 233 -29.18 7.69 -15.32
N TYR A 234 -28.88 8.19 -16.51
CA TYR A 234 -27.70 7.81 -17.24
C TYR A 234 -26.89 9.03 -17.66
N TRP A 235 -25.63 8.80 -17.98
CA TRP A 235 -24.75 9.86 -18.41
C TRP A 235 -23.65 9.25 -19.26
N THR A 236 -22.96 10.11 -20.00
CA THR A 236 -21.85 9.69 -20.81
C THR A 236 -21.02 10.93 -21.09
N LEU A 237 -19.76 10.71 -21.43
CA LEU A 237 -18.87 11.81 -21.75
C LEU A 237 -18.61 11.71 -23.25
N LEU A 238 -19.30 12.56 -24.01
CA LEU A 238 -19.16 12.59 -25.46
C LEU A 238 -17.83 13.27 -25.73
N GLU A 239 -16.99 12.58 -26.50
CA GLU A 239 -15.68 13.11 -26.82
C GLU A 239 -15.72 14.20 -27.86
N PRO A 240 -14.71 15.08 -27.86
CA PRO A 240 -14.69 16.17 -28.84
C PRO A 240 -14.93 15.58 -30.23
N GLY A 241 -15.80 16.23 -31.00
CA GLY A 241 -16.08 15.79 -32.34
C GLY A 241 -16.99 14.59 -32.53
N ASP A 242 -17.38 13.92 -31.46
CA ASP A 242 -18.24 12.75 -31.61
C ASP A 242 -19.70 13.16 -31.65
N THR A 243 -20.55 12.23 -32.05
CA THR A 243 -21.98 12.49 -32.15
C THR A 243 -22.78 11.54 -31.27
N ILE A 244 -23.83 12.06 -30.65
CA ILE A 244 -24.69 11.25 -29.82
C ILE A 244 -26.11 11.33 -30.40
N THR A 245 -26.73 10.15 -30.56
CA THR A 245 -28.08 10.05 -31.13
C THR A 245 -29.09 9.39 -30.19
N PHE A 246 -30.21 10.06 -29.97
CA PHE A 246 -31.27 9.52 -29.14
C PHE A 246 -32.45 9.12 -30.02
N GLU A 247 -32.87 7.86 -29.90
CA GLU A 247 -34.01 7.38 -30.67
C GLU A 247 -34.96 6.76 -29.66
N ALA A 248 -36.23 7.08 -29.77
CA ALA A 248 -37.19 6.54 -28.83
C ALA A 248 -38.63 6.52 -29.32
N THR A 249 -39.43 5.64 -28.73
CA THR A 249 -40.83 5.53 -29.05
C THR A 249 -41.60 5.72 -27.75
N GLY A 250 -40.89 6.25 -26.75
CA GLY A 250 -41.50 6.53 -25.46
C GLY A 250 -40.54 6.33 -24.29
N ASN A 251 -40.91 6.85 -23.12
CA ASN A 251 -40.12 6.68 -21.91
C ASN A 251 -38.79 7.43 -21.82
N LEU A 252 -38.50 8.28 -22.79
CA LEU A 252 -37.24 9.02 -22.76
C LEU A 252 -37.31 10.34 -22.01
N VAL A 253 -36.45 10.49 -21.00
CA VAL A 253 -36.40 11.77 -20.28
C VAL A 253 -35.16 12.38 -20.91
N ALA A 254 -35.41 13.12 -21.98
CA ALA A 254 -34.39 13.75 -22.79
C ALA A 254 -33.47 14.79 -22.16
N PRO A 255 -32.24 14.86 -22.66
CA PRO A 255 -31.29 15.84 -22.13
C PRO A 255 -31.81 17.23 -22.51
N ARG A 256 -31.65 18.21 -21.63
CA ARG A 256 -32.05 19.56 -22.00
C ARG A 256 -30.76 20.39 -21.96
N TYR A 257 -30.04 20.31 -20.84
CA TYR A 257 -28.77 21.02 -20.69
C TYR A 257 -27.64 20.01 -20.52
N ALA A 258 -26.48 20.34 -21.07
CA ALA A 258 -25.30 19.49 -20.99
C ALA A 258 -24.13 20.37 -20.55
N PHE A 259 -22.99 19.77 -20.23
CA PHE A 259 -21.84 20.54 -19.77
C PHE A 259 -20.55 20.23 -20.49
N ALA A 260 -19.91 21.27 -21.05
CA ALA A 260 -18.62 21.09 -21.71
C ALA A 260 -17.66 21.19 -20.53
N LEU A 261 -16.88 20.14 -20.29
CA LEU A 261 -16.00 20.12 -19.14
C LEU A 261 -14.57 20.58 -19.32
N ASN A 262 -14.07 21.33 -18.35
CA ASN A 262 -12.69 21.79 -18.41
C ASN A 262 -11.93 21.02 -17.33
N ARG A 263 -10.97 20.20 -17.75
CA ARG A 263 -10.19 19.42 -16.81
C ARG A 263 -9.19 20.27 -16.03
N GLY A 264 -9.17 20.09 -14.72
CA GLY A 264 -8.27 20.82 -13.86
C GLY A 264 -7.64 19.87 -12.86
N SER A 265 -6.39 19.54 -13.09
CA SER A 265 -5.68 18.63 -12.20
C SER A 265 -5.74 19.11 -10.76
N GLY A 266 -5.85 18.15 -9.84
CA GLY A 266 -5.87 18.49 -8.43
C GLY A 266 -7.12 19.23 -7.99
N SER A 267 -7.97 18.49 -7.29
CA SER A 267 -9.22 19.04 -6.77
C SER A 267 -10.04 17.82 -6.35
N GLY A 268 -11.17 18.05 -5.72
CA GLY A 268 -11.98 16.94 -5.31
C GLY A 268 -13.29 17.36 -4.68
N ILE A 269 -13.94 16.40 -4.05
CA ILE A 269 -15.20 16.64 -3.38
C ILE A 269 -14.95 16.27 -1.93
N ILE A 270 -15.49 17.08 -1.01
CA ILE A 270 -15.30 16.80 0.40
C ILE A 270 -16.61 17.02 1.14
N THR A 271 -16.66 16.51 2.36
CA THR A 271 -17.85 16.66 3.17
C THR A 271 -17.44 17.46 4.39
N SER A 272 -18.05 18.63 4.55
CA SER A 272 -17.74 19.47 5.68
C SER A 272 -18.93 20.33 6.04
N ASP A 273 -18.95 20.80 7.29
CA ASP A 273 -20.02 21.65 7.72
C ASP A 273 -19.39 22.97 8.15
N ALA A 274 -18.09 23.09 7.90
CA ALA A 274 -17.38 24.31 8.23
C ALA A 274 -17.88 25.38 7.28
N PRO A 275 -17.87 26.64 7.72
CA PRO A 275 -18.35 27.76 6.92
C PRO A 275 -17.40 28.24 5.83
N VAL A 276 -17.97 28.69 4.72
CA VAL A 276 -17.18 29.23 3.62
C VAL A 276 -16.93 30.65 4.11
N HIS A 277 -15.70 31.12 3.97
CA HIS A 277 -15.35 32.45 4.46
C HIS A 277 -14.59 33.21 3.38
N ASP A 278 -14.47 34.53 3.53
CA ASP A 278 -13.76 35.35 2.56
C ASP A 278 -12.28 35.22 2.88
N CYS A 279 -11.81 33.99 2.90
CA CYS A 279 -10.44 33.66 3.22
C CYS A 279 -9.69 33.04 2.03
N ASP A 280 -8.36 32.96 2.13
CA ASP A 280 -7.52 32.36 1.10
C ASP A 280 -6.53 31.38 1.74
N THR A 281 -6.18 30.33 1.02
CA THR A 281 -5.25 29.34 1.55
C THR A 281 -4.58 28.52 0.46
N LYS A 282 -3.57 27.76 0.84
CA LYS A 282 -2.86 26.91 -0.10
C LYS A 282 -3.14 25.46 0.26
N CYS A 283 -3.63 25.26 1.49
CA CYS A 283 -3.95 23.94 1.99
C CYS A 283 -5.31 23.94 2.67
N GLN A 284 -6.23 23.12 2.17
CA GLN A 284 -7.57 23.09 2.74
C GLN A 284 -7.99 21.69 3.23
N THR A 285 -8.67 21.64 4.37
CA THR A 285 -9.11 20.36 4.90
C THR A 285 -10.57 20.52 5.29
N PRO A 286 -11.29 19.41 5.45
CA PRO A 286 -12.70 19.51 5.84
C PRO A 286 -12.94 20.25 7.16
N HIS A 287 -11.90 20.37 7.98
CA HIS A 287 -12.03 21.06 9.26
C HIS A 287 -11.73 22.55 9.16
N GLY A 288 -10.82 22.90 8.26
CA GLY A 288 -10.44 24.27 8.06
C GLY A 288 -9.16 24.27 7.27
N ALA A 289 -8.64 25.46 6.97
CA ALA A 289 -7.43 25.58 6.19
C ALA A 289 -6.18 25.53 7.08
N ILE A 290 -5.04 25.26 6.46
CA ILE A 290 -3.76 25.17 7.14
C ILE A 290 -2.78 26.16 6.51
N ASN A 291 -2.09 26.90 7.36
CA ASN A 291 -1.08 27.85 6.91
C ASN A 291 0.13 27.45 7.69
N SER A 292 0.89 26.50 7.16
CA SER A 292 2.06 25.99 7.86
C SER A 292 3.15 25.48 6.92
N SER A 293 4.39 25.59 7.39
CA SER A 293 5.54 25.12 6.62
C SER A 293 6.06 23.82 7.23
N LEU A 294 5.37 23.31 8.23
CA LEU A 294 5.76 22.08 8.90
C LEU A 294 5.52 20.84 8.06
N PRO A 295 6.42 19.85 8.15
CA PRO A 295 6.29 18.61 7.39
C PRO A 295 5.05 17.77 7.68
N PHE A 296 4.53 17.87 8.90
CA PHE A 296 3.36 17.09 9.28
C PHE A 296 2.20 17.89 9.85
N GLN A 297 1.03 17.27 9.78
CA GLN A 297 -0.21 17.84 10.29
C GLN A 297 -0.97 16.61 10.74
N ASN A 298 -1.80 16.75 11.77
CA ASN A 298 -2.57 15.63 12.30
C ASN A 298 -4.04 16.03 12.36
N ILE A 299 -4.35 17.04 11.56
CA ILE A 299 -5.69 17.60 11.46
C ILE A 299 -6.63 16.72 10.65
N HIS A 300 -6.22 16.36 9.44
CA HIS A 300 -7.08 15.55 8.59
C HIS A 300 -6.37 14.90 7.42
N PRO A 301 -6.71 13.63 7.11
CA PRO A 301 -6.09 12.92 5.99
C PRO A 301 -6.52 13.48 4.63
N VAL A 302 -7.77 13.94 4.54
CA VAL A 302 -8.27 14.50 3.28
C VAL A 302 -7.73 15.92 3.13
N THR A 303 -7.04 16.16 2.02
CA THR A 303 -6.42 17.46 1.77
C THR A 303 -6.62 18.01 0.35
N ILE A 304 -6.47 19.32 0.18
CA ILE A 304 -6.58 19.94 -1.14
C ILE A 304 -5.59 21.08 -1.27
N GLY A 305 -4.58 20.87 -2.13
CA GLY A 305 -3.56 21.88 -2.35
C GLY A 305 -2.23 21.43 -1.79
N GLU A 306 -1.38 22.39 -1.44
CA GLU A 306 -0.06 22.13 -0.86
C GLU A 306 -0.25 21.90 0.64
N CYS A 307 -0.13 20.67 1.11
CA CYS A 307 -0.33 20.41 2.53
C CYS A 307 0.74 19.55 3.18
N PRO A 308 0.82 19.59 4.51
CA PRO A 308 1.82 18.78 5.21
C PRO A 308 1.34 17.32 5.22
N LYS A 309 2.27 16.38 5.25
CA LYS A 309 1.91 14.97 5.27
C LYS A 309 1.07 14.69 6.52
N TYR A 310 -0.09 14.06 6.34
CA TYR A 310 -0.95 13.75 7.46
C TYR A 310 -0.38 12.55 8.23
N VAL A 311 -0.58 12.54 9.53
CA VAL A 311 -0.07 11.47 10.36
C VAL A 311 -0.91 11.38 11.62
N LYS A 312 -0.90 10.21 12.27
CA LYS A 312 -1.68 10.02 13.49
C LYS A 312 -1.03 10.58 14.76
N SER A 313 0.29 10.75 14.72
CA SER A 313 1.04 11.26 15.85
C SER A 313 0.41 12.42 16.63
N THR A 314 0.68 12.44 17.93
CA THR A 314 0.19 13.46 18.85
C THR A 314 1.27 14.49 19.07
N LYS A 315 2.52 14.07 18.88
CA LYS A 315 3.67 14.93 19.09
C LYS A 315 4.82 14.52 18.19
N LEU A 316 5.48 15.51 17.60
CA LEU A 316 6.63 15.29 16.74
C LEU A 316 7.62 16.42 16.95
N ARG A 317 8.27 16.39 18.11
CA ARG A 317 9.25 17.39 18.49
C ARG A 317 10.65 16.84 18.35
N MET A 318 11.49 17.55 17.62
CA MET A 318 12.86 17.14 17.38
C MET A 318 13.81 18.04 18.20
N ALA A 319 14.70 17.42 18.97
CA ALA A 319 15.65 18.17 19.80
C ALA A 319 16.73 18.77 18.90
N THR A 320 17.05 20.03 19.14
CA THR A 320 18.07 20.72 18.36
C THR A 320 19.26 21.10 19.24
N GLY A 321 18.95 21.48 20.49
CA GLY A 321 19.98 21.86 21.43
C GLY A 321 20.40 20.64 22.24
N LEU A 322 20.97 20.86 23.42
CA LEU A 322 21.40 19.76 24.27
C LEU A 322 20.53 19.60 25.51
N ARG A 323 20.72 18.49 26.21
CA ARG A 323 19.96 18.24 27.43
C ARG A 323 20.12 19.47 28.30
N ASN A 324 19.03 19.92 28.90
CA ASN A 324 19.06 21.11 29.75
C ASN A 324 19.20 20.76 31.22
N ILE A 325 20.32 21.18 31.82
CA ILE A 325 20.60 20.92 33.23
C ILE A 325 20.96 22.25 33.91
N PRO A 326 20.00 23.17 34.04
CA PRO A 326 20.22 24.48 34.68
C PRO A 326 20.82 24.37 36.08
N ALA A 327 20.24 23.48 36.88
CA ALA A 327 20.70 23.27 38.25
C ALA A 327 20.92 24.60 38.97
N ARG A 328 19.82 25.27 39.31
CA ARG A 328 19.89 26.56 40.01
C ARG A 328 19.66 26.39 41.51
N GLY B 1 24.07 10.13 29.18
CA GLY B 1 25.22 10.49 28.37
C GLY B 1 25.94 9.28 27.80
N LEU B 2 26.37 9.38 26.55
CA LEU B 2 27.06 8.29 25.89
C LEU B 2 28.56 8.56 25.89
N PHE B 3 28.93 9.83 25.90
CA PHE B 3 30.33 10.23 25.92
C PHE B 3 30.77 10.75 27.28
N GLY B 4 30.02 10.36 28.31
CA GLY B 4 30.31 10.73 29.68
C GLY B 4 30.56 12.18 30.05
N ALA B 5 30.44 13.10 29.11
CA ALA B 5 30.66 14.51 29.43
C ALA B 5 29.41 15.15 30.03
N ILE B 6 28.45 15.53 29.18
CA ILE B 6 27.21 16.15 29.66
C ILE B 6 26.49 15.22 30.64
N ALA B 7 26.08 15.78 31.78
CA ALA B 7 25.40 15.01 32.81
C ALA B 7 26.34 13.91 33.29
N GLY B 8 27.63 14.07 33.00
CA GLY B 8 28.61 13.09 33.39
C GLY B 8 29.69 13.70 34.28
N PHE B 9 30.90 13.82 33.75
CA PHE B 9 31.97 14.40 34.54
C PHE B 9 31.86 15.91 34.58
N ILE B 10 30.93 16.46 33.80
CA ILE B 10 30.69 17.90 33.80
C ILE B 10 29.21 18.09 34.12
N GLU B 11 28.82 17.66 35.31
CA GLU B 11 27.43 17.79 35.76
C GLU B 11 26.91 19.18 35.44
N GLY B 12 25.58 19.31 35.40
CA GLY B 12 24.96 20.59 35.13
C GLY B 12 25.50 21.46 34.01
N GLY B 13 24.66 22.40 33.56
CA GLY B 13 25.04 23.30 32.50
C GLY B 13 25.15 24.72 33.03
N TRP B 14 25.69 25.62 32.24
CA TRP B 14 25.83 26.99 32.67
C TRP B 14 24.77 27.94 32.10
N THR B 15 23.80 28.28 32.94
CA THR B 15 22.75 29.20 32.52
C THR B 15 23.39 30.55 32.25
N GLY B 16 24.58 30.73 32.82
CA GLY B 16 25.34 31.97 32.64
C GLY B 16 25.86 32.10 31.22
N LEU B 17 26.19 30.97 30.61
CA LEU B 17 26.67 30.97 29.23
C LEU B 17 25.45 31.22 28.36
N ILE B 18 25.48 32.31 27.58
CA ILE B 18 24.33 32.64 26.73
C ILE B 18 24.71 33.08 25.32
N ASP B 19 25.86 32.63 24.84
CA ASP B 19 26.29 33.01 23.50
C ASP B 19 26.74 31.78 22.69
N GLY B 20 26.39 30.61 23.19
CA GLY B 20 26.77 29.38 22.50
C GLY B 20 26.30 28.16 23.28
N TRP B 21 26.64 26.99 22.77
CA TRP B 21 26.26 25.74 23.42
C TRP B 21 27.41 25.22 24.27
N TYR B 22 28.63 25.45 23.80
CA TYR B 22 29.81 24.98 24.51
C TYR B 22 30.79 26.13 24.78
N GLY B 23 31.18 26.30 26.03
CA GLY B 23 32.11 27.38 26.36
C GLY B 23 32.95 27.16 27.60
N TYR B 24 33.70 28.21 27.97
CA TYR B 24 34.56 28.17 29.14
C TYR B 24 34.10 29.18 30.19
N HIS B 25 34.46 28.94 31.44
CA HIS B 25 34.09 29.85 32.52
C HIS B 25 35.20 30.90 32.71
N HIS B 26 36.36 30.43 33.17
CA HIS B 26 37.52 31.30 33.40
C HIS B 26 37.38 32.18 34.65
N GLN B 27 38.35 32.03 35.55
CA GLN B 27 38.39 32.79 36.80
C GLN B 27 39.82 33.29 36.99
N ASN B 28 40.10 34.46 36.43
CA ASN B 28 41.42 35.06 36.50
C ASN B 28 41.53 36.12 37.59
N GLU B 29 42.76 36.58 37.82
CA GLU B 29 43.01 37.59 38.84
C GLU B 29 42.29 38.87 38.42
N GLN B 30 42.30 39.14 37.12
CA GLN B 30 41.66 40.33 36.58
C GLN B 30 40.14 40.23 36.64
N GLY B 31 39.62 39.01 36.81
CA GLY B 31 38.19 38.82 36.90
C GLY B 31 37.70 37.49 36.36
N SER B 32 36.39 37.28 36.43
CA SER B 32 35.77 36.05 35.95
C SER B 32 34.72 36.33 34.86
N GLY B 33 33.94 35.31 34.52
CA GLY B 33 32.92 35.47 33.49
C GLY B 33 32.67 34.22 32.67
N TYR B 34 32.13 34.40 31.47
CA TYR B 34 31.84 33.29 30.57
C TYR B 34 32.20 33.63 29.12
N ALA B 35 32.46 32.61 28.32
CA ALA B 35 32.80 32.79 26.92
C ALA B 35 32.58 31.51 26.13
N ALA B 36 31.64 31.55 25.19
CA ALA B 36 31.33 30.40 24.37
C ALA B 36 32.33 30.25 23.23
N ASP B 37 32.55 29.01 22.80
CA ASP B 37 33.50 28.73 21.73
C ASP B 37 32.78 28.63 20.38
N GLN B 38 32.98 29.63 19.53
CA GLN B 38 32.35 29.65 18.21
C GLN B 38 32.58 28.35 17.46
N LYS B 39 33.83 28.10 17.13
CA LYS B 39 34.23 26.89 16.42
C LYS B 39 33.25 25.74 16.68
N SER B 40 33.07 25.41 17.95
CA SER B 40 32.18 24.33 18.36
C SER B 40 30.69 24.64 18.17
N THR B 41 30.20 25.65 18.87
CA THR B 41 28.79 26.03 18.78
C THR B 41 28.30 26.19 17.34
N GLN B 42 29.07 26.92 16.53
CA GLN B 42 28.68 27.13 15.14
C GLN B 42 28.65 25.82 14.36
N ASN B 43 29.72 25.04 14.48
CA ASN B 43 29.82 23.77 13.79
C ASN B 43 28.63 22.88 14.11
N ALA B 44 28.22 22.89 15.36
CA ALA B 44 27.08 22.09 15.78
C ALA B 44 25.78 22.65 15.18
N ILE B 45 25.65 23.97 15.21
CA ILE B 45 24.45 24.61 14.65
C ILE B 45 24.27 24.17 13.21
N ASP B 46 25.37 24.15 12.46
CA ASP B 46 25.31 23.74 11.07
C ASP B 46 24.79 22.31 10.99
N GLY B 47 25.54 21.37 11.58
CA GLY B 47 25.14 19.98 11.56
C GLY B 47 23.69 19.74 11.92
N ILE B 48 23.26 20.30 13.04
CA ILE B 48 21.88 20.14 13.50
C ILE B 48 20.91 20.76 12.50
N THR B 49 21.31 21.87 11.90
CA THR B 49 20.48 22.55 10.92
C THR B 49 20.37 21.68 9.67
N ASN B 50 21.46 20.99 9.34
CA ASN B 50 21.47 20.11 8.17
C ASN B 50 20.60 18.89 8.49
N LYS B 51 20.61 18.48 9.75
CA LYS B 51 19.81 17.32 10.18
C LYS B 51 18.32 17.59 10.00
N VAL B 52 17.83 18.64 10.65
CA VAL B 52 16.41 18.98 10.55
C VAL B 52 16.03 19.18 9.08
N ASN B 53 16.88 19.88 8.33
CA ASN B 53 16.61 20.09 6.92
C ASN B 53 16.51 18.75 6.21
N SER B 54 17.46 17.85 6.51
CA SER B 54 17.45 16.52 5.89
C SER B 54 16.14 15.79 6.15
N VAL B 55 15.67 15.86 7.39
CA VAL B 55 14.43 15.21 7.76
C VAL B 55 13.23 15.76 6.97
N ILE B 56 13.08 17.08 6.95
CA ILE B 56 11.98 17.70 6.22
C ILE B 56 12.00 17.25 4.76
N GLU B 57 13.19 17.26 4.15
CA GLU B 57 13.36 16.85 2.75
C GLU B 57 12.76 15.47 2.48
N LYS B 58 13.14 14.49 3.27
CA LYS B 58 12.68 13.11 3.10
C LYS B 58 11.16 12.98 3.13
N MET B 59 10.51 13.74 4.01
CA MET B 59 9.05 13.69 4.11
C MET B 59 8.42 14.42 2.94
N ASN B 60 7.53 13.74 2.24
CA ASN B 60 6.86 14.32 1.07
C ASN B 60 5.63 15.14 1.37
N THR B 61 5.50 16.25 0.65
CA THR B 61 4.33 17.11 0.79
C THR B 61 3.11 16.26 0.42
N GLN B 62 1.95 16.65 0.90
CA GLN B 62 0.73 15.92 0.60
C GLN B 62 -0.16 16.81 -0.26
N PHE B 63 -0.35 16.41 -1.51
CA PHE B 63 -1.20 17.18 -2.42
C PHE B 63 -2.64 16.73 -2.24
N THR B 64 -3.51 17.12 -3.19
CA THR B 64 -4.92 16.75 -3.10
C THR B 64 -5.11 15.25 -2.92
N ALA B 65 -5.79 14.87 -1.84
CA ALA B 65 -6.06 13.48 -1.55
C ALA B 65 -7.49 13.40 -1.04
N VAL B 66 -8.43 13.08 -1.93
CA VAL B 66 -9.83 12.99 -1.56
C VAL B 66 -10.36 11.57 -1.63
N GLY B 67 -11.41 11.30 -0.86
CA GLY B 67 -12.01 9.99 -0.82
C GLY B 67 -12.80 9.60 -2.07
N LYS B 68 -13.28 8.36 -2.07
CA LYS B 68 -14.07 7.83 -3.17
C LYS B 68 -15.32 7.23 -2.54
N GLU B 69 -16.40 7.23 -3.30
CA GLU B 69 -17.67 6.67 -2.83
C GLU B 69 -17.79 5.30 -3.48
N PHE B 70 -18.62 4.43 -2.92
CA PHE B 70 -18.85 3.09 -3.46
C PHE B 70 -20.31 2.72 -3.16
N ASN B 71 -20.99 2.02 -4.08
CA ASN B 71 -22.36 1.64 -3.80
C ASN B 71 -22.40 0.41 -2.89
N ASN B 72 -23.61 -0.03 -2.56
CA ASN B 72 -23.81 -1.16 -1.67
C ASN B 72 -23.35 -2.54 -2.16
N LEU B 73 -22.83 -2.62 -3.38
CA LEU B 73 -22.36 -3.87 -3.93
C LEU B 73 -20.88 -3.78 -4.28
N GLU B 74 -20.20 -2.84 -3.64
CA GLU B 74 -18.77 -2.63 -3.87
C GLU B 74 -18.04 -2.59 -2.54
N ARG B 75 -18.55 -3.36 -1.59
CA ARG B 75 -17.96 -3.44 -0.26
C ARG B 75 -16.53 -3.97 -0.31
N ARG B 76 -16.24 -4.91 -1.21
CA ARG B 76 -14.90 -5.46 -1.32
C ARG B 76 -13.87 -4.42 -1.76
N ILE B 77 -14.20 -3.59 -2.74
CA ILE B 77 -13.24 -2.58 -3.19
C ILE B 77 -13.22 -1.42 -2.20
N LYS B 78 -14.36 -1.15 -1.56
CA LYS B 78 -14.40 -0.08 -0.56
C LYS B 78 -13.37 -0.44 0.53
N ASN B 79 -13.44 -1.68 1.02
CA ASN B 79 -12.52 -2.15 2.05
C ASN B 79 -11.07 -2.17 1.56
N LEU B 80 -10.88 -2.51 0.29
CA LEU B 80 -9.54 -2.54 -0.29
C LEU B 80 -9.01 -1.10 -0.22
N ASN B 81 -9.85 -0.17 -0.63
CA ASN B 81 -9.48 1.23 -0.64
C ASN B 81 -9.13 1.69 0.78
N LYS B 82 -9.91 1.23 1.76
CA LYS B 82 -9.66 1.61 3.14
C LYS B 82 -8.39 0.96 3.65
N LYS B 83 -8.21 -0.33 3.31
CA LYS B 83 -7.04 -1.05 3.74
C LYS B 83 -5.80 -0.31 3.24
N VAL B 84 -5.91 0.25 2.03
CA VAL B 84 -4.79 0.99 1.45
C VAL B 84 -4.54 2.30 2.16
N ASP B 85 -5.61 3.02 2.46
CA ASP B 85 -5.46 4.30 3.14
C ASP B 85 -4.85 4.14 4.53
N ASP B 86 -5.40 3.22 5.32
CA ASP B 86 -4.87 2.97 6.66
C ASP B 86 -3.45 2.40 6.55
N GLY B 87 -3.23 1.51 5.59
CA GLY B 87 -1.91 0.93 5.44
C GLY B 87 -0.83 1.99 5.34
N PHE B 88 -1.01 2.95 4.46
CA PHE B 88 -0.03 4.00 4.27
C PHE B 88 0.00 5.01 5.41
N LEU B 89 -1.13 5.19 6.07
CA LEU B 89 -1.20 6.12 7.18
C LEU B 89 -0.33 5.57 8.32
N ASP B 90 -0.48 4.28 8.62
CA ASP B 90 0.31 3.67 9.69
C ASP B 90 1.79 3.67 9.34
N VAL B 91 2.11 3.27 8.11
CA VAL B 91 3.50 3.24 7.66
C VAL B 91 4.18 4.59 7.82
N TRP B 92 3.50 5.67 7.45
CA TRP B 92 4.12 6.99 7.58
C TRP B 92 4.14 7.50 9.01
N THR B 93 3.13 7.13 9.80
CA THR B 93 3.12 7.56 11.17
C THR B 93 4.32 6.89 11.85
N TYR B 94 4.53 5.62 11.50
CA TYR B 94 5.64 4.84 12.03
C TYR B 94 6.96 5.48 11.63
N ASN B 95 7.08 5.83 10.35
CA ASN B 95 8.30 6.43 9.85
C ASN B 95 8.64 7.78 10.48
N ALA B 96 7.64 8.63 10.63
CA ALA B 96 7.86 9.96 11.20
C ALA B 96 8.35 9.86 12.64
N GLU B 97 7.56 9.23 13.49
CA GLU B 97 7.89 9.07 14.90
C GLU B 97 9.25 8.38 15.12
N LEU B 98 9.45 7.25 14.47
CA LEU B 98 10.69 6.49 14.60
C LEU B 98 11.94 7.28 14.21
N LEU B 99 11.85 8.06 13.13
CA LEU B 99 13.00 8.84 12.69
C LEU B 99 13.33 9.92 13.72
N VAL B 100 12.30 10.62 14.17
CA VAL B 100 12.50 11.68 15.15
C VAL B 100 13.07 11.11 16.45
N LEU B 101 12.46 10.02 16.90
CA LEU B 101 12.85 9.33 18.11
C LEU B 101 14.33 8.91 18.06
N LEU B 102 14.79 8.50 16.89
CA LEU B 102 16.18 8.09 16.73
C LEU B 102 17.13 9.26 16.56
N GLU B 103 16.69 10.29 15.85
CA GLU B 103 17.54 11.45 15.64
C GLU B 103 17.73 12.26 16.91
N ASN B 104 16.74 12.22 17.80
CA ASN B 104 16.84 12.94 19.06
C ASN B 104 17.96 12.29 19.87
N GLU B 105 17.96 10.96 19.89
CA GLU B 105 18.98 10.19 20.59
C GLU B 105 20.36 10.60 20.06
N ARG B 106 20.50 10.53 18.74
CA ARG B 106 21.77 10.88 18.07
C ARG B 106 22.18 12.32 18.32
N THR B 107 21.20 13.22 18.39
CA THR B 107 21.49 14.63 18.60
C THR B 107 22.13 14.89 19.97
N LEU B 108 21.51 14.37 21.03
CA LEU B 108 22.05 14.56 22.36
C LEU B 108 23.45 13.98 22.43
N ASP B 109 23.61 12.74 21.93
CA ASP B 109 24.92 12.12 21.94
C ASP B 109 25.92 12.98 21.17
N PHE B 110 25.45 13.66 20.13
CA PHE B 110 26.29 14.53 19.33
C PHE B 110 26.86 15.65 20.21
N HIS B 111 25.98 16.30 20.98
CA HIS B 111 26.37 17.37 21.87
C HIS B 111 27.34 16.84 22.92
N ASP B 112 26.93 15.76 23.59
CA ASP B 112 27.75 15.12 24.61
C ASP B 112 29.15 14.93 24.05
N SER B 113 29.22 14.47 22.82
CA SER B 113 30.50 14.25 22.15
C SER B 113 31.22 15.57 21.94
N ASN B 114 30.49 16.61 21.57
CA ASN B 114 31.11 17.92 21.33
C ASN B 114 31.79 18.49 22.56
N VAL B 115 31.15 18.35 23.72
CA VAL B 115 31.72 18.84 24.96
C VAL B 115 33.00 18.07 25.22
N LYS B 116 32.87 16.75 25.31
CA LYS B 116 33.99 15.85 25.54
C LYS B 116 35.20 16.21 24.68
N ASN B 117 34.98 16.50 23.41
CA ASN B 117 36.07 16.85 22.52
C ASN B 117 36.66 18.22 22.84
N LEU B 118 35.82 19.12 23.36
CA LEU B 118 36.28 20.45 23.72
C LEU B 118 37.20 20.33 24.92
N TYR B 119 36.78 19.50 25.88
CA TYR B 119 37.58 19.26 27.07
C TYR B 119 38.92 18.70 26.60
N GLU B 120 38.89 17.48 26.08
CA GLU B 120 40.09 16.81 25.59
C GLU B 120 41.00 17.75 24.80
N LYS B 121 40.43 18.72 24.10
CA LYS B 121 41.23 19.64 23.32
C LYS B 121 41.99 20.58 24.25
N ALA B 122 41.26 21.17 25.20
CA ALA B 122 41.86 22.07 26.16
C ALA B 122 42.88 21.30 27.00
N ARG B 123 42.50 20.09 27.40
CA ARG B 123 43.35 19.22 28.20
C ARG B 123 44.77 19.06 27.64
N SER B 124 44.86 18.59 26.41
CA SER B 124 46.16 18.39 25.79
C SER B 124 46.82 19.72 25.42
N GLN B 125 46.03 20.78 25.37
CA GLN B 125 46.56 22.10 25.03
C GLN B 125 47.39 22.64 26.19
N LEU B 126 46.95 22.34 27.41
CA LEU B 126 47.63 22.79 28.63
C LEU B 126 48.63 21.74 29.10
N ARG B 127 48.11 20.58 29.50
CA ARG B 127 48.92 19.46 29.97
C ARG B 127 49.56 19.65 31.34
N ASN B 128 50.81 20.11 31.34
CA ASN B 128 51.58 20.32 32.56
C ASN B 128 51.26 21.62 33.28
N ASN B 129 51.01 22.67 32.51
CA ASN B 129 50.73 23.99 33.07
C ASN B 129 49.44 24.11 33.87
N ALA B 130 48.85 22.98 34.24
CA ALA B 130 47.61 22.97 35.03
C ALA B 130 47.21 21.54 35.35
N LYS B 131 46.35 21.36 36.36
CA LYS B 131 45.92 20.03 36.74
C LYS B 131 44.41 19.84 36.61
N GLU B 132 44.00 18.59 36.42
CA GLU B 132 42.58 18.26 36.29
C GLU B 132 41.92 18.21 37.66
N ILE B 133 41.04 19.18 37.92
CA ILE B 133 40.33 19.25 39.18
C ILE B 133 39.12 18.32 39.09
N GLY B 134 38.36 18.50 38.02
CA GLY B 134 37.16 17.71 37.79
C GLY B 134 36.08 18.65 37.29
N ASN B 135 34.87 18.14 37.10
CA ASN B 135 33.78 18.98 36.63
C ASN B 135 34.18 19.83 35.44
N GLY B 136 35.20 19.36 34.71
CA GLY B 136 35.67 20.08 33.54
C GLY B 136 36.43 21.35 33.81
N CYS B 137 37.16 21.39 34.92
CA CYS B 137 37.94 22.58 35.24
C CYS B 137 39.43 22.29 35.37
N PHE B 138 40.24 23.25 34.94
CA PHE B 138 41.69 23.12 35.01
C PHE B 138 42.24 24.22 35.92
N GLU B 139 43.04 23.84 36.90
CA GLU B 139 43.63 24.83 37.80
C GLU B 139 45.07 25.04 37.37
N PHE B 140 45.34 26.21 36.80
CA PHE B 140 46.67 26.54 36.31
C PHE B 140 47.73 26.48 37.40
N TYR B 141 48.91 26.98 37.04
CA TYR B 141 50.04 27.05 37.94
C TYR B 141 50.63 28.46 37.82
N HIS B 142 50.90 28.86 36.58
CA HIS B 142 51.46 30.17 36.29
C HIS B 142 50.40 31.26 36.12
N LYS B 143 49.49 31.35 37.08
CA LYS B 143 48.41 32.34 37.08
C LYS B 143 48.10 32.92 35.70
N CYS B 144 47.30 32.18 34.95
CA CYS B 144 46.88 32.54 33.60
C CYS B 144 46.00 33.79 33.61
N ASP B 145 46.56 34.90 33.14
CA ASP B 145 45.85 36.17 33.08
C ASP B 145 44.84 36.19 31.94
N ASP B 146 44.06 37.26 31.86
CA ASP B 146 43.05 37.39 30.82
C ASP B 146 43.61 37.05 29.44
N ALA B 147 44.58 37.84 28.98
CA ALA B 147 45.20 37.61 27.68
C ALA B 147 45.67 36.16 27.57
N CYS B 148 45.94 35.54 28.72
CA CYS B 148 46.38 34.16 28.76
C CYS B 148 45.18 33.22 28.56
N MET B 149 44.09 33.48 29.26
CA MET B 149 42.89 32.66 29.15
C MET B 149 42.43 32.63 27.70
N GLU B 150 42.48 33.79 27.05
CA GLU B 150 42.07 33.90 25.66
C GLU B 150 42.95 33.02 24.77
N SER B 151 44.25 32.97 25.07
CA SER B 151 45.17 32.16 24.28
C SER B 151 44.73 30.70 24.27
N VAL B 152 44.19 30.25 25.39
CA VAL B 152 43.72 28.87 25.50
C VAL B 152 42.48 28.71 24.64
N ARG B 153 41.56 29.67 24.76
CA ARG B 153 40.32 29.65 24.00
C ARG B 153 40.53 29.66 22.49
N ASN B 154 41.26 30.66 21.98
CA ASN B 154 41.50 30.76 20.55
C ASN B 154 42.48 29.69 20.05
N GLY B 155 42.73 28.69 20.89
CA GLY B 155 43.61 27.61 20.51
C GLY B 155 45.10 27.87 20.44
N THR B 156 45.50 29.14 20.39
CA THR B 156 46.92 29.48 20.32
C THR B 156 47.68 28.93 21.52
N TYR B 157 47.62 29.65 22.64
CA TYR B 157 48.32 29.24 23.86
C TYR B 157 49.74 28.80 23.54
N ASP B 158 49.88 27.52 23.17
CA ASP B 158 51.17 26.94 22.79
C ASP B 158 52.30 27.36 23.74
N TYR B 159 52.20 26.93 25.00
CA TYR B 159 53.23 27.25 25.99
C TYR B 159 53.80 25.95 26.55
N PRO B 160 55.11 25.74 26.38
CA PRO B 160 55.77 24.52 26.89
C PRO B 160 55.43 24.21 28.34
N ASP C 5 47.46 -4.53 46.77
CA ASP C 5 46.00 -4.19 46.69
C ASP C 5 45.59 -3.68 45.32
N THR C 6 44.63 -4.35 44.71
CA THR C 6 44.16 -3.98 43.37
C THR C 6 42.64 -3.94 43.21
N LEU C 7 42.18 -3.09 42.30
CA LEU C 7 40.76 -2.94 42.00
C LEU C 7 40.56 -2.88 40.48
N CYS C 8 39.72 -3.77 39.96
CA CYS C 8 39.45 -3.81 38.52
C CYS C 8 37.99 -3.55 38.18
N ILE C 9 37.76 -2.91 37.04
CA ILE C 9 36.40 -2.64 36.54
C ILE C 9 36.14 -3.69 35.46
N GLY C 10 34.98 -4.34 35.52
CA GLY C 10 34.67 -5.35 34.53
C GLY C 10 33.19 -5.47 34.19
N TYR C 11 32.86 -6.44 33.34
CA TYR C 11 31.47 -6.63 32.94
C TYR C 11 31.02 -8.07 33.04
N HIS C 12 29.70 -8.25 33.11
CA HIS C 12 29.06 -9.55 33.23
C HIS C 12 29.35 -10.49 32.07
N ALA C 13 29.20 -11.79 32.34
CA ALA C 13 29.43 -12.82 31.37
C ALA C 13 28.77 -14.09 31.90
N ASN C 14 28.15 -14.87 31.04
CA ASN C 14 27.50 -16.11 31.48
C ASN C 14 27.68 -17.25 30.49
N ASN C 15 26.80 -18.24 30.57
CA ASN C 15 26.88 -19.41 29.69
C ASN C 15 25.87 -19.37 28.55
N SER C 16 25.32 -18.19 28.31
CA SER C 16 24.33 -18.02 27.25
C SER C 16 24.89 -18.29 25.86
N THR C 17 24.09 -18.97 25.05
CA THR C 17 24.46 -19.30 23.69
C THR C 17 23.63 -18.45 22.73
N ASP C 18 22.82 -17.56 23.29
CA ASP C 18 21.96 -16.66 22.50
C ASP C 18 22.78 -15.78 21.58
N THR C 19 22.35 -15.67 20.32
CA THR C 19 23.05 -14.83 19.36
C THR C 19 22.08 -13.90 18.64
N VAL C 20 22.59 -12.73 18.27
CA VAL C 20 21.80 -11.74 17.56
C VAL C 20 22.70 -11.20 16.46
N ASP C 21 22.11 -10.57 15.45
CA ASP C 21 22.89 -10.02 14.36
C ASP C 21 22.88 -8.52 14.43
N THR C 22 23.88 -7.91 13.84
CA THR C 22 23.98 -6.46 13.78
C THR C 22 24.37 -6.14 12.35
N VAL C 23 24.47 -4.85 12.06
CA VAL C 23 24.84 -4.42 10.72
C VAL C 23 26.25 -4.91 10.37
N LEU C 24 27.20 -4.60 11.26
CA LEU C 24 28.61 -4.94 11.08
C LEU C 24 29.01 -6.38 11.36
N GLU C 25 28.21 -7.09 12.15
CA GLU C 25 28.56 -8.46 12.47
C GLU C 25 27.37 -9.40 12.58
N LYS C 26 27.56 -10.63 12.10
CA LYS C 26 26.52 -11.65 12.14
C LYS C 26 26.77 -12.64 13.27
N ASN C 27 25.69 -13.21 13.79
CA ASN C 27 25.76 -14.22 14.84
C ASN C 27 26.63 -13.85 16.05
N VAL C 28 26.21 -12.84 16.80
CA VAL C 28 26.95 -12.40 17.98
C VAL C 28 26.31 -12.92 19.28
N THR C 29 27.06 -13.76 20.00
CA THR C 29 26.60 -14.32 21.26
C THR C 29 26.52 -13.22 22.30
N VAL C 30 25.39 -13.16 23.00
CA VAL C 30 25.18 -12.13 24.02
C VAL C 30 24.66 -12.72 25.34
N THR C 31 24.83 -11.98 26.43
CA THR C 31 24.39 -12.44 27.75
C THR C 31 22.88 -12.61 27.86
N HIS C 32 22.13 -11.56 27.49
CA HIS C 32 20.67 -11.63 27.55
C HIS C 32 20.03 -11.03 26.29
N SER C 33 18.90 -11.59 25.89
CA SER C 33 18.19 -11.13 24.72
C SER C 33 16.73 -11.56 24.80
N VAL C 34 15.88 -10.90 24.01
CA VAL C 34 14.45 -11.23 23.98
C VAL C 34 14.02 -11.59 22.57
N ASN C 35 13.22 -12.64 22.44
CA ASN C 35 12.72 -13.04 21.14
C ASN C 35 11.42 -12.26 20.94
N LEU C 36 11.30 -11.57 19.82
CA LEU C 36 10.10 -10.78 19.52
C LEU C 36 9.22 -11.49 18.50
N LEU C 37 9.67 -12.65 18.03
CA LEU C 37 8.94 -13.40 17.01
C LEU C 37 8.28 -14.67 17.52
N GLU C 38 6.95 -14.69 17.45
CA GLU C 38 6.18 -15.84 17.87
C GLU C 38 6.08 -16.84 16.71
N ASP C 39 6.41 -18.10 16.95
CA ASP C 39 6.33 -19.10 15.89
C ASP C 39 5.60 -20.37 16.30
N SER C 40 4.78 -20.30 17.35
CA SER C 40 4.05 -21.47 17.82
C SER C 40 2.55 -21.32 17.88
N HIS C 41 1.86 -22.41 17.59
CA HIS C 41 0.41 -22.44 17.62
C HIS C 41 -0.03 -23.86 17.93
N ASN C 42 -1.23 -24.01 18.50
CA ASN C 42 -1.73 -25.33 18.89
C ASN C 42 -2.34 -26.15 17.77
N GLY C 43 -2.16 -25.71 16.53
CA GLY C 43 -2.70 -26.45 15.39
C GLY C 43 -4.16 -26.80 15.50
N LYS C 44 -4.94 -25.94 16.17
CA LYS C 44 -6.37 -26.17 16.33
C LYS C 44 -7.22 -24.92 16.08
N LEU C 45 -8.50 -25.14 15.78
CA LEU C 45 -9.44 -24.04 15.56
C LEU C 45 -10.23 -23.95 16.85
N CYS C 46 -9.97 -22.91 17.63
CA CYS C 46 -10.64 -22.74 18.90
C CYS C 46 -11.76 -21.71 18.82
N ARG C 47 -12.40 -21.45 19.95
CA ARG C 47 -13.47 -20.48 19.95
C ARG C 47 -12.96 -19.10 20.36
N LEU C 48 -13.44 -18.07 19.67
CA LEU C 48 -13.07 -16.69 19.95
C LEU C 48 -14.24 -16.03 20.66
N GLY C 49 -13.94 -15.08 21.54
CA GLY C 49 -15.02 -14.41 22.25
C GLY C 49 -16.00 -15.42 22.84
N GLY C 50 -15.47 -16.54 23.31
CA GLY C 50 -16.28 -17.57 23.94
C GLY C 50 -17.38 -18.23 23.10
N ILE C 51 -17.27 -18.11 21.79
CA ILE C 51 -18.25 -18.70 20.89
C ILE C 51 -17.53 -19.59 19.89
N ALA C 52 -18.12 -20.74 19.58
CA ALA C 52 -17.51 -21.65 18.63
C ALA C 52 -17.66 -21.12 17.19
N PRO C 53 -16.78 -21.56 16.29
CA PRO C 53 -16.84 -21.12 14.91
C PRO C 53 -17.87 -21.96 14.15
N LEU C 54 -18.34 -21.45 13.02
CA LEU C 54 -19.31 -22.17 12.22
C LEU C 54 -18.55 -23.07 11.26
N GLN C 55 -18.66 -24.38 11.46
CA GLN C 55 -17.98 -25.35 10.61
C GLN C 55 -18.86 -25.76 9.43
N LEU C 56 -18.59 -25.17 8.27
CA LEU C 56 -19.36 -25.48 7.08
C LEU C 56 -19.02 -26.87 6.54
N GLY C 57 -17.80 -27.31 6.81
CA GLY C 57 -17.34 -28.62 6.38
C GLY C 57 -17.45 -28.92 4.89
N LYS C 58 -18.41 -29.77 4.56
CA LYS C 58 -18.66 -30.21 3.20
C LYS C 58 -19.35 -29.14 2.37
N CYS C 59 -19.92 -28.15 3.05
CA CYS C 59 -20.65 -27.06 2.39
C CYS C 59 -19.87 -25.74 2.33
N ASN C 60 -20.33 -24.84 1.46
CA ASN C 60 -19.73 -23.51 1.32
C ASN C 60 -20.84 -22.53 1.63
N ILE C 61 -20.52 -21.24 1.72
CA ILE C 61 -21.54 -20.26 2.04
C ILE C 61 -22.81 -20.42 1.22
N ALA C 62 -22.68 -20.60 -0.10
CA ALA C 62 -23.88 -20.75 -0.94
C ALA C 62 -24.77 -21.88 -0.41
N GLY C 63 -24.18 -23.06 -0.23
CA GLY C 63 -24.94 -24.19 0.29
C GLY C 63 -25.60 -23.90 1.62
N TRP C 64 -24.89 -23.18 2.49
CA TRP C 64 -25.41 -22.81 3.80
C TRP C 64 -26.59 -21.82 3.72
N LEU C 65 -26.47 -20.78 2.91
CA LEU C 65 -27.55 -19.80 2.82
C LEU C 65 -28.75 -20.32 2.02
N LEU C 66 -28.48 -21.05 0.94
CA LEU C 66 -29.57 -21.60 0.12
C LEU C 66 -30.19 -22.81 0.79
N GLY C 67 -29.42 -23.49 1.63
CA GLY C 67 -29.94 -24.66 2.31
C GLY C 67 -29.83 -25.91 1.47
N ASN C 68 -28.65 -26.12 0.91
CA ASN C 68 -28.37 -27.29 0.09
C ASN C 68 -28.77 -28.49 0.95
N PRO C 69 -29.40 -29.51 0.35
CA PRO C 69 -29.84 -30.72 1.06
C PRO C 69 -28.77 -31.43 1.88
N GLU C 70 -27.51 -31.30 1.47
CA GLU C 70 -26.43 -31.95 2.22
C GLU C 70 -25.86 -31.09 3.33
N CYS C 71 -26.59 -30.04 3.74
CA CYS C 71 -26.08 -29.17 4.79
C CYS C 71 -27.04 -29.02 5.97
N ASP C 72 -28.01 -29.92 6.08
CA ASP C 72 -28.98 -29.87 7.16
C ASP C 72 -28.37 -29.76 8.57
N LEU C 73 -27.11 -30.16 8.74
CA LEU C 73 -26.47 -30.05 10.05
C LEU C 73 -26.37 -28.60 10.49
N LEU C 74 -26.19 -27.70 9.53
CA LEU C 74 -26.05 -26.27 9.80
C LEU C 74 -27.35 -25.54 10.10
N LEU C 75 -28.48 -26.17 9.76
CA LEU C 75 -29.79 -25.56 9.96
C LEU C 75 -30.06 -25.00 11.35
N THR C 76 -29.42 -25.58 12.36
CA THR C 76 -29.61 -25.17 13.74
C THR C 76 -28.69 -24.03 14.18
N VAL C 77 -27.60 -23.81 13.44
CA VAL C 77 -26.66 -22.75 13.79
C VAL C 77 -27.20 -21.37 13.46
N SER C 78 -27.10 -20.45 14.41
CA SER C 78 -27.60 -19.10 14.18
C SER C 78 -26.67 -18.07 14.81
N SER C 79 -25.53 -18.53 15.32
CA SER C 79 -24.55 -17.67 15.97
C SER C 79 -23.14 -18.25 15.79
N TRP C 80 -22.14 -17.41 15.57
CA TRP C 80 -20.78 -17.91 15.37
C TRP C 80 -19.73 -16.80 15.55
N SER C 81 -18.50 -17.21 15.86
CA SER C 81 -17.42 -16.24 16.06
C SER C 81 -16.58 -16.05 14.79
N TYR C 82 -16.75 -16.98 13.86
CA TYR C 82 -16.07 -16.97 12.57
C TYR C 82 -16.47 -18.21 11.81
N ILE C 83 -16.41 -18.14 10.48
CA ILE C 83 -16.81 -19.25 9.62
C ILE C 83 -15.63 -20.02 9.07
N VAL C 84 -15.79 -21.33 8.95
CA VAL C 84 -14.71 -22.15 8.43
C VAL C 84 -15.07 -22.97 7.19
N GLU C 85 -14.36 -22.72 6.10
CA GLU C 85 -14.57 -23.50 4.89
C GLU C 85 -13.38 -24.45 4.81
N THR C 86 -13.60 -25.65 4.31
CA THR C 86 -12.51 -26.62 4.22
C THR C 86 -12.12 -26.87 2.77
N SER C 87 -11.07 -27.67 2.58
CA SER C 87 -10.61 -27.98 1.24
C SER C 87 -11.67 -28.79 0.50
N ASN C 88 -12.68 -29.27 1.23
CA ASN C 88 -13.74 -30.07 0.62
C ASN C 88 -15.11 -29.40 0.71
N SER C 89 -15.15 -28.07 0.77
CA SER C 89 -16.42 -27.35 0.84
C SER C 89 -16.99 -27.24 -0.57
N ASP C 90 -17.66 -28.28 -1.03
CA ASP C 90 -18.21 -28.30 -2.38
C ASP C 90 -19.72 -28.26 -2.51
N ASN C 91 -20.44 -28.62 -1.45
CA ASN C 91 -21.89 -28.58 -1.52
C ASN C 91 -22.36 -27.12 -1.49
N GLY C 92 -22.67 -26.58 -2.67
CA GLY C 92 -23.11 -25.20 -2.78
C GLY C 92 -24.42 -25.14 -3.53
N THR C 93 -24.39 -24.72 -4.79
CA THR C 93 -25.62 -24.69 -5.56
C THR C 93 -25.70 -26.03 -6.27
N CYS C 94 -26.58 -26.91 -5.81
CA CYS C 94 -26.70 -28.22 -6.44
C CYS C 94 -27.31 -28.06 -7.83
N TYR C 95 -28.34 -27.23 -7.97
CA TYR C 95 -28.89 -27.01 -9.30
C TYR C 95 -27.94 -26.00 -9.94
N PRO C 96 -27.45 -26.29 -11.15
CA PRO C 96 -26.53 -25.40 -11.85
C PRO C 96 -27.06 -24.00 -12.19
N GLY C 97 -26.21 -23.00 -11.97
CA GLY C 97 -26.57 -21.62 -12.24
C GLY C 97 -25.53 -20.62 -11.74
N ASP C 98 -25.86 -19.35 -11.87
CA ASP C 98 -24.97 -18.29 -11.45
C ASP C 98 -25.46 -17.66 -10.15
N PHE C 99 -24.58 -17.49 -9.17
CA PHE C 99 -24.94 -16.87 -7.90
C PHE C 99 -24.42 -15.45 -8.05
N ILE C 100 -25.34 -14.52 -8.31
CA ILE C 100 -24.99 -13.14 -8.53
C ILE C 100 -24.40 -12.41 -7.33
N ASP C 101 -23.26 -11.77 -7.56
CA ASP C 101 -22.58 -11.02 -6.50
C ASP C 101 -22.38 -11.88 -5.28
N TYR C 102 -21.95 -13.12 -5.51
CA TYR C 102 -21.67 -14.06 -4.45
C TYR C 102 -20.55 -13.55 -3.54
N GLU C 103 -19.46 -13.09 -4.14
CA GLU C 103 -18.31 -12.57 -3.39
C GLU C 103 -18.71 -11.40 -2.48
N GLU C 104 -19.60 -10.54 -2.97
CA GLU C 104 -20.06 -9.42 -2.18
C GLU C 104 -20.81 -9.92 -0.96
N LEU C 105 -21.66 -10.92 -1.15
CA LEU C 105 -22.42 -11.49 -0.04
C LEU C 105 -21.44 -11.99 1.02
N ARG C 106 -20.46 -12.79 0.58
CA ARG C 106 -19.47 -13.33 1.50
C ARG C 106 -18.79 -12.21 2.28
N GLU C 107 -18.53 -11.09 1.62
CA GLU C 107 -17.89 -9.94 2.26
C GLU C 107 -18.81 -9.36 3.35
N GLN C 108 -20.10 -9.28 3.04
CA GLN C 108 -21.10 -8.76 3.97
C GLN C 108 -21.15 -9.59 5.26
N LEU C 109 -20.99 -10.89 5.09
CA LEU C 109 -21.01 -11.81 6.23
C LEU C 109 -19.86 -11.59 7.19
N SER C 110 -18.81 -10.91 6.72
CA SER C 110 -17.63 -10.63 7.53
C SER C 110 -17.91 -10.12 8.93
N SER C 111 -18.84 -9.18 9.03
CA SER C 111 -19.15 -8.60 10.34
C SER C 111 -20.46 -9.08 10.95
N VAL C 112 -20.97 -10.19 10.42
CA VAL C 112 -22.20 -10.77 10.95
C VAL C 112 -21.84 -11.76 12.05
N SER C 113 -22.34 -11.52 13.25
CA SER C 113 -22.04 -12.40 14.37
C SER C 113 -23.11 -13.49 14.50
N SER C 114 -24.33 -13.18 14.07
CA SER C 114 -25.42 -14.14 14.13
C SER C 114 -26.60 -13.59 13.36
N PHE C 115 -27.62 -14.42 13.19
CA PHE C 115 -28.81 -13.97 12.52
C PHE C 115 -30.05 -14.63 13.09
N GLU C 116 -31.21 -14.08 12.74
CA GLU C 116 -32.49 -14.62 13.17
C GLU C 116 -33.19 -15.13 11.92
N LYS C 117 -33.06 -16.42 11.66
CA LYS C 117 -33.68 -17.04 10.51
C LYS C 117 -35.19 -17.08 10.73
N PHE C 118 -35.94 -16.80 9.68
CA PHE C 118 -37.39 -16.83 9.79
C PHE C 118 -38.03 -17.24 8.45
N GLU C 119 -39.28 -17.67 8.51
CA GLU C 119 -39.95 -18.06 7.28
C GLU C 119 -40.70 -16.85 6.72
N ILE C 120 -39.95 -16.02 6.00
CA ILE C 120 -40.50 -14.82 5.39
C ILE C 120 -41.78 -15.09 4.59
N PHE C 121 -41.79 -16.19 3.83
CA PHE C 121 -42.96 -16.56 3.04
C PHE C 121 -43.33 -18.01 3.35
N PRO C 122 -44.14 -18.22 4.39
CA PRO C 122 -44.56 -19.59 4.76
C PRO C 122 -45.04 -20.39 3.54
N LYS C 123 -44.44 -21.56 3.36
CA LYS C 123 -44.77 -22.45 2.25
C LYS C 123 -46.22 -22.92 2.18
N THR C 124 -46.79 -23.30 3.32
CA THR C 124 -48.16 -23.81 3.35
C THR C 124 -49.27 -22.78 3.27
N SER C 125 -48.94 -21.50 3.06
CA SER C 125 -50.00 -20.50 3.02
C SER C 125 -49.74 -19.21 2.24
N SER C 126 -48.59 -19.10 1.61
CA SER C 126 -48.28 -17.88 0.87
C SER C 126 -48.68 -17.93 -0.60
N TRP C 127 -48.78 -19.14 -1.14
CA TRP C 127 -49.09 -19.29 -2.55
C TRP C 127 -50.32 -20.15 -2.82
N PRO C 128 -51.51 -19.62 -2.50
CA PRO C 128 -52.79 -20.31 -2.70
C PRO C 128 -53.06 -20.74 -4.13
N ASN C 129 -52.59 -19.94 -5.07
CA ASN C 129 -52.82 -20.22 -6.49
C ASN C 129 -51.64 -20.79 -7.26
N HIS C 130 -50.75 -21.50 -6.59
CA HIS C 130 -49.58 -22.07 -7.26
C HIS C 130 -49.18 -23.37 -6.60
N GLU C 131 -48.62 -24.29 -7.37
CA GLU C 131 -48.21 -25.57 -6.83
C GLU C 131 -46.96 -25.35 -5.98
N THR C 132 -46.98 -25.86 -4.76
CA THR C 132 -45.84 -25.68 -3.86
C THR C 132 -45.25 -27.02 -3.45
N THR C 133 -45.77 -28.10 -4.03
CA THR C 133 -45.29 -29.44 -3.68
C THR C 133 -44.47 -30.15 -4.76
N ARG C 134 -44.27 -29.51 -5.91
CA ARG C 134 -43.51 -30.17 -6.97
C ARG C 134 -42.17 -29.53 -7.32
N GLY C 135 -41.68 -28.65 -6.46
CA GLY C 135 -40.41 -28.00 -6.75
C GLY C 135 -39.17 -28.78 -6.36
N VAL C 136 -39.06 -30.02 -6.82
CA VAL C 136 -37.90 -30.85 -6.51
C VAL C 136 -37.14 -31.22 -7.78
N THR C 137 -35.90 -31.64 -7.61
CA THR C 137 -35.04 -32.01 -8.74
C THR C 137 -34.02 -33.05 -8.31
N ALA C 138 -33.50 -33.78 -9.30
CA ALA C 138 -32.51 -34.83 -9.04
C ALA C 138 -31.12 -34.23 -8.83
N ALA C 139 -30.97 -32.95 -9.16
CA ALA C 139 -29.70 -32.26 -8.99
C ALA C 139 -29.50 -31.94 -7.52
N CYS C 140 -30.59 -31.95 -6.76
CA CYS C 140 -30.52 -31.65 -5.33
C CYS C 140 -31.20 -32.78 -4.54
N PRO C 141 -30.59 -33.97 -4.58
CA PRO C 141 -31.12 -35.14 -3.88
C PRO C 141 -30.91 -35.17 -2.37
N TYR C 142 -31.79 -35.89 -1.70
CA TYR C 142 -31.70 -36.09 -0.27
C TYR C 142 -32.13 -37.52 0.01
N ALA C 143 -31.27 -38.28 0.68
CA ALA C 143 -31.59 -39.66 1.00
C ALA C 143 -32.03 -40.40 -0.27
N GLY C 144 -31.24 -40.24 -1.33
CA GLY C 144 -31.54 -40.90 -2.59
C GLY C 144 -32.64 -40.30 -3.44
N ALA C 145 -33.65 -39.69 -2.80
CA ALA C 145 -34.76 -39.09 -3.55
C ALA C 145 -34.47 -37.68 -4.05
N SER C 146 -35.39 -37.15 -4.84
CA SER C 146 -35.21 -35.79 -5.36
C SER C 146 -35.66 -34.80 -4.29
N SER C 147 -34.96 -33.67 -4.23
CA SER C 147 -35.26 -32.67 -3.23
C SER C 147 -34.95 -31.28 -3.76
N PHE C 148 -34.69 -30.36 -2.83
CA PHE C 148 -34.38 -28.98 -3.18
C PHE C 148 -33.81 -28.24 -1.99
N TYR C 149 -33.57 -26.94 -2.18
CA TYR C 149 -33.03 -26.08 -1.13
C TYR C 149 -34.06 -25.95 -0.02
N ARG C 150 -33.58 -25.91 1.22
CA ARG C 150 -34.47 -25.79 2.37
C ARG C 150 -34.99 -24.37 2.52
N ASN C 151 -34.18 -23.38 2.13
CA ASN C 151 -34.57 -21.99 2.28
C ASN C 151 -35.28 -21.33 1.09
N LEU C 152 -35.37 -22.04 -0.03
CA LEU C 152 -36.05 -21.51 -1.22
C LEU C 152 -37.25 -22.40 -1.56
N LEU C 153 -38.22 -21.85 -2.28
CA LEU C 153 -39.41 -22.62 -2.65
C LEU C 153 -39.65 -22.55 -4.16
N TRP C 154 -39.39 -23.64 -4.86
CA TRP C 154 -39.59 -23.71 -6.32
C TRP C 154 -41.06 -23.87 -6.67
N LEU C 155 -41.70 -22.78 -7.08
CA LEU C 155 -43.12 -22.78 -7.44
C LEU C 155 -43.34 -23.19 -8.89
N VAL C 156 -44.41 -23.95 -9.14
CA VAL C 156 -44.76 -24.36 -10.50
C VAL C 156 -46.26 -24.17 -10.68
N LYS C 157 -46.71 -24.17 -11.93
CA LYS C 157 -48.13 -23.98 -12.23
C LYS C 157 -49.05 -24.95 -11.51
N LYS C 158 -50.28 -24.50 -11.25
CA LYS C 158 -51.28 -25.29 -10.57
C LYS C 158 -52.43 -25.54 -11.54
N GLY C 159 -52.84 -26.79 -11.70
CA GLY C 159 -53.92 -27.13 -12.62
C GLY C 159 -53.84 -26.41 -13.96
N ASN C 160 -52.66 -26.47 -14.59
CA ASN C 160 -52.44 -25.83 -15.89
C ASN C 160 -52.68 -24.33 -15.87
N SER C 161 -52.30 -23.70 -14.78
CA SER C 161 -52.46 -22.26 -14.66
C SER C 161 -51.42 -21.64 -13.72
N TYR C 162 -50.84 -20.53 -14.15
CA TYR C 162 -49.85 -19.83 -13.35
C TYR C 162 -50.22 -18.35 -13.42
N PRO C 163 -51.13 -17.91 -12.53
CA PRO C 163 -51.61 -16.52 -12.44
C PRO C 163 -50.47 -15.59 -12.07
N LYS C 164 -50.68 -14.30 -12.24
CA LYS C 164 -49.64 -13.34 -11.89
C LYS C 164 -49.62 -13.26 -10.37
N LEU C 165 -48.53 -13.70 -9.76
CA LEU C 165 -48.41 -13.66 -8.31
C LEU C 165 -47.76 -12.37 -7.81
N SER C 166 -48.21 -11.91 -6.63
CA SER C 166 -47.67 -10.69 -6.05
C SER C 166 -47.58 -10.89 -4.54
N LYS C 167 -46.36 -10.93 -4.03
CA LYS C 167 -46.13 -11.14 -2.60
C LYS C 167 -45.16 -10.10 -2.06
N SER C 168 -45.51 -9.49 -0.93
CA SER C 168 -44.65 -8.47 -0.35
C SER C 168 -44.31 -8.77 1.10
N TYR C 169 -43.18 -8.21 1.55
CA TYR C 169 -42.74 -8.40 2.93
C TYR C 169 -42.15 -7.09 3.47
N VAL C 170 -42.62 -6.70 4.65
CA VAL C 170 -42.14 -5.47 5.29
C VAL C 170 -41.14 -5.80 6.39
N ASN C 171 -39.91 -5.31 6.23
CA ASN C 171 -38.87 -5.54 7.22
C ASN C 171 -39.29 -4.87 8.52
N ASN C 172 -39.79 -5.70 9.42
CA ASN C 172 -40.28 -5.31 10.74
C ASN C 172 -39.25 -5.61 11.85
N LYS C 173 -38.16 -6.27 11.48
CA LYS C 173 -37.14 -6.71 12.42
C LYS C 173 -36.21 -5.70 13.10
N GLY C 174 -36.26 -4.44 12.67
CA GLY C 174 -35.38 -3.45 13.28
C GLY C 174 -33.93 -3.64 12.88
N LYS C 175 -33.69 -4.43 11.83
CA LYS C 175 -32.34 -4.68 11.35
C LYS C 175 -32.38 -5.20 9.91
N GLU C 176 -31.24 -5.20 9.23
CA GLU C 176 -31.15 -5.69 7.85
C GLU C 176 -31.72 -7.09 7.76
N VAL C 177 -32.32 -7.40 6.61
CA VAL C 177 -32.86 -8.73 6.36
C VAL C 177 -32.32 -9.20 5.02
N LEU C 178 -31.61 -10.31 5.05
CA LEU C 178 -31.03 -10.89 3.84
C LEU C 178 -32.09 -11.74 3.16
N VAL C 179 -32.47 -11.35 1.94
CA VAL C 179 -33.47 -12.11 1.20
C VAL C 179 -32.81 -12.73 -0.04
N LEU C 180 -33.01 -14.03 -0.20
CA LEU C 180 -32.45 -14.76 -1.34
C LEU C 180 -33.58 -15.37 -2.17
N TRP C 181 -33.33 -15.53 -3.46
CA TRP C 181 -34.32 -16.12 -4.34
C TRP C 181 -33.65 -16.54 -5.64
N GLY C 182 -34.38 -17.27 -6.47
CA GLY C 182 -33.80 -17.70 -7.73
C GLY C 182 -34.74 -17.52 -8.90
N VAL C 183 -34.18 -17.54 -10.10
CA VAL C 183 -34.95 -17.43 -11.33
C VAL C 183 -34.56 -18.66 -12.14
N HIS C 184 -35.54 -19.51 -12.43
CA HIS C 184 -35.27 -20.72 -13.20
C HIS C 184 -35.33 -20.47 -14.71
N HIS C 185 -34.44 -21.16 -15.43
CA HIS C 185 -34.37 -21.05 -16.89
C HIS C 185 -34.40 -22.45 -17.53
N PRO C 186 -35.60 -22.89 -17.96
CA PRO C 186 -35.76 -24.21 -18.60
C PRO C 186 -35.03 -24.31 -19.94
N PRO C 187 -34.59 -25.52 -20.32
CA PRO C 187 -33.87 -25.76 -21.57
C PRO C 187 -34.70 -25.65 -22.86
N THR C 188 -36.02 -25.87 -22.77
CA THR C 188 -36.89 -25.78 -23.95
C THR C 188 -38.23 -25.13 -23.62
N SER C 189 -38.88 -24.56 -24.64
CA SER C 189 -40.17 -23.91 -24.47
C SER C 189 -41.24 -24.90 -24.01
N THR C 190 -40.96 -26.19 -24.21
CA THR C 190 -41.89 -27.24 -23.79
C THR C 190 -41.86 -27.24 -22.27
N ASP C 191 -40.65 -27.35 -21.72
CA ASP C 191 -40.46 -27.35 -20.28
C ASP C 191 -41.04 -26.08 -19.67
N GLN C 192 -40.84 -24.97 -20.38
CA GLN C 192 -41.34 -23.68 -19.93
C GLN C 192 -42.84 -23.69 -19.70
N GLN C 193 -43.56 -24.39 -20.56
CA GLN C 193 -45.00 -24.45 -20.42
C GLN C 193 -45.41 -25.54 -19.44
N SER C 194 -44.64 -26.62 -19.41
CA SER C 194 -44.94 -27.72 -18.50
C SER C 194 -44.84 -27.21 -17.08
N LEU C 195 -43.91 -26.26 -16.89
CA LEU C 195 -43.68 -25.69 -15.58
C LEU C 195 -44.48 -24.44 -15.25
N TYR C 196 -44.63 -23.53 -16.20
CA TYR C 196 -45.34 -22.28 -15.91
C TYR C 196 -46.42 -21.81 -16.89
N GLN C 197 -46.79 -22.65 -17.87
CA GLN C 197 -47.81 -22.28 -18.85
C GLN C 197 -47.37 -21.08 -19.68
N ASN C 198 -47.36 -19.91 -19.04
CA ASN C 198 -46.99 -18.66 -19.69
C ASN C 198 -45.65 -18.77 -20.42
N ALA C 199 -45.69 -18.51 -21.72
CA ALA C 199 -44.49 -18.58 -22.52
C ALA C 199 -43.68 -17.31 -22.34
N ASP C 200 -44.38 -16.19 -22.16
CA ASP C 200 -43.68 -14.93 -21.97
C ASP C 200 -43.79 -14.46 -20.52
N ALA C 201 -43.18 -15.25 -19.64
CA ALA C 201 -43.17 -14.96 -18.21
C ALA C 201 -42.08 -13.95 -17.85
N TYR C 202 -42.11 -13.50 -16.61
CA TYR C 202 -41.13 -12.55 -16.12
C TYR C 202 -41.21 -12.55 -14.61
N VAL C 203 -40.10 -12.23 -13.97
CA VAL C 203 -40.04 -12.15 -12.53
C VAL C 203 -39.63 -10.70 -12.26
N SER C 204 -40.36 -10.04 -11.37
CA SER C 204 -40.05 -8.66 -11.04
C SER C 204 -39.83 -8.58 -9.53
N VAL C 205 -38.78 -7.88 -9.10
CA VAL C 205 -38.47 -7.75 -7.69
C VAL C 205 -38.12 -6.30 -7.36
N GLY C 206 -38.78 -5.75 -6.34
CA GLY C 206 -38.50 -4.38 -5.98
C GLY C 206 -38.63 -4.00 -4.52
N SER C 207 -37.79 -3.07 -4.10
CA SER C 207 -37.79 -2.54 -2.75
C SER C 207 -37.57 -1.04 -2.97
N SER C 208 -37.26 -0.29 -1.93
CA SER C 208 -37.04 1.14 -2.10
C SER C 208 -35.75 1.40 -2.87
N LYS C 209 -34.81 0.48 -2.74
CA LYS C 209 -33.51 0.60 -3.38
C LYS C 209 -33.17 -0.49 -4.41
N TYR C 210 -33.91 -1.59 -4.38
CA TYR C 210 -33.66 -2.66 -5.33
C TYR C 210 -34.76 -2.64 -6.38
N ASP C 211 -34.40 -2.94 -7.62
CA ASP C 211 -35.36 -2.94 -8.72
C ASP C 211 -34.80 -3.69 -9.93
N ARG C 212 -35.34 -4.87 -10.21
CA ARG C 212 -34.83 -5.65 -11.32
C ARG C 212 -35.91 -6.56 -11.91
N ARG C 213 -35.84 -6.76 -13.23
CA ARG C 213 -36.81 -7.60 -13.91
C ARG C 213 -36.06 -8.73 -14.58
N PHE C 214 -36.56 -9.96 -14.42
CA PHE C 214 -35.88 -11.11 -15.00
C PHE C 214 -36.74 -11.78 -16.06
N THR C 215 -36.09 -12.16 -17.16
CA THR C 215 -36.76 -12.82 -18.26
C THR C 215 -36.15 -14.19 -18.52
N PRO C 216 -36.99 -15.21 -18.66
CA PRO C 216 -36.52 -16.57 -18.91
C PRO C 216 -35.63 -16.63 -20.13
N GLU C 217 -34.56 -17.42 -20.05
CA GLU C 217 -33.67 -17.56 -21.20
C GLU C 217 -33.67 -19.03 -21.56
N ILE C 218 -34.65 -19.43 -22.36
CA ILE C 218 -34.76 -20.81 -22.78
C ILE C 218 -33.61 -21.21 -23.68
N ALA C 219 -32.87 -22.24 -23.28
CA ALA C 219 -31.74 -22.73 -24.05
C ALA C 219 -31.19 -23.99 -23.39
N ALA C 220 -30.65 -24.89 -24.20
CA ALA C 220 -30.07 -26.12 -23.68
C ALA C 220 -28.58 -25.92 -23.46
N ARG C 221 -28.19 -25.75 -22.20
CA ARG C 221 -26.79 -25.55 -21.90
C ARG C 221 -26.17 -26.92 -21.65
N PRO C 222 -24.84 -27.03 -21.72
CA PRO C 222 -24.21 -28.33 -21.48
C PRO C 222 -24.69 -28.81 -20.10
N LYS C 223 -25.05 -30.09 -20.00
CA LYS C 223 -25.54 -30.60 -18.73
C LYS C 223 -24.55 -30.59 -17.58
N VAL C 224 -25.02 -30.12 -16.43
CA VAL C 224 -24.25 -30.08 -15.20
C VAL C 224 -25.19 -30.73 -14.18
N ARG C 225 -24.68 -31.70 -13.43
CA ARG C 225 -25.50 -32.43 -12.47
C ARG C 225 -26.76 -32.90 -13.21
N GLY C 226 -26.59 -33.21 -14.49
CA GLY C 226 -27.69 -33.69 -15.30
C GLY C 226 -28.68 -32.67 -15.82
N GLN C 227 -28.44 -31.39 -15.60
CA GLN C 227 -29.38 -30.37 -16.07
C GLN C 227 -28.88 -29.54 -17.24
N ALA C 228 -29.77 -29.32 -18.21
CA ALA C 228 -29.43 -28.49 -19.36
C ALA C 228 -29.95 -27.09 -19.04
N GLY C 229 -30.88 -27.03 -18.09
CA GLY C 229 -31.45 -25.77 -17.66
C GLY C 229 -30.53 -25.07 -16.68
N ARG C 230 -30.88 -23.86 -16.25
CA ARG C 230 -30.05 -23.09 -15.33
C ARG C 230 -30.90 -22.36 -14.31
N MET C 231 -30.32 -22.11 -13.13
CA MET C 231 -31.02 -21.39 -12.08
C MET C 231 -30.10 -20.32 -11.50
N ASN C 232 -30.50 -19.06 -11.64
CA ASN C 232 -29.70 -17.95 -11.11
C ASN C 232 -30.16 -17.52 -9.72
N TYR C 233 -29.20 -17.32 -8.83
CA TYR C 233 -29.52 -16.92 -7.47
C TYR C 233 -29.21 -15.45 -7.20
N TYR C 234 -30.16 -14.78 -6.56
CA TYR C 234 -30.01 -13.37 -6.26
C TYR C 234 -30.30 -13.08 -4.80
N TRP C 235 -29.83 -11.94 -4.34
CA TRP C 235 -30.05 -11.53 -2.96
C TRP C 235 -30.04 -10.02 -2.83
N THR C 236 -30.60 -9.54 -1.73
CA THR C 236 -30.59 -8.13 -1.45
C THR C 236 -30.72 -8.01 0.07
N LEU C 237 -30.26 -6.90 0.62
CA LEU C 237 -30.37 -6.68 2.06
C LEU C 237 -31.47 -5.67 2.23
N LEU C 238 -32.61 -6.10 2.76
CA LEU C 238 -33.74 -5.22 2.95
C LEU C 238 -33.53 -4.39 4.21
N GLU C 239 -33.57 -3.07 4.08
CA GLU C 239 -33.35 -2.19 5.22
C GLU C 239 -34.54 -2.12 6.16
N PRO C 240 -34.26 -1.86 7.44
CA PRO C 240 -35.32 -1.78 8.46
C PRO C 240 -36.43 -0.87 7.97
N GLY C 241 -37.65 -1.39 7.93
CA GLY C 241 -38.77 -0.58 7.50
C GLY C 241 -39.05 -0.58 6.01
N ASP C 242 -38.09 -1.03 5.20
CA ASP C 242 -38.30 -1.05 3.76
C ASP C 242 -39.21 -2.22 3.41
N THR C 243 -39.68 -2.27 2.18
CA THR C 243 -40.56 -3.34 1.73
C THR C 243 -40.03 -3.95 0.42
N ILE C 244 -40.14 -5.27 0.30
CA ILE C 244 -39.71 -5.95 -0.91
C ILE C 244 -40.91 -6.67 -1.49
N THR C 245 -41.13 -6.49 -2.79
CA THR C 245 -42.26 -7.10 -3.48
C THR C 245 -41.83 -7.98 -4.65
N PHE C 246 -42.42 -9.17 -4.73
CA PHE C 246 -42.12 -10.10 -5.80
C PHE C 246 -43.34 -10.21 -6.71
N GLU C 247 -43.12 -10.07 -8.02
CA GLU C 247 -44.18 -10.20 -9.02
C GLU C 247 -43.68 -11.20 -10.04
N ALA C 248 -44.48 -12.22 -10.35
CA ALA C 248 -44.04 -13.20 -11.32
C ALA C 248 -45.17 -13.89 -12.08
N THR C 249 -44.86 -14.27 -13.32
CA THR C 249 -45.82 -14.98 -14.16
C THR C 249 -45.19 -16.33 -14.50
N GLY C 250 -44.15 -16.68 -13.73
CA GLY C 250 -43.45 -17.95 -13.91
C GLY C 250 -41.98 -17.86 -13.58
N ASN C 251 -41.30 -19.01 -13.53
CA ASN C 251 -39.85 -19.06 -13.30
C ASN C 251 -39.27 -18.57 -11.96
N LEU C 252 -40.14 -18.26 -11.00
CA LEU C 252 -39.66 -17.76 -9.71
C LEU C 252 -39.40 -18.83 -8.67
N VAL C 253 -38.17 -18.87 -8.17
CA VAL C 253 -37.83 -19.81 -7.11
C VAL C 253 -37.92 -18.90 -5.89
N ALA C 254 -39.13 -18.80 -5.35
CA ALA C 254 -39.42 -17.93 -4.23
C ALA C 254 -38.63 -18.13 -2.95
N PRO C 255 -38.49 -17.04 -2.19
CA PRO C 255 -37.77 -17.13 -0.92
C PRO C 255 -38.70 -17.85 0.03
N ARG C 256 -38.15 -18.68 0.92
CA ARG C 256 -38.95 -19.34 1.92
C ARG C 256 -38.41 -18.87 3.26
N TYR C 257 -37.10 -19.01 3.46
CA TYR C 257 -36.47 -18.56 4.70
C TYR C 257 -35.51 -17.40 4.44
N ALA C 258 -35.60 -16.37 5.28
CA ALA C 258 -34.72 -15.22 5.15
C ALA C 258 -33.94 -15.08 6.44
N PHE C 259 -32.98 -14.16 6.48
CA PHE C 259 -32.16 -13.98 7.67
C PHE C 259 -32.01 -12.56 8.16
N ALA C 260 -32.49 -12.30 9.37
CA ALA C 260 -32.38 -10.99 9.99
C ALA C 260 -30.96 -11.03 10.55
N LEU C 261 -30.09 -10.16 10.05
CA LEU C 261 -28.69 -10.15 10.46
C LEU C 261 -28.32 -9.30 11.68
N ASN C 262 -27.39 -9.80 12.47
CA ASN C 262 -26.90 -9.07 13.63
C ASN C 262 -25.42 -8.82 13.43
N ARG C 263 -25.00 -7.57 13.56
CA ARG C 263 -23.59 -7.24 13.38
C ARG C 263 -22.81 -7.38 14.69
N GLY C 264 -21.56 -7.81 14.59
CA GLY C 264 -20.71 -8.00 15.76
C GLY C 264 -19.28 -7.61 15.42
N SER C 265 -19.08 -7.32 14.14
CA SER C 265 -17.79 -6.90 13.60
C SER C 265 -16.52 -7.63 14.05
N GLY C 266 -15.48 -7.47 13.22
CA GLY C 266 -14.19 -8.06 13.49
C GLY C 266 -14.06 -9.55 13.25
N SER C 267 -14.67 -10.04 12.18
CA SER C 267 -14.59 -11.47 11.90
C SER C 267 -14.46 -11.78 10.41
N GLY C 268 -14.80 -13.00 10.04
CA GLY C 268 -14.71 -13.37 8.63
C GLY C 268 -14.74 -14.86 8.37
N ILE C 269 -14.36 -15.22 7.15
CA ILE C 269 -14.35 -16.60 6.73
C ILE C 269 -12.92 -17.04 6.49
N ILE C 270 -12.55 -18.21 7.01
CA ILE C 270 -11.21 -18.71 6.77
C ILE C 270 -11.35 -20.10 6.18
N THR C 271 -10.30 -20.54 5.50
CA THR C 271 -10.30 -21.86 4.91
C THR C 271 -9.26 -22.65 5.67
N SER C 272 -9.69 -23.76 6.28
CA SER C 272 -8.78 -24.57 7.07
C SER C 272 -9.26 -25.99 7.30
N ASP C 273 -8.32 -26.92 7.30
CA ASP C 273 -8.65 -28.32 7.54
C ASP C 273 -8.19 -28.68 8.94
N ALA C 274 -7.80 -27.67 9.71
CA ALA C 274 -7.37 -27.93 11.08
C ALA C 274 -8.64 -28.34 11.83
N PRO C 275 -8.47 -29.08 12.93
CA PRO C 275 -9.64 -29.52 13.71
C PRO C 275 -10.12 -28.52 14.75
N VAL C 276 -11.43 -28.44 14.92
CA VAL C 276 -12.03 -27.56 15.92
C VAL C 276 -12.00 -28.31 17.25
N HIS C 277 -11.54 -27.65 18.32
CA HIS C 277 -11.48 -28.28 19.63
C HIS C 277 -12.09 -27.43 20.72
N ASP C 278 -12.53 -28.08 21.79
CA ASP C 278 -13.10 -27.39 22.94
C ASP C 278 -11.91 -26.63 23.50
N CYS C 279 -11.74 -25.38 23.09
CA CYS C 279 -10.60 -24.60 23.52
C CYS C 279 -10.82 -23.11 23.24
N ASP C 280 -10.16 -22.24 24.00
CA ASP C 280 -10.33 -20.80 23.80
C ASP C 280 -9.05 -20.12 23.36
N THR C 281 -9.20 -18.91 22.80
CA THR C 281 -8.06 -18.14 22.31
C THR C 281 -8.43 -16.70 21.99
N LYS C 282 -7.43 -15.84 21.83
CA LYS C 282 -7.66 -14.44 21.49
C LYS C 282 -7.25 -14.24 20.04
N CYS C 283 -6.36 -15.12 19.59
CA CYS C 283 -5.83 -15.06 18.23
C CYS C 283 -5.96 -16.40 17.51
N GLN C 284 -6.64 -16.38 16.36
CA GLN C 284 -6.84 -17.59 15.57
C GLN C 284 -6.39 -17.44 14.12
N THR C 285 -5.60 -18.38 13.63
CA THR C 285 -5.15 -18.37 12.24
C THR C 285 -5.64 -19.70 11.65
N PRO C 286 -5.58 -19.86 10.32
CA PRO C 286 -6.03 -21.10 9.68
C PRO C 286 -5.22 -22.33 10.12
N HIS C 287 -4.01 -22.11 10.62
CA HIS C 287 -3.17 -23.23 11.08
C HIS C 287 -3.43 -23.60 12.53
N GLY C 288 -3.83 -22.63 13.33
CA GLY C 288 -4.10 -22.87 14.74
C GLY C 288 -4.10 -21.61 15.58
N ALA C 289 -4.54 -21.73 16.82
CA ALA C 289 -4.61 -20.61 17.74
C ALA C 289 -3.25 -20.14 18.25
N ILE C 290 -3.17 -18.86 18.60
CA ILE C 290 -1.93 -18.28 19.10
C ILE C 290 -2.15 -17.71 20.49
N ASN C 291 -1.23 -18.01 21.39
CA ASN C 291 -1.30 -17.48 22.74
C ASN C 291 0.06 -16.83 22.95
N SER C 292 0.15 -15.55 22.65
CA SER C 292 1.42 -14.85 22.78
C SER C 292 1.31 -13.37 23.09
N SER C 293 2.38 -12.82 23.65
CA SER C 293 2.43 -11.41 24.00
C SER C 293 3.49 -10.76 23.14
N LEU C 294 4.09 -11.54 22.25
CA LEU C 294 5.12 -11.04 21.37
C LEU C 294 4.48 -10.13 20.31
N PRO C 295 5.24 -9.15 19.81
CA PRO C 295 4.76 -8.21 18.79
C PRO C 295 4.61 -8.78 17.37
N PHE C 296 5.32 -9.85 17.06
CA PHE C 296 5.26 -10.45 15.73
C PHE C 296 5.02 -11.95 15.72
N GLN C 297 4.67 -12.45 14.55
CA GLN C 297 4.42 -13.87 14.35
C GLN C 297 4.55 -14.18 12.87
N ASN C 298 5.14 -15.33 12.55
CA ASN C 298 5.32 -15.76 11.17
C ASN C 298 4.49 -17.00 10.90
N ILE C 299 3.42 -17.15 11.67
CA ILE C 299 2.54 -18.29 11.53
C ILE C 299 1.66 -18.15 10.30
N HIS C 300 0.92 -17.05 10.23
CA HIS C 300 0.01 -16.89 9.11
C HIS C 300 -0.46 -15.46 8.90
N PRO C 301 -0.68 -15.05 7.63
CA PRO C 301 -1.14 -13.70 7.36
C PRO C 301 -2.62 -13.49 7.73
N VAL C 302 -3.41 -14.56 7.66
CA VAL C 302 -4.83 -14.49 8.01
C VAL C 302 -4.99 -14.59 9.52
N THR C 303 -5.66 -13.61 10.10
CA THR C 303 -5.83 -13.53 11.54
C THR C 303 -7.24 -13.12 11.98
N ILE C 304 -7.68 -13.63 13.14
CA ILE C 304 -8.99 -13.26 13.67
C ILE C 304 -8.88 -12.99 15.16
N GLY C 305 -9.31 -11.81 15.58
CA GLY C 305 -9.21 -11.41 16.97
C GLY C 305 -8.01 -10.48 17.17
N GLU C 306 -7.38 -10.56 18.34
CA GLU C 306 -6.20 -9.72 18.58
C GLU C 306 -4.97 -10.60 18.42
N CYS C 307 -4.11 -10.24 17.47
CA CYS C 307 -2.93 -11.02 17.17
C CYS C 307 -1.66 -10.22 17.02
N PRO C 308 -0.50 -10.91 17.02
CA PRO C 308 0.79 -10.27 16.84
C PRO C 308 0.86 -9.94 15.34
N LYS C 309 1.59 -8.87 14.98
CA LYS C 309 1.72 -8.47 13.58
C LYS C 309 2.43 -9.54 12.76
N TYR C 310 1.76 -10.07 11.74
CA TYR C 310 2.35 -11.09 10.88
C TYR C 310 3.52 -10.51 10.11
N VAL C 311 4.58 -11.29 9.99
CA VAL C 311 5.76 -10.85 9.29
C VAL C 311 6.43 -12.06 8.65
N LYS C 312 7.25 -11.86 7.63
CA LYS C 312 7.89 -12.99 6.97
C LYS C 312 9.25 -13.37 7.53
N SER C 313 9.59 -12.82 8.70
CA SER C 313 10.88 -13.10 9.33
C SER C 313 11.00 -14.50 9.94
N THR C 314 12.23 -15.01 9.92
CA THR C 314 12.51 -16.32 10.47
C THR C 314 13.03 -16.15 11.90
N LYS C 315 13.73 -15.05 12.11
CA LYS C 315 14.32 -14.72 13.40
C LYS C 315 14.15 -13.24 13.67
N LEU C 316 13.94 -12.90 14.94
CA LEU C 316 13.79 -11.51 15.37
C LEU C 316 14.09 -11.47 16.86
N ARG C 317 15.38 -11.29 17.17
CA ARG C 317 15.85 -11.25 18.55
C ARG C 317 16.63 -9.97 18.86
N MET C 318 16.23 -9.29 19.91
CA MET C 318 16.89 -8.05 20.33
C MET C 318 17.88 -8.33 21.46
N ALA C 319 19.00 -7.61 21.46
CA ALA C 319 20.01 -7.79 22.50
C ALA C 319 19.64 -6.88 23.66
N THR C 320 19.64 -7.43 24.88
CA THR C 320 19.34 -6.65 26.07
C THR C 320 20.63 -6.57 26.88
N GLY C 321 21.28 -7.71 27.02
CA GLY C 321 22.53 -7.76 27.75
C GLY C 321 23.69 -7.26 26.90
N LEU C 322 24.86 -7.85 27.08
CA LEU C 322 26.04 -7.44 26.34
C LEU C 322 26.71 -8.58 25.60
N ARG C 323 27.80 -8.25 24.91
CA ARG C 323 28.56 -9.24 24.16
C ARG C 323 29.10 -10.20 25.22
N ASN C 324 28.80 -11.48 25.06
CA ASN C 324 29.22 -12.50 26.03
C ASN C 324 30.64 -12.99 25.79
N ILE C 325 31.58 -12.52 26.61
CA ILE C 325 32.99 -12.89 26.51
C ILE C 325 33.49 -13.65 27.75
N PRO C 326 33.04 -14.92 27.94
CA PRO C 326 33.47 -15.73 29.09
C PRO C 326 34.97 -16.00 29.13
N ALA C 327 35.59 -16.01 27.96
CA ALA C 327 37.03 -16.24 27.83
C ALA C 327 37.52 -17.29 28.82
N ARG C 328 36.82 -18.43 28.87
CA ARG C 328 37.15 -19.52 29.77
C ARG C 328 38.38 -20.31 29.30
N GLY D 1 34.36 -3.00 19.83
CA GLY D 1 33.39 -2.02 20.29
C GLY D 1 33.76 -0.60 19.92
N LEU D 2 32.73 0.25 19.81
CA LEU D 2 32.91 1.64 19.44
C LEU D 2 33.70 2.47 20.47
N PHE D 3 33.66 2.06 21.73
CA PHE D 3 34.35 2.77 22.80
C PHE D 3 35.64 2.14 23.32
N GLY D 4 36.06 1.05 22.69
CA GLY D 4 37.31 0.40 23.08
C GLY D 4 37.33 -0.40 24.37
N ALA D 5 36.30 -0.26 25.20
CA ALA D 5 36.24 -0.98 26.46
C ALA D 5 35.93 -2.46 26.29
N ILE D 6 34.65 -2.81 26.20
CA ILE D 6 34.26 -4.21 26.04
C ILE D 6 34.96 -4.87 24.85
N ALA D 7 35.48 -6.07 25.06
CA ALA D 7 36.21 -6.82 24.04
C ALA D 7 37.33 -5.93 23.50
N GLY D 8 37.71 -4.93 24.30
CA GLY D 8 38.76 -4.01 23.90
C GLY D 8 39.94 -4.10 24.86
N PHE D 9 40.19 -3.02 25.60
CA PHE D 9 41.30 -3.03 26.54
C PHE D 9 40.93 -3.80 27.80
N ILE D 10 39.72 -4.37 27.81
CA ILE D 10 39.25 -5.16 28.94
C ILE D 10 38.81 -6.51 28.36
N GLU D 11 39.69 -7.06 27.53
CA GLU D 11 39.52 -8.34 26.85
C GLU D 11 38.30 -9.23 27.11
N GLY D 12 37.89 -9.41 28.36
CA GLY D 12 36.74 -10.27 28.60
C GLY D 12 35.83 -9.91 29.75
N GLY D 13 34.76 -10.70 29.90
CA GLY D 13 33.81 -10.48 30.98
C GLY D 13 34.05 -11.37 32.18
N TRP D 14 33.22 -11.23 33.20
CA TRP D 14 33.37 -12.01 34.42
C TRP D 14 32.18 -12.91 34.75
N THR D 15 32.31 -14.20 34.51
CA THR D 15 31.21 -15.11 34.85
C THR D 15 31.06 -14.99 36.36
N GLY D 16 32.12 -14.55 37.02
CA GLY D 16 32.11 -14.37 38.46
C GLY D 16 31.11 -13.31 38.89
N LEU D 17 31.13 -12.16 38.23
CA LEU D 17 30.20 -11.09 38.54
C LEU D 17 28.83 -11.68 38.24
N ILE D 18 27.89 -11.55 39.16
CA ILE D 18 26.57 -12.10 38.94
C ILE D 18 25.42 -11.27 39.51
N ASP D 19 25.70 -10.01 39.82
CA ASP D 19 24.67 -9.14 40.37
C ASP D 19 24.58 -7.82 39.62
N GLY D 20 25.03 -7.83 38.37
CA GLY D 20 24.99 -6.63 37.56
C GLY D 20 25.72 -6.87 36.25
N TRP D 21 25.58 -5.94 35.30
CA TRP D 21 26.26 -6.09 34.02
C TRP D 21 27.66 -5.48 34.13
N TYR D 22 27.79 -4.46 34.95
CA TYR D 22 29.05 -3.76 35.14
C TYR D 22 29.43 -3.87 36.62
N GLY D 23 30.68 -4.24 36.91
CA GLY D 23 31.08 -4.36 38.30
C GLY D 23 32.56 -4.23 38.59
N TYR D 24 32.94 -4.61 39.81
CA TYR D 24 34.33 -4.56 40.24
C TYR D 24 34.79 -5.92 40.77
N HIS D 25 36.09 -6.17 40.69
CA HIS D 25 36.64 -7.42 41.20
C HIS D 25 37.25 -7.17 42.58
N HIS D 26 38.29 -6.35 42.61
CA HIS D 26 38.97 -5.98 43.86
C HIS D 26 39.62 -7.15 44.62
N GLN D 27 40.92 -7.01 44.89
CA GLN D 27 41.65 -8.02 45.63
C GLN D 27 42.44 -7.32 46.71
N ASN D 28 41.79 -7.14 47.86
CA ASN D 28 42.41 -6.49 49.00
C ASN D 28 43.09 -7.55 49.87
N GLU D 29 44.00 -7.11 50.72
CA GLU D 29 44.72 -8.02 51.60
C GLU D 29 43.74 -8.87 52.40
N GLN D 30 42.55 -8.32 52.66
CA GLN D 30 41.52 -9.03 53.40
C GLN D 30 40.92 -10.17 52.58
N GLY D 31 40.70 -9.93 51.29
CA GLY D 31 40.12 -10.98 50.45
C GLY D 31 39.93 -10.61 48.99
N SER D 32 38.94 -11.24 48.36
CA SER D 32 38.65 -11.00 46.95
C SER D 32 37.13 -10.95 46.71
N GLY D 33 36.70 -11.39 45.53
CA GLY D 33 35.28 -11.39 45.21
C GLY D 33 34.87 -10.44 44.11
N TYR D 34 33.58 -10.39 43.80
CA TYR D 34 33.05 -9.51 42.77
C TYR D 34 31.92 -8.64 43.29
N ALA D 35 31.88 -7.39 42.86
CA ALA D 35 30.84 -6.47 43.29
C ALA D 35 30.30 -5.68 42.10
N ALA D 36 29.00 -5.79 41.86
CA ALA D 36 28.37 -5.08 40.76
C ALA D 36 28.09 -3.61 41.12
N ASP D 37 28.19 -2.74 40.13
CA ASP D 37 27.95 -1.32 40.35
C ASP D 37 26.50 -0.96 40.03
N GLN D 38 25.64 -0.98 41.05
CA GLN D 38 24.22 -0.66 40.90
C GLN D 38 23.98 0.55 40.02
N LYS D 39 24.42 1.71 40.48
CA LYS D 39 24.29 2.97 39.76
C LYS D 39 24.18 2.71 38.25
N SER D 40 25.22 2.06 37.71
CA SER D 40 25.30 1.75 36.30
C SER D 40 24.32 0.66 35.88
N THR D 41 24.58 -0.57 36.32
CA THR D 41 23.71 -1.70 35.99
C THR D 41 22.24 -1.30 35.92
N GLN D 42 21.76 -0.65 36.98
CA GLN D 42 20.37 -0.24 37.04
C GLN D 42 20.03 0.72 35.91
N ASN D 43 20.84 1.76 35.78
CA ASN D 43 20.63 2.78 34.75
C ASN D 43 20.45 2.14 33.38
N ALA D 44 21.42 1.31 33.00
CA ALA D 44 21.41 0.62 31.72
C ALA D 44 20.17 -0.28 31.62
N ILE D 45 19.76 -0.83 32.75
CA ILE D 45 18.58 -1.70 32.73
C ILE D 45 17.33 -0.89 32.47
N ASP D 46 17.37 0.39 32.82
CA ASP D 46 16.19 1.22 32.59
C ASP D 46 16.16 1.66 31.13
N GLY D 47 17.32 2.05 30.60
CA GLY D 47 17.39 2.49 29.22
C GLY D 47 17.06 1.37 28.26
N ILE D 48 17.55 0.17 28.55
CA ILE D 48 17.31 -0.98 27.69
C ILE D 48 15.86 -1.41 27.76
N THR D 49 15.31 -1.48 28.96
CA THR D 49 13.92 -1.87 29.12
C THR D 49 13.05 -0.85 28.41
N ASN D 50 13.48 0.41 28.41
CA ASN D 50 12.71 1.45 27.76
C ASN D 50 12.81 1.34 26.24
N LYS D 51 13.98 0.97 25.75
CA LYS D 51 14.21 0.81 24.32
C LYS D 51 13.35 -0.32 23.79
N VAL D 52 13.27 -1.40 24.57
CA VAL D 52 12.48 -2.56 24.17
C VAL D 52 10.99 -2.24 24.16
N ASN D 53 10.51 -1.54 25.19
CA ASN D 53 9.11 -1.19 25.25
C ASN D 53 8.78 -0.29 24.07
N SER D 54 9.71 0.59 23.70
CA SER D 54 9.50 1.50 22.59
C SER D 54 9.34 0.76 21.27
N VAL D 55 10.19 -0.24 21.05
CA VAL D 55 10.12 -1.04 19.83
C VAL D 55 8.74 -1.69 19.75
N ILE D 56 8.31 -2.33 20.83
CA ILE D 56 7.01 -2.97 20.84
C ILE D 56 5.90 -1.92 20.61
N GLU D 57 6.05 -0.75 21.23
CA GLU D 57 5.06 0.31 21.11
C GLU D 57 4.78 0.75 19.67
N LYS D 58 5.84 0.86 18.87
CA LYS D 58 5.73 1.29 17.49
C LYS D 58 4.97 0.34 16.58
N MET D 59 5.12 -0.96 16.82
CA MET D 59 4.45 -1.98 16.02
C MET D 59 3.00 -2.17 16.43
N ASN D 60 2.09 -1.94 15.48
CA ASN D 60 0.67 -2.07 15.75
C ASN D 60 0.16 -3.49 15.71
N THR D 61 -0.49 -3.91 16.79
CA THR D 61 -1.07 -5.26 16.88
C THR D 61 -2.00 -5.48 15.69
N GLN D 62 -2.00 -6.70 15.17
CA GLN D 62 -2.83 -7.05 14.04
C GLN D 62 -4.21 -7.52 14.50
N PHE D 63 -5.25 -7.06 13.83
CA PHE D 63 -6.60 -7.48 14.18
C PHE D 63 -7.12 -8.44 13.13
N THR D 64 -8.43 -8.54 12.99
CA THR D 64 -8.97 -9.46 12.00
C THR D 64 -8.63 -9.08 10.56
N ALA D 65 -7.86 -9.94 9.90
CA ALA D 65 -7.46 -9.72 8.52
C ALA D 65 -7.70 -11.03 7.77
N VAL D 66 -8.72 -11.05 6.92
CA VAL D 66 -9.03 -12.25 6.16
C VAL D 66 -8.94 -11.99 4.65
N GLY D 67 -9.02 -13.06 3.89
CA GLY D 67 -8.94 -12.93 2.45
C GLY D 67 -10.26 -12.53 1.84
N LYS D 68 -10.21 -12.12 0.57
CA LYS D 68 -11.42 -11.75 -0.15
C LYS D 68 -11.47 -12.67 -1.35
N GLU D 69 -12.67 -12.97 -1.81
CA GLU D 69 -12.84 -13.84 -2.97
C GLU D 69 -13.20 -12.95 -4.16
N PHE D 70 -12.90 -13.44 -5.36
CA PHE D 70 -13.16 -12.71 -6.59
C PHE D 70 -13.61 -13.71 -7.65
N ASN D 71 -14.51 -13.30 -8.54
CA ASN D 71 -14.95 -14.24 -9.57
C ASN D 71 -13.95 -14.28 -10.70
N ASN D 72 -14.26 -15.05 -11.73
CA ASN D 72 -13.36 -15.22 -12.87
C ASN D 72 -13.20 -13.97 -13.75
N LEU D 73 -14.05 -12.97 -13.56
CA LEU D 73 -13.94 -11.74 -14.34
C LEU D 73 -13.44 -10.57 -13.47
N GLU D 74 -12.75 -10.88 -12.37
CA GLU D 74 -12.23 -9.86 -11.46
C GLU D 74 -10.77 -10.15 -11.14
N ARG D 75 -10.04 -10.65 -12.12
CA ARG D 75 -8.64 -10.97 -11.96
C ARG D 75 -7.80 -9.71 -11.70
N ARG D 76 -8.24 -8.57 -12.22
CA ARG D 76 -7.48 -7.34 -12.01
C ARG D 76 -7.56 -6.86 -10.58
N ILE D 77 -8.76 -6.76 -10.02
CA ILE D 77 -8.86 -6.31 -8.64
C ILE D 77 -8.32 -7.38 -7.70
N LYS D 78 -8.43 -8.64 -8.11
CA LYS D 78 -7.90 -9.70 -7.27
C LYS D 78 -6.41 -9.46 -7.14
N ASN D 79 -5.75 -9.20 -8.27
CA ASN D 79 -4.34 -8.95 -8.28
C ASN D 79 -3.95 -7.65 -7.59
N LEU D 80 -4.85 -6.66 -7.61
CA LEU D 80 -4.58 -5.40 -6.96
C LEU D 80 -4.51 -5.68 -5.46
N ASN D 81 -5.49 -6.45 -4.99
CA ASN D 81 -5.61 -6.81 -3.59
C ASN D 81 -4.36 -7.56 -3.14
N LYS D 82 -3.89 -8.47 -3.97
CA LYS D 82 -2.70 -9.24 -3.65
C LYS D 82 -1.46 -8.36 -3.64
N LYS D 83 -1.43 -7.37 -4.53
CA LYS D 83 -0.30 -6.45 -4.62
C LYS D 83 -0.25 -5.66 -3.32
N VAL D 84 -1.41 -5.21 -2.85
CA VAL D 84 -1.52 -4.46 -1.61
C VAL D 84 -1.07 -5.29 -0.41
N ASP D 85 -1.61 -6.49 -0.28
CA ASP D 85 -1.25 -7.38 0.81
C ASP D 85 0.23 -7.69 0.83
N ASP D 86 0.78 -8.04 -0.33
CA ASP D 86 2.18 -8.35 -0.43
C ASP D 86 3.04 -7.10 -0.23
N GLY D 87 2.51 -5.96 -0.65
CA GLY D 87 3.23 -4.71 -0.50
C GLY D 87 3.50 -4.37 0.95
N PHE D 88 2.46 -4.38 1.77
CA PHE D 88 2.60 -4.05 3.18
C PHE D 88 3.36 -5.11 3.97
N LEU D 89 3.20 -6.37 3.61
CA LEU D 89 3.90 -7.44 4.29
C LEU D 89 5.40 -7.19 4.13
N ASP D 90 5.83 -6.93 2.90
CA ASP D 90 7.24 -6.68 2.63
C ASP D 90 7.76 -5.43 3.33
N VAL D 91 6.91 -4.41 3.49
CA VAL D 91 7.31 -3.18 4.13
C VAL D 91 7.51 -3.39 5.63
N TRP D 92 6.54 -4.01 6.27
CA TRP D 92 6.61 -4.26 7.69
C TRP D 92 7.68 -5.28 8.07
N THR D 93 7.95 -6.22 7.18
CA THR D 93 8.97 -7.21 7.47
C THR D 93 10.29 -6.47 7.42
N TYR D 94 10.35 -5.49 6.54
CA TYR D 94 11.54 -4.68 6.36
C TYR D 94 11.78 -3.83 7.61
N ASN D 95 10.74 -3.15 8.07
CA ASN D 95 10.84 -2.30 9.26
C ASN D 95 11.21 -3.08 10.51
N ALA D 96 10.57 -4.23 10.72
CA ALA D 96 10.82 -5.06 11.88
C ALA D 96 12.26 -5.53 11.90
N GLU D 97 12.72 -6.16 10.82
CA GLU D 97 14.09 -6.64 10.80
C GLU D 97 15.12 -5.53 10.84
N LEU D 98 14.84 -4.41 10.19
CA LEU D 98 15.78 -3.31 10.13
C LEU D 98 15.93 -2.63 11.49
N LEU D 99 14.80 -2.39 12.15
CA LEU D 99 14.84 -1.73 13.46
C LEU D 99 15.62 -2.59 14.46
N VAL D 100 15.36 -3.90 14.45
CA VAL D 100 16.06 -4.80 15.34
C VAL D 100 17.56 -4.81 15.10
N LEU D 101 17.98 -4.69 13.83
CA LEU D 101 19.40 -4.69 13.49
C LEU D 101 20.09 -3.41 13.97
N LEU D 102 19.44 -2.29 13.73
CA LEU D 102 19.99 -1.00 14.11
C LEU D 102 20.07 -0.83 15.62
N GLU D 103 19.04 -1.27 16.32
CA GLU D 103 19.04 -1.17 17.77
C GLU D 103 20.06 -2.12 18.40
N ASN D 104 20.18 -3.33 17.87
CA ASN D 104 21.14 -4.27 18.43
C ASN D 104 22.51 -3.59 18.43
N GLU D 105 22.93 -3.11 17.26
CA GLU D 105 24.22 -2.44 17.12
C GLU D 105 24.36 -1.37 18.21
N ARG D 106 23.33 -0.53 18.35
CA ARG D 106 23.32 0.55 19.34
C ARG D 106 23.44 0.03 20.76
N THR D 107 22.67 -1.01 21.08
CA THR D 107 22.69 -1.59 22.41
C THR D 107 24.09 -2.03 22.84
N LEU D 108 24.77 -2.80 22.00
CA LEU D 108 26.11 -3.27 22.31
C LEU D 108 27.06 -2.07 22.51
N ASP D 109 26.84 -1.01 21.75
CA ASP D 109 27.68 0.18 21.87
C ASP D 109 27.31 0.95 23.12
N PHE D 110 26.07 0.78 23.58
CA PHE D 110 25.60 1.45 24.78
C PHE D 110 26.39 0.87 25.93
N HIS D 111 26.40 -0.46 25.98
CA HIS D 111 27.13 -1.19 27.01
C HIS D 111 28.60 -0.84 26.97
N ASP D 112 29.18 -0.82 25.77
CA ASP D 112 30.59 -0.51 25.62
C ASP D 112 30.86 0.87 26.26
N SER D 113 29.99 1.82 25.99
CA SER D 113 30.11 3.18 26.53
C SER D 113 29.97 3.19 28.05
N ASN D 114 29.10 2.33 28.57
CA ASN D 114 28.90 2.26 30.01
C ASN D 114 30.13 1.75 30.75
N VAL D 115 30.72 0.66 30.26
CA VAL D 115 31.90 0.09 30.87
C VAL D 115 33.05 1.10 30.81
N LYS D 116 33.13 1.81 29.70
CA LYS D 116 34.16 2.83 29.51
C LYS D 116 33.99 3.98 30.48
N ASN D 117 32.76 4.46 30.65
CA ASN D 117 32.53 5.56 31.57
C ASN D 117 32.82 5.13 33.00
N LEU D 118 32.53 3.86 33.31
CA LEU D 118 32.77 3.34 34.65
C LEU D 118 34.26 3.39 34.94
N TYR D 119 35.06 2.90 34.00
CA TYR D 119 36.49 2.91 34.17
C TYR D 119 36.95 4.35 34.41
N GLU D 120 36.71 5.22 33.43
CA GLU D 120 37.10 6.62 33.55
C GLU D 120 36.64 7.23 34.86
N LYS D 121 35.57 6.69 35.45
CA LYS D 121 35.06 7.23 36.70
C LYS D 121 35.91 6.76 37.88
N ALA D 122 36.18 5.45 37.94
CA ALA D 122 36.98 4.87 38.99
C ALA D 122 38.39 5.46 38.89
N ARG D 123 38.79 5.76 37.66
CA ARG D 123 40.11 6.33 37.39
C ARG D 123 40.22 7.77 37.85
N SER D 124 39.23 8.59 37.53
CA SER D 124 39.24 10.00 37.92
C SER D 124 39.26 10.15 39.45
N GLN D 125 38.85 9.10 40.14
CA GLN D 125 38.83 9.12 41.60
C GLN D 125 40.22 8.85 42.15
N LEU D 126 40.73 7.65 41.88
CA LEU D 126 42.03 7.22 42.35
C LEU D 126 43.17 8.19 42.04
N ARG D 127 43.09 8.88 40.91
CA ARG D 127 44.13 9.84 40.52
C ARG D 127 45.53 9.28 40.80
N ASN D 128 46.28 9.95 41.68
CA ASN D 128 47.64 9.55 42.02
C ASN D 128 47.77 8.33 42.93
N ASN D 129 46.72 8.02 43.68
CA ASN D 129 46.76 6.92 44.63
C ASN D 129 46.88 5.49 44.09
N ALA D 130 47.03 5.34 42.78
CA ALA D 130 47.18 4.02 42.18
C ALA D 130 47.61 4.15 40.73
N LYS D 131 47.97 3.04 40.10
CA LYS D 131 48.39 3.08 38.71
C LYS D 131 47.51 2.21 37.81
N GLU D 132 47.40 2.62 36.55
CA GLU D 132 46.61 1.90 35.57
C GLU D 132 47.36 0.70 35.00
N ILE D 133 47.01 -0.49 35.48
CA ILE D 133 47.65 -1.72 35.04
C ILE D 133 47.20 -2.13 33.64
N GLY D 134 45.94 -1.85 33.33
CA GLY D 134 45.36 -2.24 32.05
C GLY D 134 44.31 -3.26 32.41
N ASN D 135 43.46 -3.64 31.46
CA ASN D 135 42.41 -4.62 31.74
C ASN D 135 41.44 -4.03 32.76
N GLY D 136 41.45 -2.71 32.87
CA GLY D 136 40.55 -2.05 33.80
C GLY D 136 40.96 -2.17 35.26
N CYS D 137 42.19 -2.64 35.50
CA CYS D 137 42.67 -2.80 36.86
C CYS D 137 43.55 -1.64 37.34
N PHE D 138 43.34 -1.27 38.60
CA PHE D 138 44.13 -0.20 39.23
C PHE D 138 44.82 -0.81 40.44
N GLU D 139 46.15 -0.67 40.51
CA GLU D 139 46.87 -1.21 41.64
C GLU D 139 47.14 -0.06 42.60
N PHE D 140 46.63 -0.19 43.83
CA PHE D 140 46.77 0.85 44.83
C PHE D 140 48.17 1.00 45.40
N TYR D 141 48.54 2.26 45.66
CA TYR D 141 49.83 2.58 46.23
C TYR D 141 49.69 2.51 47.75
N HIS D 142 48.78 3.32 48.28
CA HIS D 142 48.53 3.40 49.71
C HIS D 142 47.64 2.30 50.28
N LYS D 143 47.64 1.12 49.67
CA LYS D 143 46.82 0.02 50.16
C LYS D 143 45.37 0.46 50.20
N CYS D 144 44.46 -0.49 50.42
CA CYS D 144 43.04 -0.16 50.43
C CYS D 144 42.19 -1.31 50.97
N ASP D 145 41.77 -1.17 52.22
CA ASP D 145 40.95 -2.18 52.89
C ASP D 145 39.53 -2.23 52.32
N ASP D 146 38.82 -3.32 52.62
CA ASP D 146 37.44 -3.50 52.17
C ASP D 146 36.60 -2.24 52.37
N ALA D 147 36.91 -1.47 53.40
CA ALA D 147 36.19 -0.24 53.67
C ALA D 147 36.59 0.81 52.65
N CYS D 148 37.85 0.79 52.24
CA CYS D 148 38.36 1.72 51.25
C CYS D 148 37.88 1.34 49.86
N MET D 149 37.93 0.04 49.54
CA MET D 149 37.48 -0.45 48.23
C MET D 149 36.06 0.02 47.98
N GLU D 150 35.15 -0.40 48.85
CA GLU D 150 33.75 -0.02 48.73
C GLU D 150 33.66 1.48 48.49
N SER D 151 34.48 2.24 49.21
CA SER D 151 34.52 3.69 49.08
C SER D 151 34.70 4.13 47.63
N VAL D 152 35.47 3.38 46.87
CA VAL D 152 35.71 3.70 45.48
C VAL D 152 34.43 3.41 44.69
N ARG D 153 33.83 2.25 44.96
CA ARG D 153 32.61 1.82 44.30
C ARG D 153 31.51 2.87 44.36
N ASN D 154 31.11 3.25 45.57
CA ASN D 154 30.07 4.25 45.72
C ASN D 154 30.58 5.67 45.50
N GLY D 155 31.69 5.78 44.77
CA GLY D 155 32.28 7.07 44.46
C GLY D 155 32.40 8.08 45.59
N THR D 156 32.80 7.61 46.77
CA THR D 156 32.97 8.50 47.92
C THR D 156 34.46 8.65 48.25
N TYR D 157 35.27 7.78 47.66
CA TYR D 157 36.72 7.75 47.84
C TYR D 157 37.32 9.05 48.37
N ASP D 158 37.56 9.99 47.46
CA ASP D 158 38.13 11.29 47.79
C ASP D 158 39.43 11.25 48.59
N TYR D 159 40.50 11.69 47.94
CA TYR D 159 41.85 11.76 48.50
C TYR D 159 42.81 11.93 47.33
N PRO D 160 42.84 13.14 46.73
CA PRO D 160 43.71 13.48 45.59
C PRO D 160 45.10 12.87 45.65
N ASP E 5 63.63 9.63 17.44
CA ASP E 5 62.70 8.58 16.93
C ASP E 5 61.24 8.96 17.18
N THR E 6 60.40 8.72 16.18
CA THR E 6 58.98 9.05 16.28
C THR E 6 58.10 7.98 15.65
N LEU E 7 56.89 7.83 16.18
CA LEU E 7 55.92 6.87 15.66
C LEU E 7 54.54 7.49 15.73
N CYS E 8 54.01 7.92 14.58
CA CYS E 8 52.69 8.52 14.55
C CYS E 8 51.62 7.54 14.13
N ILE E 9 50.38 7.90 14.40
CA ILE E 9 49.24 7.08 14.02
C ILE E 9 48.32 7.93 13.15
N GLY E 10 48.10 7.46 11.92
CA GLY E 10 47.25 8.20 11.00
C GLY E 10 46.31 7.31 10.21
N TYR E 11 45.63 7.92 9.23
CA TYR E 11 44.67 7.21 8.41
C TYR E 11 44.82 7.50 6.91
N HIS E 12 44.30 6.58 6.10
CA HIS E 12 44.36 6.66 4.65
C HIS E 12 43.77 7.93 4.02
N ALA E 13 44.31 8.30 2.86
CA ALA E 13 43.86 9.45 2.10
C ALA E 13 44.26 9.19 0.64
N ASN E 14 43.50 9.72 -0.31
CA ASN E 14 43.81 9.51 -1.73
C ASN E 14 43.28 10.60 -2.65
N ASN E 15 43.32 10.33 -3.95
CA ASN E 15 42.87 11.29 -4.95
C ASN E 15 41.39 11.15 -5.33
N SER E 16 40.64 10.39 -4.55
CA SER E 16 39.22 10.20 -4.83
C SER E 16 38.43 11.50 -4.74
N THR E 17 37.40 11.60 -5.58
CA THR E 17 36.54 12.78 -5.58
C THR E 17 35.11 12.37 -5.24
N ASP E 18 34.91 11.07 -5.00
CA ASP E 18 33.60 10.54 -4.65
C ASP E 18 33.03 11.30 -3.47
N THR E 19 31.73 11.59 -3.49
CA THR E 19 31.13 12.30 -2.37
C THR E 19 29.82 11.65 -1.98
N VAL E 20 29.52 11.69 -0.69
CA VAL E 20 28.29 11.13 -0.17
C VAL E 20 27.64 12.17 0.73
N ASP E 21 26.44 11.88 1.20
CA ASP E 21 25.75 12.80 2.09
C ASP E 21 25.49 12.07 3.38
N THR E 22 25.28 12.85 4.45
CA THR E 22 25.00 12.28 5.76
C THR E 22 23.97 13.21 6.36
N VAL E 23 23.43 12.82 7.51
CA VAL E 23 22.42 13.62 8.19
C VAL E 23 22.97 15.01 8.55
N LEU E 24 24.15 15.04 9.16
CA LEU E 24 24.79 16.27 9.60
C LEU E 24 25.51 17.09 8.53
N GLU E 25 26.07 16.42 7.54
CA GLU E 25 26.80 17.13 6.50
C GLU E 25 26.54 16.56 5.10
N LYS E 26 26.56 17.43 4.10
CA LYS E 26 26.35 17.02 2.72
C LYS E 26 27.62 17.18 1.91
N ASN E 27 27.66 16.54 0.75
CA ASN E 27 28.80 16.62 -0.15
C ASN E 27 30.13 16.39 0.57
N VAL E 28 30.25 15.22 1.20
CA VAL E 28 31.47 14.86 1.92
C VAL E 28 32.34 13.97 1.03
N THR E 29 33.53 14.45 0.69
CA THR E 29 34.43 13.66 -0.15
C THR E 29 34.88 12.47 0.69
N VAL E 30 35.00 11.32 0.05
CA VAL E 30 35.37 10.09 0.74
C VAL E 30 36.42 9.30 -0.05
N THR E 31 37.11 8.40 0.64
CA THR E 31 38.15 7.59 0.02
C THR E 31 37.63 6.42 -0.78
N HIS E 32 36.51 5.84 -0.32
CA HIS E 32 35.91 4.69 -0.99
C HIS E 32 34.41 4.65 -0.76
N SER E 33 33.68 4.24 -1.79
CA SER E 33 32.23 4.15 -1.71
C SER E 33 31.74 3.25 -2.83
N VAL E 34 30.46 2.91 -2.78
CA VAL E 34 29.86 2.08 -3.81
C VAL E 34 28.51 2.63 -4.23
N ASN E 35 28.29 2.67 -5.54
CA ASN E 35 27.03 3.15 -6.06
C ASN E 35 26.05 1.98 -6.06
N LEU E 36 24.92 2.13 -5.37
CA LEU E 36 23.91 1.07 -5.30
C LEU E 36 22.80 1.27 -6.33
N LEU E 37 22.81 2.43 -6.98
CA LEU E 37 21.80 2.81 -7.96
C LEU E 37 22.22 2.62 -9.41
N GLU E 38 21.45 1.79 -10.14
CA GLU E 38 21.73 1.55 -11.55
C GLU E 38 20.88 2.49 -12.38
N ASP E 39 21.51 3.22 -13.29
CA ASP E 39 20.76 4.14 -14.13
C ASP E 39 21.04 3.96 -15.60
N SER E 40 21.62 2.83 -15.97
CA SER E 40 21.93 2.57 -17.38
C SER E 40 21.21 1.36 -17.96
N HIS E 41 20.88 1.46 -19.25
CA HIS E 41 20.22 0.38 -19.97
C HIS E 41 20.65 0.48 -21.43
N ASN E 42 20.40 -0.57 -22.21
CA ASN E 42 20.80 -0.59 -23.61
C ASN E 42 19.77 -0.03 -24.59
N GLY E 43 18.67 0.48 -24.07
CA GLY E 43 17.64 1.03 -24.95
C GLY E 43 17.10 0.09 -26.00
N LYS E 44 17.06 -1.21 -25.68
CA LYS E 44 16.55 -2.21 -26.62
C LYS E 44 15.65 -3.25 -25.95
N LEU E 45 14.70 -3.79 -26.70
CA LEU E 45 13.82 -4.83 -26.15
C LEU E 45 14.50 -6.16 -26.50
N CYS E 46 14.95 -6.89 -25.49
CA CYS E 46 15.66 -8.14 -25.71
C CYS E 46 14.94 -9.41 -25.28
N ARG E 47 15.60 -10.54 -25.54
CA ARG E 47 15.04 -11.84 -25.19
C ARG E 47 15.28 -12.15 -23.71
N LEU E 48 14.33 -12.87 -23.14
CA LEU E 48 14.41 -13.33 -21.75
C LEU E 48 14.31 -14.86 -21.82
N GLY E 49 15.27 -15.55 -21.24
CA GLY E 49 15.25 -17.00 -21.28
C GLY E 49 15.32 -17.53 -22.69
N GLY E 50 16.01 -16.80 -23.56
CA GLY E 50 16.16 -17.20 -24.95
C GLY E 50 14.91 -17.07 -25.79
N ILE E 51 13.87 -16.45 -25.24
CA ILE E 51 12.61 -16.31 -25.95
C ILE E 51 12.31 -14.85 -26.30
N ALA E 52 12.01 -14.60 -27.56
CA ALA E 52 11.72 -13.25 -28.04
C ALA E 52 10.38 -12.75 -27.58
N PRO E 53 10.26 -11.43 -27.42
CA PRO E 53 8.97 -10.86 -27.00
C PRO E 53 8.04 -10.84 -28.20
N LEU E 54 6.76 -10.76 -27.92
CA LEU E 54 5.79 -10.69 -28.97
C LEU E 54 5.57 -9.21 -29.26
N GLN E 55 6.12 -8.75 -30.38
CA GLN E 55 5.99 -7.37 -30.79
C GLN E 55 4.68 -7.18 -31.58
N LEU E 56 3.69 -6.59 -30.91
CA LEU E 56 2.40 -6.34 -31.52
C LEU E 56 2.41 -5.22 -32.57
N GLY E 57 3.48 -4.41 -32.58
CA GLY E 57 3.63 -3.34 -33.54
C GLY E 57 2.47 -2.36 -33.63
N LYS E 58 1.90 -2.26 -34.82
CA LYS E 58 0.78 -1.36 -35.06
C LYS E 58 -0.55 -1.99 -34.62
N CYS E 59 -0.48 -3.20 -34.06
CA CYS E 59 -1.68 -3.89 -33.59
C CYS E 59 -1.75 -3.92 -32.07
N ASN E 60 -2.94 -3.98 -31.52
CA ASN E 60 -3.09 -4.12 -30.08
C ASN E 60 -3.59 -5.54 -29.81
N ILE E 61 -3.79 -5.91 -28.55
CA ILE E 61 -4.22 -7.25 -28.21
C ILE E 61 -5.52 -7.69 -28.88
N ALA E 62 -6.50 -6.80 -28.96
CA ALA E 62 -7.78 -7.09 -29.60
C ALA E 62 -7.55 -7.49 -31.03
N GLY E 63 -6.74 -6.69 -31.74
CA GLY E 63 -6.45 -6.97 -33.13
C GLY E 63 -5.71 -8.27 -33.29
N TRP E 64 -4.90 -8.61 -32.29
CA TRP E 64 -4.12 -9.83 -32.28
C TRP E 64 -5.00 -11.09 -32.16
N LEU E 65 -5.80 -11.14 -31.10
CA LEU E 65 -6.66 -12.30 -30.86
C LEU E 65 -7.82 -12.49 -31.86
N LEU E 66 -8.36 -11.40 -32.38
CA LEU E 66 -9.46 -11.49 -33.34
C LEU E 66 -8.91 -11.81 -34.73
N GLY E 67 -7.69 -11.37 -35.01
CA GLY E 67 -7.08 -11.61 -36.30
C GLY E 67 -7.43 -10.51 -37.31
N ASN E 68 -7.34 -9.26 -36.85
CA ASN E 68 -7.58 -8.08 -37.67
C ASN E 68 -6.74 -8.30 -38.92
N PRO E 69 -7.25 -7.93 -40.09
CA PRO E 69 -6.52 -8.10 -41.36
C PRO E 69 -5.15 -7.45 -41.38
N GLU E 70 -4.95 -6.41 -40.58
CA GLU E 70 -3.67 -5.72 -40.55
C GLU E 70 -2.62 -6.37 -39.64
N CYS E 71 -2.95 -7.50 -39.03
CA CYS E 71 -2.01 -8.14 -38.12
C CYS E 71 -1.53 -9.52 -38.56
N ASP E 72 -1.62 -9.79 -39.86
CA ASP E 72 -1.20 -11.10 -40.38
C ASP E 72 0.22 -11.50 -39.99
N LEU E 73 1.06 -10.51 -39.71
CA LEU E 73 2.44 -10.77 -39.32
C LEU E 73 2.54 -11.58 -38.04
N LEU E 74 1.51 -11.49 -37.20
CA LEU E 74 1.48 -12.18 -35.91
C LEU E 74 0.92 -13.60 -35.95
N LEU E 75 0.22 -13.94 -37.02
CA LEU E 75 -0.41 -15.25 -37.16
C LEU E 75 0.42 -16.48 -36.76
N THR E 76 1.71 -16.50 -37.07
CA THR E 76 2.54 -17.65 -36.75
C THR E 76 3.30 -17.59 -35.42
N VAL E 77 3.01 -16.58 -34.60
CA VAL E 77 3.69 -16.50 -33.32
C VAL E 77 2.85 -17.17 -32.26
N SER E 78 3.44 -18.08 -31.51
CA SER E 78 2.68 -18.77 -30.47
C SER E 78 3.35 -18.88 -29.10
N SER E 79 4.55 -18.30 -28.96
CA SER E 79 5.21 -18.27 -27.66
C SER E 79 6.02 -16.99 -27.58
N TRP E 80 6.09 -16.39 -26.40
CA TRP E 80 6.81 -15.13 -26.19
C TRP E 80 7.27 -14.95 -24.74
N SER E 81 8.33 -14.19 -24.55
CA SER E 81 8.87 -13.89 -23.23
C SER E 81 8.03 -12.80 -22.54
N TYR E 82 7.39 -11.96 -23.36
CA TYR E 82 6.51 -10.89 -22.89
C TYR E 82 5.89 -10.22 -24.11
N ILE E 83 4.72 -9.63 -23.95
CA ILE E 83 4.02 -8.97 -25.04
C ILE E 83 4.24 -7.46 -25.05
N VAL E 84 4.59 -6.93 -26.21
CA VAL E 84 4.85 -5.51 -26.36
C VAL E 84 3.85 -4.76 -27.24
N GLU E 85 3.22 -3.74 -26.65
CA GLU E 85 2.30 -2.88 -27.36
C GLU E 85 3.05 -1.54 -27.51
N THR E 86 2.92 -0.91 -28.67
CA THR E 86 3.60 0.36 -28.87
C THR E 86 2.60 1.51 -28.74
N SER E 87 3.09 2.73 -28.89
CA SER E 87 2.24 3.91 -28.81
C SER E 87 1.31 3.92 -30.01
N ASN E 88 1.66 3.21 -31.08
CA ASN E 88 0.83 3.18 -32.27
C ASN E 88 0.04 1.88 -32.45
N SER E 89 -0.19 1.15 -31.36
CA SER E 89 -0.96 -0.09 -31.46
C SER E 89 -2.43 0.29 -31.54
N ASP E 90 -2.87 0.61 -32.76
CA ASP E 90 -4.24 1.05 -33.00
C ASP E 90 -5.14 0.04 -33.72
N ASN E 91 -4.55 -0.91 -34.46
CA ASN E 91 -5.34 -1.90 -35.16
C ASN E 91 -5.91 -2.95 -34.22
N GLY E 92 -7.19 -2.84 -33.92
CA GLY E 92 -7.86 -3.77 -33.04
C GLY E 92 -9.16 -4.18 -33.70
N THR E 93 -10.27 -3.70 -33.16
CA THR E 93 -11.55 -4.02 -33.73
C THR E 93 -11.87 -3.07 -34.90
N CYS E 94 -11.61 -3.51 -36.13
CA CYS E 94 -11.88 -2.70 -37.32
C CYS E 94 -13.37 -2.47 -37.57
N TYR E 95 -14.22 -3.34 -37.04
CA TYR E 95 -15.66 -3.13 -37.20
C TYR E 95 -16.08 -2.60 -35.84
N PRO E 96 -16.66 -1.40 -35.80
CA PRO E 96 -17.09 -0.78 -34.53
C PRO E 96 -17.91 -1.61 -33.58
N GLY E 97 -17.64 -1.45 -32.29
CA GLY E 97 -18.38 -2.18 -31.27
C GLY E 97 -17.70 -2.25 -29.92
N ASP E 98 -18.40 -2.80 -28.94
CA ASP E 98 -17.90 -2.94 -27.58
C ASP E 98 -17.22 -4.32 -27.38
N PHE E 99 -15.97 -4.31 -26.93
CA PHE E 99 -15.24 -5.56 -26.68
C PHE E 99 -15.40 -5.87 -25.19
N ILE E 100 -16.41 -6.68 -24.87
CA ILE E 100 -16.74 -7.05 -23.48
C ILE E 100 -15.61 -7.58 -22.60
N ASP E 101 -15.48 -7.00 -21.43
CA ASP E 101 -14.44 -7.39 -20.45
C ASP E 101 -13.08 -7.50 -21.10
N TYR E 102 -12.80 -6.55 -21.98
CA TYR E 102 -11.53 -6.51 -22.67
C TYR E 102 -10.31 -6.37 -21.74
N GLU E 103 -10.37 -5.54 -20.70
CA GLU E 103 -9.21 -5.38 -19.81
C GLU E 103 -8.91 -6.67 -19.03
N GLU E 104 -9.97 -7.37 -18.66
CA GLU E 104 -9.86 -8.64 -17.95
C GLU E 104 -9.13 -9.66 -18.81
N LEU E 105 -9.46 -9.70 -20.10
CA LEU E 105 -8.81 -10.61 -21.02
C LEU E 105 -7.33 -10.28 -21.15
N ARG E 106 -7.01 -8.99 -21.13
CA ARG E 106 -5.60 -8.57 -21.22
C ARG E 106 -4.92 -9.01 -19.93
N GLU E 107 -5.62 -8.88 -18.81
CA GLU E 107 -5.06 -9.29 -17.53
C GLU E 107 -4.74 -10.79 -17.60
N GLN E 108 -5.63 -11.55 -18.22
CA GLN E 108 -5.46 -13.00 -18.39
C GLN E 108 -4.24 -13.34 -19.24
N LEU E 109 -4.07 -12.61 -20.34
CA LEU E 109 -2.94 -12.86 -21.23
C LEU E 109 -1.60 -12.57 -20.57
N SER E 110 -1.61 -11.76 -19.52
CA SER E 110 -0.36 -11.41 -18.83
C SER E 110 0.37 -12.62 -18.25
N SER E 111 -0.36 -13.69 -17.95
CA SER E 111 0.30 -14.86 -17.42
C SER E 111 0.25 -16.03 -18.39
N VAL E 112 0.16 -15.72 -19.68
CA VAL E 112 0.14 -16.72 -20.73
C VAL E 112 1.46 -16.56 -21.42
N SER E 113 2.25 -17.64 -21.49
CA SER E 113 3.55 -17.51 -22.13
C SER E 113 3.60 -18.09 -23.53
N SER E 114 2.55 -18.81 -23.91
CA SER E 114 2.47 -19.42 -25.23
C SER E 114 1.14 -20.12 -25.38
N PHE E 115 0.78 -20.45 -26.60
CA PHE E 115 -0.47 -21.17 -26.82
C PHE E 115 -0.41 -21.98 -28.12
N GLU E 116 -1.47 -22.74 -28.37
CA GLU E 116 -1.59 -23.51 -29.61
C GLU E 116 -2.88 -23.02 -30.23
N LYS E 117 -2.79 -22.39 -31.39
CA LYS E 117 -3.99 -21.91 -32.07
C LYS E 117 -4.50 -23.11 -32.87
N PHE E 118 -5.82 -23.25 -32.97
CA PHE E 118 -6.38 -24.35 -33.74
C PHE E 118 -7.76 -23.93 -34.23
N GLU E 119 -8.13 -24.40 -35.42
CA GLU E 119 -9.41 -24.05 -35.99
C GLU E 119 -10.50 -24.84 -35.29
N ILE E 120 -11.03 -24.25 -34.22
CA ILE E 120 -12.08 -24.87 -33.42
C ILE E 120 -13.29 -25.29 -34.27
N PHE E 121 -13.76 -24.40 -35.14
CA PHE E 121 -14.90 -24.71 -36.02
C PHE E 121 -14.45 -24.47 -37.46
N PRO E 122 -13.92 -25.51 -38.13
CA PRO E 122 -13.47 -25.33 -39.51
C PRO E 122 -14.53 -24.63 -40.36
N LYS E 123 -14.10 -23.63 -41.10
CA LYS E 123 -14.97 -22.84 -41.96
C LYS E 123 -15.68 -23.62 -43.07
N THR E 124 -14.97 -24.54 -43.71
CA THR E 124 -15.54 -25.28 -44.82
C THR E 124 -16.35 -26.53 -44.49
N SER E 125 -16.50 -26.86 -43.21
CA SER E 125 -17.26 -28.05 -42.86
C SER E 125 -18.24 -27.87 -41.71
N SER E 126 -18.06 -26.80 -40.94
CA SER E 126 -18.92 -26.54 -39.78
C SER E 126 -20.31 -25.99 -40.04
N TRP E 127 -20.51 -25.31 -41.18
CA TRP E 127 -21.83 -24.70 -41.44
C TRP E 127 -22.48 -24.96 -42.81
N PRO E 128 -22.94 -26.21 -43.03
CA PRO E 128 -23.59 -26.63 -44.28
C PRO E 128 -24.84 -25.83 -44.63
N ASN E 129 -25.58 -25.42 -43.60
CA ASN E 129 -26.81 -24.67 -43.76
C ASN E 129 -26.76 -23.15 -43.66
N HIS E 130 -25.58 -22.57 -43.73
CA HIS E 130 -25.49 -21.12 -43.65
C HIS E 130 -24.39 -20.67 -44.60
N GLU E 131 -24.46 -19.41 -45.04
CA GLU E 131 -23.46 -18.84 -45.95
C GLU E 131 -22.19 -18.50 -45.16
N THR E 132 -21.05 -18.98 -45.64
CA THR E 132 -19.77 -18.74 -45.00
C THR E 132 -18.82 -17.90 -45.85
N THR E 133 -19.25 -17.59 -47.08
CA THR E 133 -18.42 -16.87 -48.03
C THR E 133 -18.65 -15.36 -48.20
N ARG E 134 -19.64 -14.79 -47.52
CA ARG E 134 -19.89 -13.36 -47.70
C ARG E 134 -19.72 -12.44 -46.48
N GLY E 135 -19.16 -12.97 -45.39
CA GLY E 135 -18.99 -12.18 -44.18
C GLY E 135 -17.79 -11.25 -44.21
N VAL E 136 -17.84 -10.26 -45.09
CA VAL E 136 -16.77 -9.28 -45.24
C VAL E 136 -17.35 -7.88 -45.18
N THR E 137 -16.47 -6.90 -44.98
CA THR E 137 -16.89 -5.53 -44.86
C THR E 137 -15.79 -4.57 -45.22
N ALA E 138 -16.18 -3.35 -45.61
CA ALA E 138 -15.21 -2.32 -45.96
C ALA E 138 -14.55 -1.77 -44.70
N ALA E 139 -15.10 -2.12 -43.54
CA ALA E 139 -14.57 -1.69 -42.25
C ALA E 139 -13.32 -2.47 -41.85
N CYS E 140 -13.15 -3.64 -42.47
CA CYS E 140 -12.01 -4.51 -42.18
C CYS E 140 -11.38 -4.93 -43.51
N PRO E 141 -10.82 -3.96 -44.22
CA PRO E 141 -10.17 -4.17 -45.52
C PRO E 141 -8.82 -4.86 -45.45
N TYR E 142 -8.42 -5.39 -46.61
CA TYR E 142 -7.16 -6.07 -46.76
C TYR E 142 -6.81 -5.92 -48.23
N ALA E 143 -5.68 -5.30 -48.51
CA ALA E 143 -5.24 -5.08 -49.88
C ALA E 143 -6.28 -4.23 -50.63
N GLY E 144 -7.03 -3.42 -49.90
CA GLY E 144 -8.03 -2.58 -50.53
C GLY E 144 -9.38 -3.26 -50.69
N ALA E 145 -9.41 -4.59 -50.65
CA ALA E 145 -10.67 -5.32 -50.78
C ALA E 145 -11.30 -5.63 -49.42
N SER E 146 -12.62 -5.60 -49.37
CA SER E 146 -13.33 -5.90 -48.13
C SER E 146 -12.90 -7.26 -47.62
N SER E 147 -12.69 -7.35 -46.32
CA SER E 147 -12.24 -8.59 -45.71
C SER E 147 -12.83 -8.72 -44.32
N PHE E 148 -12.20 -9.51 -43.46
CA PHE E 148 -12.70 -9.70 -42.11
C PHE E 148 -11.65 -10.31 -41.20
N TYR E 149 -12.00 -10.43 -39.92
CA TYR E 149 -11.14 -11.00 -38.90
C TYR E 149 -10.74 -12.40 -39.33
N ARG E 150 -9.47 -12.78 -39.12
CA ARG E 150 -9.03 -14.11 -39.53
C ARG E 150 -9.51 -15.21 -38.59
N ASN E 151 -9.66 -14.89 -37.31
CA ASN E 151 -10.06 -15.88 -36.33
C ASN E 151 -11.54 -16.00 -36.06
N LEU E 152 -12.34 -15.17 -36.74
CA LEU E 152 -13.79 -15.20 -36.61
C LEU E 152 -14.45 -15.49 -37.96
N LEU E 153 -15.73 -15.83 -37.96
CA LEU E 153 -16.44 -16.14 -39.19
C LEU E 153 -17.83 -15.52 -39.16
N TRP E 154 -18.06 -14.53 -40.02
CA TRP E 154 -19.35 -13.85 -40.06
C TRP E 154 -20.33 -14.68 -40.91
N LEU E 155 -21.30 -15.31 -40.26
CA LEU E 155 -22.27 -16.14 -40.96
C LEU E 155 -23.53 -15.37 -41.36
N VAL E 156 -24.06 -15.65 -42.56
CA VAL E 156 -25.28 -14.97 -43.00
C VAL E 156 -26.27 -15.98 -43.57
N LYS E 157 -27.47 -15.50 -43.90
CA LYS E 157 -28.51 -16.34 -44.44
C LYS E 157 -28.10 -16.97 -45.77
N LYS E 158 -28.51 -18.22 -45.95
CA LYS E 158 -28.21 -18.97 -47.15
C LYS E 158 -29.49 -19.11 -47.97
N GLY E 159 -29.51 -18.51 -49.15
CA GLY E 159 -30.68 -18.57 -50.00
C GLY E 159 -31.97 -18.18 -49.31
N ASN E 160 -31.97 -16.99 -48.70
CA ASN E 160 -33.14 -16.48 -47.98
C ASN E 160 -33.59 -17.33 -46.79
N SER E 161 -32.65 -18.01 -46.13
CA SER E 161 -33.00 -18.83 -44.99
C SER E 161 -31.88 -18.90 -43.94
N TYR E 162 -32.25 -18.73 -42.67
CA TYR E 162 -31.26 -18.81 -41.59
C TYR E 162 -31.85 -19.75 -40.54
N PRO E 163 -31.68 -21.06 -40.74
CA PRO E 163 -32.22 -22.06 -39.81
C PRO E 163 -31.52 -21.92 -38.48
N LYS E 164 -32.11 -22.49 -37.43
CA LYS E 164 -31.47 -22.43 -36.12
C LYS E 164 -30.23 -23.29 -36.18
N LEU E 165 -29.08 -22.71 -35.87
CA LEU E 165 -27.84 -23.45 -35.89
C LEU E 165 -27.47 -23.82 -34.46
N SER E 166 -26.69 -24.89 -34.30
CA SER E 166 -26.27 -25.32 -32.98
C SER E 166 -24.91 -25.99 -33.18
N LYS E 167 -23.89 -25.45 -32.52
CA LYS E 167 -22.55 -26.00 -32.65
C LYS E 167 -21.93 -26.16 -31.28
N SER E 168 -21.16 -27.23 -31.09
CA SER E 168 -20.54 -27.46 -29.80
C SER E 168 -19.13 -27.93 -29.94
N TYR E 169 -18.32 -27.56 -28.97
CA TYR E 169 -16.94 -27.98 -28.96
C TYR E 169 -16.68 -28.47 -27.55
N VAL E 170 -15.92 -29.56 -27.46
CA VAL E 170 -15.56 -30.16 -26.19
C VAL E 170 -14.07 -29.99 -26.09
N ASN E 171 -13.62 -29.32 -25.03
CA ASN E 171 -12.20 -29.07 -24.87
C ASN E 171 -11.38 -30.27 -24.41
N ASN E 172 -10.60 -30.81 -25.34
CA ASN E 172 -9.74 -31.95 -25.06
C ASN E 172 -8.28 -31.57 -25.23
N LYS E 173 -7.99 -30.29 -25.08
CA LYS E 173 -6.62 -29.82 -25.23
C LYS E 173 -5.78 -30.04 -23.97
N GLY E 174 -6.44 -30.34 -22.86
CA GLY E 174 -5.74 -30.58 -21.63
C GLY E 174 -5.28 -29.30 -20.94
N LYS E 175 -5.89 -28.18 -21.33
CA LYS E 175 -5.57 -26.87 -20.75
C LYS E 175 -6.72 -25.91 -21.06
N GLU E 176 -6.58 -24.66 -20.62
CA GLU E 176 -7.61 -23.66 -20.89
C GLU E 176 -7.69 -23.35 -22.38
N VAL E 177 -8.89 -23.09 -22.86
CA VAL E 177 -9.06 -22.73 -24.25
C VAL E 177 -9.81 -21.42 -24.34
N LEU E 178 -9.14 -20.41 -24.91
CA LEU E 178 -9.76 -19.10 -25.08
C LEU E 178 -10.58 -19.15 -26.36
N VAL E 179 -11.87 -18.87 -26.25
CA VAL E 179 -12.75 -18.86 -27.39
C VAL E 179 -13.35 -17.48 -27.55
N LEU E 180 -13.18 -16.88 -28.73
CA LEU E 180 -13.74 -15.56 -28.96
C LEU E 180 -14.87 -15.59 -29.98
N TRP E 181 -15.79 -14.63 -29.87
CA TRP E 181 -16.88 -14.56 -30.82
C TRP E 181 -17.54 -13.20 -30.80
N GLY E 182 -18.50 -12.99 -31.69
CA GLY E 182 -19.17 -11.72 -31.73
C GLY E 182 -20.65 -11.82 -32.01
N VAL E 183 -21.33 -10.70 -31.79
CA VAL E 183 -22.76 -10.59 -32.05
C VAL E 183 -22.89 -9.29 -32.82
N HIS E 184 -23.42 -9.39 -34.04
CA HIS E 184 -23.59 -8.25 -34.91
C HIS E 184 -24.95 -7.60 -34.71
N HIS E 185 -25.00 -6.28 -34.81
CA HIS E 185 -26.24 -5.54 -34.64
C HIS E 185 -26.43 -4.62 -35.85
N PRO E 186 -27.31 -5.01 -36.79
CA PRO E 186 -27.57 -4.19 -37.99
C PRO E 186 -28.19 -2.84 -37.62
N PRO E 187 -28.02 -1.82 -38.47
CA PRO E 187 -28.61 -0.51 -38.16
C PRO E 187 -30.09 -0.47 -38.51
N THR E 188 -30.49 -1.37 -39.39
CA THR E 188 -31.87 -1.40 -39.87
C THR E 188 -32.53 -2.78 -39.89
N SER E 189 -33.84 -2.79 -39.70
CA SER E 189 -34.62 -4.03 -39.71
C SER E 189 -34.51 -4.67 -41.10
N THR E 190 -34.29 -3.82 -42.10
CA THR E 190 -34.13 -4.28 -43.47
C THR E 190 -32.81 -5.03 -43.59
N ASP E 191 -31.76 -4.48 -42.98
CA ASP E 191 -30.44 -5.11 -43.01
C ASP E 191 -30.50 -6.41 -42.23
N GLN E 192 -31.23 -6.39 -41.13
CA GLN E 192 -31.41 -7.57 -40.29
C GLN E 192 -31.97 -8.71 -41.14
N GLN E 193 -32.95 -8.37 -41.97
CA GLN E 193 -33.61 -9.34 -42.83
C GLN E 193 -32.75 -9.73 -44.03
N SER E 194 -31.98 -8.79 -44.54
CA SER E 194 -31.11 -9.05 -45.69
C SER E 194 -29.97 -9.98 -45.26
N LEU E 195 -29.53 -9.84 -44.02
CA LEU E 195 -28.43 -10.64 -43.50
C LEU E 195 -28.86 -11.96 -42.87
N TYR E 196 -29.88 -11.90 -42.03
CA TYR E 196 -30.30 -13.09 -41.29
C TYR E 196 -31.75 -13.55 -41.42
N GLN E 197 -32.50 -12.97 -42.36
CA GLN E 197 -33.90 -13.33 -42.56
C GLN E 197 -34.76 -13.16 -41.31
N ASN E 198 -34.44 -13.92 -40.26
CA ASN E 198 -35.20 -13.86 -39.02
C ASN E 198 -35.21 -12.50 -38.36
N ALA E 199 -36.36 -11.82 -38.42
CA ALA E 199 -36.51 -10.50 -37.82
C ALA E 199 -36.15 -10.52 -36.35
N ASP E 200 -36.53 -11.58 -35.65
CA ASP E 200 -36.22 -11.65 -34.23
C ASP E 200 -35.32 -12.81 -33.85
N ALA E 201 -34.06 -12.69 -34.28
CA ALA E 201 -33.07 -13.71 -34.02
C ALA E 201 -32.55 -13.57 -32.60
N TYR E 202 -31.67 -14.49 -32.22
CA TYR E 202 -31.07 -14.46 -30.91
C TYR E 202 -29.83 -15.32 -30.98
N VAL E 203 -28.92 -15.09 -30.05
CA VAL E 203 -27.71 -15.90 -29.97
C VAL E 203 -27.58 -16.38 -28.53
N SER E 204 -27.22 -17.65 -28.37
CA SER E 204 -27.06 -18.24 -27.05
C SER E 204 -25.69 -18.91 -26.93
N VAL E 205 -25.07 -18.78 -25.77
CA VAL E 205 -23.75 -19.38 -25.56
C VAL E 205 -23.70 -20.00 -24.18
N GLY E 206 -23.28 -21.25 -24.09
CA GLY E 206 -23.21 -21.90 -22.81
C GLY E 206 -22.13 -22.94 -22.62
N SER E 207 -21.66 -23.04 -21.37
CA SER E 207 -20.65 -24.02 -20.98
C SER E 207 -21.11 -24.43 -19.59
N SER E 208 -20.22 -25.08 -18.84
CA SER E 208 -20.58 -25.50 -17.49
C SER E 208 -20.73 -24.29 -16.57
N LYS E 209 -20.01 -23.22 -16.89
CA LYS E 209 -20.06 -22.02 -16.06
C LYS E 209 -20.49 -20.77 -16.80
N TYR E 210 -20.34 -20.76 -18.12
CA TYR E 210 -20.75 -19.63 -18.93
C TYR E 210 -22.18 -19.83 -19.41
N ASP E 211 -22.95 -18.75 -19.44
CA ASP E 211 -24.35 -18.82 -19.86
C ASP E 211 -24.90 -17.44 -20.18
N ARG E 212 -25.01 -17.12 -21.46
CA ARG E 212 -25.52 -15.81 -21.84
C ARG E 212 -26.37 -15.86 -23.10
N ARG E 213 -27.30 -14.91 -23.22
CA ARG E 213 -28.18 -14.83 -24.37
C ARG E 213 -28.08 -13.43 -24.98
N PHE E 214 -28.01 -13.36 -26.30
CA PHE E 214 -27.90 -12.08 -26.98
C PHE E 214 -29.03 -11.82 -27.93
N THR E 215 -29.54 -10.60 -27.90
CA THR E 215 -30.64 -10.14 -28.74
C THR E 215 -30.14 -9.02 -29.63
N PRO E 216 -30.54 -9.03 -30.91
CA PRO E 216 -30.06 -7.94 -31.78
C PRO E 216 -30.65 -6.60 -31.32
N GLU E 217 -29.84 -5.56 -31.34
CA GLU E 217 -30.31 -4.22 -30.97
C GLU E 217 -30.23 -3.41 -32.26
N ILE E 218 -31.32 -3.42 -33.02
CA ILE E 218 -31.37 -2.72 -34.31
C ILE E 218 -31.52 -1.21 -34.13
N ALA E 219 -30.57 -0.47 -34.71
CA ALA E 219 -30.59 0.98 -34.63
C ALA E 219 -29.42 1.57 -35.38
N ALA E 220 -29.60 2.80 -35.84
CA ALA E 220 -28.55 3.51 -36.56
C ALA E 220 -27.80 4.38 -35.56
N ARG E 221 -26.54 4.05 -35.31
CA ARG E 221 -25.73 4.86 -34.43
C ARG E 221 -24.75 5.60 -35.34
N PRO E 222 -24.04 6.60 -34.81
CA PRO E 222 -23.08 7.35 -35.62
C PRO E 222 -22.11 6.40 -36.33
N LYS E 223 -21.92 6.60 -37.61
CA LYS E 223 -21.02 5.76 -38.38
C LYS E 223 -19.57 5.85 -37.92
N VAL E 224 -18.96 4.69 -37.69
CA VAL E 224 -17.57 4.59 -37.33
C VAL E 224 -17.00 3.65 -38.39
N ARG E 225 -15.99 4.09 -39.12
CA ARG E 225 -15.44 3.26 -40.17
C ARG E 225 -16.54 2.89 -41.16
N GLY E 226 -17.39 3.85 -41.47
CA GLY E 226 -18.48 3.66 -42.41
C GLY E 226 -19.64 2.84 -41.93
N GLN E 227 -19.51 2.25 -40.73
CA GLN E 227 -20.58 1.41 -40.22
C GLN E 227 -21.51 2.10 -39.22
N ALA E 228 -22.81 1.89 -39.40
CA ALA E 228 -23.81 2.46 -38.50
C ALA E 228 -24.27 1.34 -37.57
N GLY E 229 -23.97 0.11 -37.96
CA GLY E 229 -24.32 -1.01 -37.12
C GLY E 229 -23.16 -1.20 -36.15
N ARG E 230 -23.28 -2.16 -35.26
CA ARG E 230 -22.23 -2.42 -34.29
C ARG E 230 -21.99 -3.92 -34.20
N MET E 231 -20.81 -4.29 -33.69
CA MET E 231 -20.49 -5.70 -33.50
C MET E 231 -19.81 -5.81 -32.14
N ASN E 232 -20.39 -6.61 -31.25
CA ASN E 232 -19.79 -6.75 -29.93
C ASN E 232 -19.01 -8.05 -29.85
N TYR E 233 -17.85 -7.97 -29.21
CA TYR E 233 -16.99 -9.12 -29.08
C TYR E 233 -16.98 -9.69 -27.68
N TYR E 234 -16.96 -11.02 -27.62
CA TYR E 234 -16.98 -11.75 -26.36
C TYR E 234 -15.94 -12.85 -26.34
N TRP E 235 -15.68 -13.36 -25.14
CA TRP E 235 -14.70 -14.41 -24.94
C TRP E 235 -15.00 -15.10 -23.64
N THR E 236 -14.39 -16.27 -23.46
CA THR E 236 -14.52 -17.03 -22.24
C THR E 236 -13.39 -18.03 -22.30
N LEU E 237 -12.98 -18.52 -21.13
CA LEU E 237 -11.92 -19.52 -21.07
C LEU E 237 -12.60 -20.83 -20.77
N LEU E 238 -12.67 -21.71 -21.75
CA LEU E 238 -13.32 -23.01 -21.57
C LEU E 238 -12.37 -23.95 -20.83
N GLU E 239 -12.79 -24.43 -19.67
CA GLU E 239 -11.94 -25.32 -18.88
C GLU E 239 -11.70 -26.69 -19.51
N PRO E 240 -10.55 -27.30 -19.23
CA PRO E 240 -10.25 -28.63 -19.80
C PRO E 240 -11.41 -29.58 -19.53
N GLY E 241 -11.81 -30.31 -20.58
CA GLY E 241 -12.90 -31.26 -20.44
C GLY E 241 -14.30 -30.69 -20.52
N ASP E 242 -14.43 -29.38 -20.44
CA ASP E 242 -15.75 -28.76 -20.50
C ASP E 242 -16.23 -28.55 -21.93
N THR E 243 -17.51 -28.23 -22.08
CA THR E 243 -18.13 -28.03 -23.38
C THR E 243 -18.75 -26.64 -23.57
N ILE E 244 -18.56 -26.06 -24.74
CA ILE E 244 -19.16 -24.79 -25.05
C ILE E 244 -20.11 -25.05 -26.22
N THR E 245 -21.32 -24.52 -26.12
CA THR E 245 -22.34 -24.71 -27.15
C THR E 245 -22.89 -23.39 -27.67
N PHE E 246 -22.88 -23.22 -28.99
CA PHE E 246 -23.42 -22.02 -29.63
C PHE E 246 -24.75 -22.30 -30.31
N GLU E 247 -25.78 -21.53 -29.96
CA GLU E 247 -27.10 -21.67 -30.58
C GLU E 247 -27.45 -20.31 -31.17
N ALA E 248 -28.04 -20.29 -32.38
CA ALA E 248 -28.37 -19.01 -33.00
C ALA E 248 -29.32 -19.10 -34.20
N THR E 249 -30.13 -18.04 -34.35
CA THR E 249 -31.05 -17.94 -35.47
C THR E 249 -30.71 -16.65 -36.21
N GLY E 250 -29.44 -16.25 -36.08
CA GLY E 250 -28.97 -15.03 -36.74
C GLY E 250 -28.02 -14.22 -35.88
N ASN E 251 -27.30 -13.31 -36.52
CA ASN E 251 -26.39 -12.39 -35.82
C ASN E 251 -25.14 -12.92 -35.16
N LEU E 252 -24.84 -14.20 -35.32
CA LEU E 252 -23.65 -14.76 -34.69
C LEU E 252 -22.41 -14.63 -35.54
N VAL E 253 -21.35 -14.06 -34.97
CA VAL E 253 -20.08 -13.97 -35.69
C VAL E 253 -19.33 -15.10 -35.01
N ALA E 254 -19.45 -16.28 -35.58
CA ALA E 254 -18.87 -17.49 -35.03
C ALA E 254 -17.38 -17.58 -34.87
N PRO E 255 -16.95 -18.39 -33.89
CA PRO E 255 -15.53 -18.61 -33.62
C PRO E 255 -14.99 -19.38 -34.81
N ARG E 256 -13.76 -19.12 -35.22
CA ARG E 256 -13.18 -19.90 -36.30
C ARG E 256 -11.90 -20.49 -35.75
N TYR E 257 -11.13 -19.66 -35.07
CA TYR E 257 -9.89 -20.12 -34.43
C TYR E 257 -10.03 -19.84 -32.94
N ALA E 258 -9.34 -20.64 -32.15
CA ALA E 258 -9.38 -20.51 -30.71
C ALA E 258 -7.98 -20.84 -30.23
N PHE E 259 -7.71 -20.57 -28.95
CA PHE E 259 -6.37 -20.79 -28.43
C PHE E 259 -6.30 -21.63 -27.17
N ALA E 260 -5.40 -22.60 -27.20
CA ALA E 260 -5.17 -23.48 -26.07
C ALA E 260 -4.02 -22.81 -25.35
N LEU E 261 -4.31 -22.23 -24.19
CA LEU E 261 -3.33 -21.47 -23.40
C LEU E 261 -2.41 -22.22 -22.45
N ASN E 262 -1.14 -21.82 -22.42
CA ASN E 262 -0.14 -22.40 -21.53
C ASN E 262 0.22 -21.33 -20.51
N ARG E 263 -0.12 -21.58 -19.24
CA ARG E 263 0.20 -20.61 -18.21
C ARG E 263 1.69 -20.56 -17.93
N GLY E 264 2.18 -19.37 -17.63
CA GLY E 264 3.59 -19.19 -17.33
C GLY E 264 3.77 -17.85 -16.66
N SER E 265 3.30 -17.75 -15.42
CA SER E 265 3.43 -16.51 -14.67
C SER E 265 4.86 -16.01 -14.79
N GLY E 266 5.09 -14.75 -14.48
CA GLY E 266 6.43 -14.19 -14.58
C GLY E 266 6.58 -13.50 -15.93
N SER E 267 5.47 -13.42 -16.65
CA SER E 267 5.40 -12.79 -17.97
C SER E 267 4.49 -11.57 -17.83
N GLY E 268 4.33 -10.81 -18.91
CA GLY E 268 3.46 -9.66 -18.85
C GLY E 268 3.32 -8.90 -20.16
N ILE E 269 2.62 -7.78 -20.09
CA ILE E 269 2.37 -6.91 -21.24
C ILE E 269 2.93 -5.53 -20.93
N ILE E 270 3.76 -4.99 -21.81
CA ILE E 270 4.31 -3.66 -21.58
C ILE E 270 4.02 -2.75 -22.76
N THR E 271 4.20 -1.45 -22.55
CA THR E 271 4.01 -0.46 -23.61
C THR E 271 5.36 0.17 -23.84
N SER E 272 5.94 -0.07 -25.00
CA SER E 272 7.25 0.47 -25.31
C SER E 272 7.40 0.86 -26.77
N ASP E 273 8.24 1.85 -27.01
CA ASP E 273 8.48 2.28 -28.37
C ASP E 273 9.92 1.96 -28.68
N ALA E 274 10.58 1.29 -27.73
CA ALA E 274 11.96 0.90 -27.93
C ALA E 274 11.96 -0.25 -28.94
N PRO E 275 13.04 -0.36 -29.73
CA PRO E 275 13.12 -1.42 -30.73
C PRO E 275 13.62 -2.79 -30.23
N VAL E 276 13.04 -3.84 -30.80
CA VAL E 276 13.42 -5.21 -30.50
C VAL E 276 14.82 -5.41 -31.09
N HIS E 277 15.64 -6.22 -30.45
CA HIS E 277 16.99 -6.44 -30.94
C HIS E 277 17.47 -7.86 -30.67
N ASP E 278 18.41 -8.34 -31.47
CA ASP E 278 18.95 -9.68 -31.28
C ASP E 278 19.86 -9.60 -30.08
N CYS E 279 19.26 -9.74 -28.91
CA CYS E 279 20.01 -9.60 -27.66
C CYS E 279 19.32 -10.34 -26.51
N ASP E 280 20.08 -10.64 -25.47
CA ASP E 280 19.56 -11.36 -24.30
C ASP E 280 19.75 -10.57 -22.99
N THR E 281 18.82 -10.73 -22.06
CA THR E 281 18.90 -10.03 -20.78
C THR E 281 18.20 -10.81 -19.68
N LYS E 282 18.52 -10.49 -18.42
CA LYS E 282 17.86 -11.14 -17.29
C LYS E 282 16.81 -10.16 -16.78
N CYS E 283 16.95 -8.91 -17.19
CA CYS E 283 16.04 -7.86 -16.77
C CYS E 283 15.61 -6.94 -17.92
N GLN E 284 14.30 -6.74 -18.07
CA GLN E 284 13.79 -5.92 -19.15
C GLN E 284 12.85 -4.82 -18.69
N THR E 285 13.04 -3.61 -19.22
CA THR E 285 12.15 -2.48 -18.91
C THR E 285 11.65 -1.88 -20.23
N PRO E 286 10.58 -1.07 -20.17
CA PRO E 286 10.05 -0.46 -21.40
C PRO E 286 11.05 0.47 -22.11
N HIS E 287 12.10 0.88 -21.41
CA HIS E 287 13.10 1.76 -21.99
C HIS E 287 14.30 1.02 -22.54
N GLY E 288 14.56 -0.16 -21.98
CA GLY E 288 15.69 -0.97 -22.40
C GLY E 288 16.04 -2.00 -21.34
N ALA E 289 16.98 -2.88 -21.67
CA ALA E 289 17.40 -3.94 -20.75
C ALA E 289 18.49 -3.51 -19.76
N ILE E 290 18.33 -3.94 -18.51
CA ILE E 290 19.28 -3.65 -17.46
C ILE E 290 20.16 -4.86 -17.25
N ASN E 291 21.44 -4.63 -17.02
CA ASN E 291 22.38 -5.72 -16.77
C ASN E 291 23.26 -5.26 -15.62
N SER E 292 22.84 -5.54 -14.40
CA SER E 292 23.64 -5.12 -13.25
C SER E 292 23.33 -5.91 -11.98
N SER E 293 24.18 -5.72 -10.98
CA SER E 293 24.01 -6.41 -9.70
C SER E 293 23.68 -5.44 -8.58
N LEU E 294 23.47 -4.17 -8.93
CA LEU E 294 23.13 -3.18 -7.91
C LEU E 294 21.71 -3.46 -7.45
N PRO E 295 21.38 -3.12 -6.20
CA PRO E 295 20.04 -3.36 -5.66
C PRO E 295 18.95 -2.40 -6.11
N PHE E 296 19.34 -1.23 -6.63
CA PHE E 296 18.36 -0.25 -7.06
C PHE E 296 18.55 0.22 -8.50
N GLN E 297 17.47 0.73 -9.07
CA GLN E 297 17.48 1.26 -10.42
C GLN E 297 16.42 2.34 -10.47
N ASN E 298 16.65 3.37 -11.29
CA ASN E 298 15.69 4.45 -11.44
C ASN E 298 15.27 4.58 -12.91
N ILE E 299 15.46 3.50 -13.65
CA ILE E 299 15.11 3.44 -15.08
C ILE E 299 13.61 3.42 -15.30
N HIS E 300 12.93 2.45 -14.71
CA HIS E 300 11.50 2.33 -14.88
C HIS E 300 10.86 1.39 -13.84
N PRO E 301 9.66 1.73 -13.37
CA PRO E 301 8.95 0.89 -12.37
C PRO E 301 8.44 -0.43 -12.96
N VAL E 302 8.16 -0.45 -14.27
CA VAL E 302 7.68 -1.67 -14.92
C VAL E 302 8.89 -2.52 -15.25
N THR E 303 8.82 -3.78 -14.83
CA THR E 303 9.94 -4.71 -14.98
C THR E 303 9.52 -6.13 -15.36
N ILE E 304 10.43 -6.85 -16.01
CA ILE E 304 10.17 -8.24 -16.38
C ILE E 304 11.50 -8.94 -16.24
N GLY E 305 11.53 -10.02 -15.45
CA GLY E 305 12.76 -10.77 -15.23
C GLY E 305 13.32 -10.51 -13.84
N GLU E 306 14.63 -10.71 -13.68
CA GLU E 306 15.34 -10.48 -12.40
C GLU E 306 15.81 -9.03 -12.46
N CYS E 307 15.27 -8.17 -11.60
CA CYS E 307 15.65 -6.77 -11.66
C CYS E 307 15.86 -6.07 -10.33
N PRO E 308 16.62 -4.95 -10.35
CA PRO E 308 16.90 -4.15 -9.16
C PRO E 308 15.58 -3.46 -8.77
N LYS E 309 15.41 -3.14 -7.49
CA LYS E 309 14.19 -2.47 -7.03
C LYS E 309 14.12 -1.05 -7.62
N TYR E 310 12.98 -0.70 -8.19
CA TYR E 310 12.83 0.62 -8.77
C TYR E 310 12.66 1.68 -7.68
N VAL E 311 13.40 2.77 -7.81
CA VAL E 311 13.32 3.83 -6.83
C VAL E 311 13.37 5.18 -7.56
N LYS E 312 12.80 6.22 -6.96
CA LYS E 312 12.79 7.55 -7.56
C LYS E 312 14.06 8.34 -7.32
N SER E 313 15.00 7.74 -6.60
CA SER E 313 16.25 8.39 -6.30
C SER E 313 17.09 8.75 -7.52
N THR E 314 17.78 9.87 -7.40
CA THR E 314 18.65 10.34 -8.46
C THR E 314 20.07 9.88 -8.10
N LYS E 315 20.29 9.68 -6.80
CA LYS E 315 21.60 9.26 -6.30
C LYS E 315 21.51 8.42 -5.02
N LEU E 316 22.22 7.30 -5.00
CA LEU E 316 22.28 6.43 -3.83
C LEU E 316 23.69 5.87 -3.72
N ARG E 317 24.56 6.60 -3.03
CA ARG E 317 25.94 6.18 -2.86
C ARG E 317 26.24 5.97 -1.38
N MET E 318 26.79 4.80 -1.07
CA MET E 318 27.11 4.45 0.30
C MET E 318 28.60 4.62 0.53
N ALA E 319 28.99 5.30 1.60
CA ALA E 319 30.40 5.48 1.90
C ALA E 319 30.91 4.17 2.50
N THR E 320 32.12 3.77 2.13
CA THR E 320 32.70 2.56 2.68
C THR E 320 34.03 2.91 3.31
N GLY E 321 34.73 3.85 2.68
CA GLY E 321 36.01 4.30 3.18
C GLY E 321 35.77 5.39 4.20
N LEU E 322 36.72 6.30 4.34
CA LEU E 322 36.55 7.38 5.31
C LEU E 322 36.73 8.76 4.73
N ARG E 323 36.33 9.76 5.51
CA ARG E 323 36.46 11.16 5.11
C ARG E 323 37.86 11.37 4.54
N ASN E 324 37.94 11.60 3.24
CA ASN E 324 39.23 11.77 2.56
C ASN E 324 39.79 13.18 2.75
N ILE E 325 40.89 13.26 3.51
CA ILE E 325 41.54 14.54 3.80
C ILE E 325 43.02 14.53 3.41
N PRO E 326 43.31 14.61 2.09
CA PRO E 326 44.70 14.61 1.59
C PRO E 326 45.48 15.86 1.94
N ALA E 327 44.76 16.97 2.15
CA ALA E 327 45.37 18.25 2.49
C ALA E 327 46.62 18.51 1.65
N ARG E 328 46.57 18.09 0.39
CA ARG E 328 47.70 18.27 -0.52
C ARG E 328 48.04 19.74 -0.76
N GLY F 1 33.97 15.08 13.51
CA GLY F 1 34.30 13.78 14.06
C GLY F 1 33.65 13.52 15.41
N LEU F 2 32.92 12.43 15.51
CA LEU F 2 32.23 12.06 16.74
C LEU F 2 33.22 11.58 17.81
N PHE F 3 34.40 11.13 17.38
CA PHE F 3 35.40 10.64 18.33
C PHE F 3 36.67 11.49 18.41
N GLY F 4 36.63 12.68 17.82
CA GLY F 4 37.76 13.59 17.86
C GLY F 4 39.06 13.21 17.16
N ALA F 5 39.13 12.02 16.59
CA ALA F 5 40.34 11.57 15.90
C ALA F 5 40.47 12.09 14.45
N ILE F 6 39.77 11.45 13.52
CA ILE F 6 39.82 11.85 12.11
C ILE F 6 39.38 13.30 11.96
N ALA F 7 40.19 14.10 11.28
CA ALA F 7 39.89 15.51 11.09
C ALA F 7 39.68 16.17 12.45
N GLY F 8 40.30 15.59 13.48
CA GLY F 8 40.18 16.12 14.82
C GLY F 8 41.55 16.42 15.39
N PHE F 9 42.03 15.59 16.31
CA PHE F 9 43.36 15.84 16.85
C PHE F 9 44.40 15.28 15.90
N ILE F 10 43.94 14.58 14.86
CA ILE F 10 44.81 14.04 13.82
C ILE F 10 44.33 14.69 12.52
N GLU F 11 44.47 16.01 12.49
CA GLU F 11 44.08 16.88 11.38
C GLU F 11 43.90 16.33 9.96
N GLY F 12 44.91 15.65 9.44
CA GLY F 12 44.77 15.14 8.07
C GLY F 12 45.07 13.67 7.85
N GLY F 13 44.90 13.23 6.61
CA GLY F 13 45.14 11.84 6.26
C GLY F 13 46.45 11.66 5.51
N TRP F 14 46.87 10.41 5.34
CA TRP F 14 48.12 10.14 4.64
C TRP F 14 47.95 9.43 3.32
N THR F 15 48.24 10.16 2.23
CA THR F 15 48.17 9.57 0.91
C THR F 15 49.32 8.58 0.80
N GLY F 16 50.30 8.74 1.71
CA GLY F 16 51.46 7.87 1.73
C GLY F 16 51.11 6.48 2.23
N LEU F 17 50.04 6.39 3.02
CA LEU F 17 49.59 5.12 3.54
C LEU F 17 48.74 4.47 2.45
N ILE F 18 49.17 3.30 1.97
CA ILE F 18 48.44 2.63 0.90
C ILE F 18 48.36 1.12 1.08
N ASP F 19 48.32 0.67 2.33
CA ASP F 19 48.23 -0.76 2.62
C ASP F 19 46.93 -1.05 3.36
N GLY F 20 46.35 -0.01 3.94
CA GLY F 20 45.12 -0.16 4.68
C GLY F 20 44.51 1.19 4.98
N TRP F 21 43.47 1.18 5.82
CA TRP F 21 42.80 2.42 6.19
C TRP F 21 43.50 3.14 7.34
N TYR F 22 43.99 2.36 8.30
CA TYR F 22 44.65 2.92 9.48
C TYR F 22 46.10 2.45 9.55
N GLY F 23 46.99 3.31 10.04
CA GLY F 23 48.38 2.90 10.14
C GLY F 23 49.32 3.84 10.87
N TYR F 24 50.62 3.54 10.79
CA TYR F 24 51.65 4.35 11.43
C TYR F 24 52.64 4.86 10.40
N HIS F 25 53.38 5.90 10.77
CA HIS F 25 54.37 6.46 9.87
C HIS F 25 55.76 6.02 10.33
N HIS F 26 56.20 6.59 11.46
CA HIS F 26 57.50 6.29 12.06
C HIS F 26 58.71 6.91 11.37
N GLN F 27 59.60 7.48 12.18
CA GLN F 27 60.81 8.11 11.70
C GLN F 27 61.98 7.65 12.59
N ASN F 28 62.44 6.44 12.31
CA ASN F 28 63.54 5.83 13.05
C ASN F 28 64.89 6.24 12.49
N GLU F 29 65.95 5.88 13.20
CA GLU F 29 67.30 6.20 12.76
C GLU F 29 67.63 5.51 11.44
N GLN F 30 66.93 4.41 11.17
CA GLN F 30 67.15 3.64 9.95
C GLN F 30 66.37 4.15 8.74
N GLY F 31 65.50 5.14 8.95
CA GLY F 31 64.71 5.67 7.85
C GLY F 31 63.23 5.71 8.14
N SER F 32 62.50 6.56 7.42
CA SER F 32 61.06 6.71 7.60
C SER F 32 60.22 5.76 6.75
N GLY F 33 58.93 6.07 6.63
CA GLY F 33 58.02 5.25 5.86
C GLY F 33 56.61 5.20 6.41
N TYR F 34 55.81 4.28 5.87
CA TYR F 34 54.43 4.08 6.31
C TYR F 34 54.16 2.59 6.43
N ALA F 35 53.15 2.24 7.21
CA ALA F 35 52.78 0.85 7.41
C ALA F 35 51.34 0.81 7.91
N ALA F 36 50.54 -0.09 7.36
CA ALA F 36 49.15 -0.20 7.76
C ALA F 36 48.93 -1.25 8.84
N ASP F 37 48.01 -0.95 9.77
CA ASP F 37 47.69 -1.89 10.84
C ASP F 37 46.70 -2.91 10.30
N GLN F 38 47.22 -3.99 9.72
CA GLN F 38 46.38 -5.04 9.15
C GLN F 38 45.24 -5.50 10.06
N LYS F 39 45.52 -5.58 11.35
CA LYS F 39 44.52 -6.04 12.31
C LYS F 39 43.27 -5.17 12.30
N SER F 40 43.43 -3.89 12.60
CA SER F 40 42.28 -2.98 12.63
C SER F 40 41.71 -2.71 11.24
N THR F 41 42.56 -2.66 10.23
CA THR F 41 42.11 -2.41 8.86
C THR F 41 41.20 -3.51 8.34
N GLN F 42 41.60 -4.76 8.53
CA GLN F 42 40.78 -5.86 8.06
C GLN F 42 39.44 -5.90 8.80
N ASN F 43 39.49 -5.84 10.13
CA ASN F 43 38.27 -5.86 10.93
C ASN F 43 37.29 -4.79 10.46
N ALA F 44 37.84 -3.69 9.94
CA ALA F 44 37.01 -2.59 9.44
C ALA F 44 36.42 -3.01 8.10
N ILE F 45 37.25 -3.62 7.27
CA ILE F 45 36.83 -4.09 5.97
C ILE F 45 35.72 -5.11 6.13
N ASP F 46 35.87 -6.00 7.09
CA ASP F 46 34.86 -7.02 7.33
C ASP F 46 33.55 -6.39 7.76
N GLY F 47 33.62 -5.42 8.66
CA GLY F 47 32.44 -4.76 9.15
C GLY F 47 31.69 -4.02 8.05
N ILE F 48 32.40 -3.16 7.32
CA ILE F 48 31.80 -2.39 6.25
C ILE F 48 31.25 -3.30 5.15
N THR F 49 31.96 -4.39 4.88
CA THR F 49 31.51 -5.33 3.87
C THR F 49 30.19 -5.92 4.32
N ASN F 50 30.12 -6.27 5.60
CA ASN F 50 28.92 -6.84 6.18
C ASN F 50 27.77 -5.84 6.06
N LYS F 51 28.06 -4.58 6.37
CA LYS F 51 27.06 -3.53 6.32
C LYS F 51 26.47 -3.44 4.91
N VAL F 52 27.35 -3.28 3.92
CA VAL F 52 26.92 -3.19 2.54
C VAL F 52 26.01 -4.34 2.14
N ASN F 53 26.40 -5.57 2.49
CA ASN F 53 25.60 -6.74 2.18
C ASN F 53 24.32 -6.80 2.98
N SER F 54 24.33 -6.25 4.19
CA SER F 54 23.13 -6.26 5.03
C SER F 54 22.12 -5.29 4.44
N VAL F 55 22.63 -4.20 3.88
CA VAL F 55 21.76 -3.21 3.25
C VAL F 55 21.10 -3.89 2.06
N ILE F 56 21.91 -4.53 1.22
CA ILE F 56 21.40 -5.22 0.04
C ILE F 56 20.43 -6.36 0.37
N GLU F 57 20.75 -7.19 1.36
CA GLU F 57 19.87 -8.30 1.72
C GLU F 57 18.44 -7.82 1.98
N LYS F 58 18.32 -6.69 2.66
CA LYS F 58 17.01 -6.14 2.99
C LYS F 58 16.21 -5.71 1.77
N MET F 59 16.79 -4.87 0.92
CA MET F 59 16.11 -4.39 -0.27
C MET F 59 15.90 -5.51 -1.29
N ASN F 60 14.72 -6.10 -1.28
CA ASN F 60 14.36 -7.19 -2.19
C ASN F 60 14.63 -6.94 -3.67
N THR F 61 14.40 -7.98 -4.45
CA THR F 61 14.56 -7.94 -5.89
C THR F 61 13.19 -7.74 -6.53
N GLN F 62 13.16 -7.08 -7.67
CA GLN F 62 11.90 -6.86 -8.38
C GLN F 62 11.82 -7.88 -9.51
N PHE F 63 10.72 -8.62 -9.59
CA PHE F 63 10.59 -9.62 -10.65
C PHE F 63 9.80 -9.10 -11.84
N THR F 64 8.50 -9.36 -11.89
CA THR F 64 7.70 -8.87 -12.99
C THR F 64 6.55 -8.05 -12.44
N ALA F 65 6.52 -6.77 -12.76
CA ALA F 65 5.47 -5.86 -12.33
C ALA F 65 4.98 -5.15 -13.58
N VAL F 66 3.76 -5.47 -14.00
CA VAL F 66 3.19 -4.84 -15.20
C VAL F 66 1.90 -4.11 -14.86
N GLY F 67 1.47 -3.25 -15.76
CA GLY F 67 0.26 -2.48 -15.51
C GLY F 67 -1.04 -3.19 -15.78
N LYS F 68 -2.11 -2.44 -15.61
CA LYS F 68 -3.45 -2.94 -15.84
C LYS F 68 -4.17 -1.83 -16.59
N GLU F 69 -5.03 -2.20 -17.52
CA GLU F 69 -5.78 -1.21 -18.26
C GLU F 69 -7.10 -1.17 -17.51
N PHE F 70 -7.85 -0.09 -17.71
CA PHE F 70 -9.15 0.11 -17.07
C PHE F 70 -10.04 0.80 -18.12
N ASN F 71 -11.33 0.52 -18.12
CA ASN F 71 -12.19 1.16 -19.10
C ASN F 71 -12.71 2.49 -18.57
N ASN F 72 -13.35 3.28 -19.44
CA ASN F 72 -13.83 4.59 -19.04
C ASN F 72 -14.81 4.61 -17.86
N LEU F 73 -15.28 3.45 -17.44
CA LEU F 73 -16.20 3.39 -16.32
C LEU F 73 -15.57 2.78 -15.07
N GLU F 74 -14.24 2.74 -15.05
CA GLU F 74 -13.54 2.20 -13.89
C GLU F 74 -12.49 3.18 -13.41
N ARG F 75 -12.87 4.45 -13.33
CA ARG F 75 -11.97 5.52 -12.94
C ARG F 75 -11.51 5.39 -11.47
N ARG F 76 -12.41 4.91 -10.60
CA ARG F 76 -12.06 4.76 -9.20
C ARG F 76 -11.03 3.66 -8.99
N ILE F 77 -11.25 2.46 -9.56
CA ILE F 77 -10.27 1.39 -9.36
C ILE F 77 -8.95 1.80 -9.95
N LYS F 78 -9.01 2.49 -11.08
CA LYS F 78 -7.81 2.95 -11.76
C LYS F 78 -7.00 3.89 -10.86
N ASN F 79 -7.69 4.79 -10.17
CA ASN F 79 -6.99 5.72 -9.29
C ASN F 79 -6.51 4.99 -8.05
N LEU F 80 -7.28 3.99 -7.64
CA LEU F 80 -6.92 3.20 -6.48
C LEU F 80 -5.61 2.48 -6.82
N ASN F 81 -5.52 1.93 -8.02
CA ASN F 81 -4.33 1.21 -8.45
C ASN F 81 -3.11 2.12 -8.55
N LYS F 82 -3.36 3.39 -8.85
CA LYS F 82 -2.27 4.34 -8.97
C LYS F 82 -1.83 4.76 -7.57
N LYS F 83 -2.80 4.93 -6.67
CA LYS F 83 -2.51 5.34 -5.31
C LYS F 83 -1.63 4.26 -4.66
N VAL F 84 -1.87 3.01 -5.04
CA VAL F 84 -1.12 1.90 -4.51
C VAL F 84 0.29 1.85 -5.08
N ASP F 85 0.44 2.14 -6.37
CA ASP F 85 1.77 2.10 -6.96
C ASP F 85 2.62 3.28 -6.51
N ASP F 86 2.03 4.46 -6.48
CA ASP F 86 2.76 5.65 -6.06
C ASP F 86 3.10 5.57 -4.57
N GLY F 87 2.21 4.98 -3.79
CA GLY F 87 2.43 4.86 -2.36
C GLY F 87 3.65 4.01 -2.04
N PHE F 88 3.70 2.79 -2.59
CA PHE F 88 4.83 1.93 -2.30
C PHE F 88 6.12 2.46 -2.90
N LEU F 89 6.01 3.13 -4.03
CA LEU F 89 7.19 3.69 -4.65
C LEU F 89 7.82 4.71 -3.71
N ASP F 90 7.00 5.64 -3.22
CA ASP F 90 7.50 6.65 -2.30
C ASP F 90 8.07 6.01 -1.04
N VAL F 91 7.37 5.00 -0.52
CA VAL F 91 7.84 4.34 0.68
C VAL F 91 9.23 3.73 0.48
N TRP F 92 9.39 2.95 -0.57
CA TRP F 92 10.69 2.33 -0.82
C TRP F 92 11.76 3.33 -1.17
N THR F 93 11.38 4.42 -1.80
CA THR F 93 12.37 5.42 -2.16
C THR F 93 12.86 6.07 -0.88
N TYR F 94 11.94 6.27 0.04
CA TYR F 94 12.24 6.86 1.34
C TYR F 94 13.18 5.91 2.11
N ASN F 95 12.74 4.66 2.28
CA ASN F 95 13.53 3.66 2.97
C ASN F 95 14.96 3.59 2.48
N ALA F 96 15.14 3.53 1.16
CA ALA F 96 16.48 3.42 0.57
C ALA F 96 17.37 4.65 0.78
N GLU F 97 16.83 5.85 0.55
CA GLU F 97 17.65 7.05 0.72
C GLU F 97 17.98 7.31 2.18
N LEU F 98 17.04 6.97 3.06
CA LEU F 98 17.18 7.16 4.49
C LEU F 98 18.19 6.19 5.09
N LEU F 99 18.10 4.91 4.74
CA LEU F 99 19.02 3.92 5.25
C LEU F 99 20.45 4.35 4.88
N VAL F 100 20.64 4.73 3.62
CA VAL F 100 21.96 5.15 3.15
C VAL F 100 22.48 6.39 3.89
N LEU F 101 21.59 7.35 4.17
CA LEU F 101 22.00 8.54 4.89
C LEU F 101 22.47 8.17 6.29
N LEU F 102 21.66 7.38 6.98
CA LEU F 102 21.98 6.95 8.33
C LEU F 102 23.23 6.08 8.44
N GLU F 103 23.39 5.13 7.52
CA GLU F 103 24.57 4.27 7.56
C GLU F 103 25.83 5.00 7.15
N ASN F 104 25.70 6.08 6.38
CA ASN F 104 26.86 6.86 6.00
C ASN F 104 27.37 7.61 7.22
N GLU F 105 26.46 8.04 8.08
CA GLU F 105 26.84 8.77 9.27
C GLU F 105 27.57 7.77 10.20
N ARG F 106 26.98 6.59 10.38
CA ARG F 106 27.56 5.55 11.23
C ARG F 106 28.95 5.15 10.76
N THR F 107 29.08 4.91 9.46
CA THR F 107 30.34 4.50 8.85
C THR F 107 31.50 5.47 9.07
N LEU F 108 31.24 6.76 8.97
CA LEU F 108 32.32 7.71 9.18
C LEU F 108 32.67 7.71 10.66
N ASP F 109 31.67 7.59 11.52
CA ASP F 109 31.95 7.54 12.95
C ASP F 109 32.70 6.26 13.27
N PHE F 110 32.34 5.18 12.59
CA PHE F 110 32.99 3.89 12.80
C PHE F 110 34.49 3.99 12.55
N HIS F 111 34.86 4.70 11.48
CA HIS F 111 36.26 4.87 11.13
C HIS F 111 36.93 5.75 12.19
N ASP F 112 36.28 6.85 12.52
CA ASP F 112 36.80 7.77 13.53
C ASP F 112 37.10 6.98 14.81
N SER F 113 36.15 6.16 15.24
CA SER F 113 36.32 5.35 16.44
C SER F 113 37.53 4.45 16.36
N ASN F 114 37.69 3.78 15.22
CA ASN F 114 38.80 2.88 15.03
C ASN F 114 40.14 3.59 15.10
N VAL F 115 40.23 4.78 14.52
CA VAL F 115 41.48 5.53 14.57
C VAL F 115 41.76 5.87 16.03
N LYS F 116 40.73 6.38 16.71
CA LYS F 116 40.83 6.72 18.11
C LYS F 116 41.33 5.51 18.91
N ASN F 117 40.59 4.41 18.85
CA ASN F 117 40.98 3.20 19.58
C ASN F 117 42.42 2.78 19.28
N LEU F 118 42.85 2.96 18.04
CA LEU F 118 44.21 2.58 17.65
C LEU F 118 45.23 3.47 18.36
N TYR F 119 44.92 4.75 18.46
CA TYR F 119 45.81 5.68 19.13
C TYR F 119 45.96 5.26 20.59
N GLU F 120 44.84 4.99 21.24
CA GLU F 120 44.83 4.58 22.64
C GLU F 120 45.56 3.25 22.84
N LYS F 121 45.48 2.36 21.86
CA LYS F 121 46.14 1.08 21.97
C LYS F 121 47.65 1.29 21.98
N ALA F 122 48.13 2.09 21.03
CA ALA F 122 49.54 2.38 20.92
C ALA F 122 50.02 3.11 22.17
N ARG F 123 49.25 4.11 22.58
CA ARG F 123 49.56 4.90 23.76
C ARG F 123 49.67 4.04 25.03
N SER F 124 48.70 3.16 25.23
CA SER F 124 48.67 2.28 26.39
C SER F 124 49.84 1.30 26.41
N GLN F 125 50.49 1.12 25.27
CA GLN F 125 51.63 0.21 25.17
C GLN F 125 52.93 0.92 25.56
N LEU F 126 53.16 2.07 24.95
CA LEU F 126 54.36 2.86 25.19
C LEU F 126 54.40 3.50 26.57
N ARG F 127 53.23 3.67 27.19
CA ARG F 127 53.16 4.27 28.51
C ARG F 127 54.03 5.54 28.60
N ASN F 128 54.99 5.50 29.52
CA ASN F 128 55.90 6.63 29.74
C ASN F 128 57.22 6.54 28.98
N ASN F 129 57.43 5.44 28.26
CA ASN F 129 58.65 5.25 27.49
C ASN F 129 58.68 6.15 26.25
N ALA F 130 57.69 7.04 26.16
CA ALA F 130 57.56 7.98 25.04
C ALA F 130 56.50 9.00 25.43
N LYS F 131 56.58 10.20 24.86
CA LYS F 131 55.60 11.23 25.19
C LYS F 131 54.67 11.56 24.02
N GLU F 132 53.49 12.06 24.34
CA GLU F 132 52.50 12.44 23.34
C GLU F 132 52.82 13.83 22.81
N ILE F 133 53.25 13.90 21.55
CA ILE F 133 53.61 15.18 20.92
C ILE F 133 52.41 15.87 20.32
N GLY F 134 51.33 15.12 20.12
CA GLY F 134 50.13 15.66 19.52
C GLY F 134 50.05 15.17 18.09
N ASN F 135 48.94 15.46 17.42
CA ASN F 135 48.78 15.02 16.04
C ASN F 135 48.90 13.50 15.95
N GLY F 136 48.68 12.84 17.08
CA GLY F 136 48.76 11.39 17.12
C GLY F 136 50.18 10.85 16.99
N CYS F 137 51.17 11.70 17.27
CA CYS F 137 52.56 11.27 17.16
C CYS F 137 53.20 10.98 18.52
N PHE F 138 54.00 9.93 18.57
CA PHE F 138 54.67 9.51 19.79
C PHE F 138 56.19 9.57 19.68
N GLU F 139 56.78 10.59 20.31
CA GLU F 139 58.23 10.76 20.32
C GLU F 139 58.81 9.85 21.41
N PHE F 140 59.73 8.98 21.01
CA PHE F 140 60.34 8.05 21.95
C PHE F 140 61.44 8.66 22.82
N TYR F 141 61.58 8.13 24.03
CA TYR F 141 62.61 8.57 24.96
C TYR F 141 63.82 7.69 24.70
N HIS F 142 63.57 6.39 24.55
CA HIS F 142 64.63 5.44 24.27
C HIS F 142 64.61 5.15 22.78
N LYS F 143 65.78 5.25 22.15
CA LYS F 143 65.87 5.00 20.72
C LYS F 143 65.18 3.69 20.37
N CYS F 144 64.33 3.75 19.34
CA CYS F 144 63.54 2.61 18.89
C CYS F 144 63.80 2.37 17.40
N ASP F 145 64.50 1.27 17.10
CA ASP F 145 64.83 0.92 15.72
C ASP F 145 63.65 0.24 15.05
N ASP F 146 63.80 -0.08 13.76
CA ASP F 146 62.74 -0.72 12.99
C ASP F 146 62.24 -2.00 13.67
N ALA F 147 63.16 -2.79 14.22
CA ALA F 147 62.79 -4.02 14.90
C ALA F 147 61.84 -3.68 16.04
N CYS F 148 62.14 -2.56 16.70
CA CYS F 148 61.33 -2.07 17.82
C CYS F 148 59.98 -1.55 17.33
N MET F 149 60.00 -0.67 16.34
CA MET F 149 58.77 -0.11 15.78
C MET F 149 57.79 -1.24 15.46
N GLU F 150 58.29 -2.23 14.74
CA GLU F 150 57.48 -3.38 14.35
C GLU F 150 56.73 -3.97 15.55
N SER F 151 57.42 -4.08 16.69
CA SER F 151 56.80 -4.63 17.88
C SER F 151 55.62 -3.79 18.37
N VAL F 152 55.69 -2.48 18.14
CA VAL F 152 54.61 -1.59 18.55
C VAL F 152 53.38 -1.86 17.71
N ARG F 153 53.60 -2.10 16.43
CA ARG F 153 52.52 -2.37 15.48
C ARG F 153 51.75 -3.64 15.82
N ASN F 154 52.45 -4.77 15.94
CA ASN F 154 51.77 -6.02 16.24
C ASN F 154 51.42 -6.18 17.71
N GLY F 155 51.47 -5.06 18.45
CA GLY F 155 51.13 -5.07 19.86
C GLY F 155 51.96 -5.96 20.79
N THR F 156 53.20 -6.23 20.40
CA THR F 156 54.07 -7.04 21.23
C THR F 156 55.30 -6.23 21.64
N TYR F 157 55.08 -4.94 21.83
CA TYR F 157 56.14 -4.02 22.25
C TYR F 157 56.59 -4.40 23.66
N ASP F 158 56.14 -5.58 24.10
CA ASP F 158 56.46 -6.09 25.43
C ASP F 158 57.87 -5.71 25.91
N TYR F 159 57.96 -4.52 26.48
CA TYR F 159 59.21 -3.97 27.00
C TYR F 159 58.80 -3.05 28.15
N PRO F 160 59.28 -3.33 29.37
CA PRO F 160 58.93 -2.50 30.53
C PRO F 160 58.79 -1.02 30.18
#